data_9EU3
#
_entry.id   9EU3
#
_cell.length_a   146.871
_cell.length_b   146.871
_cell.length_c   196.703
_cell.angle_alpha   90.000
_cell.angle_beta   90.000
_cell.angle_gamma   120.000
#
_symmetry.space_group_name_H-M   'P 32 2 1'
#
loop_
_entity.id
_entity.type
_entity.pdbx_description
1 polymer Alpha-L-fucosidase
2 non-polymer beta-L-fucopyranose
3 non-polymer 'ZINC ION'
4 non-polymer 'CHLORIDE ION'
5 water water
#
_entity_poly.entity_id   1
_entity_poly.type   'polypeptide(L)'
_entity_poly.pdbx_seq_one_letter_code
;MPAQPGYTPSADNLKARETFQDDKFGIFIHWGIYSMLADGEWVMHNKNLNWEEYAKLASGFYPAKFNAAEWVAAIKASGA
KYITITSRHHDGFSMYATQQSDYNIVDATPFKRDVIHELADECRKQGIRLHLYYSHLDWRRDDYYPLGRTGKGTGRTTQG
KWEDYCAFMNNQLTELLTNYGLIGAIWFDGMWDKDIYPDGMTAKTWNLNEQYTLIHRLQPACLIGNNHHITPFAGEDIQI
FERDLPGENKAGLSGQDISRLPLETCETMNGMWGYKITDQDYKSTKILIQYLVKAAGKNANLLMNVGPQPNGELPTVAVQ
RLREMGEWMKIYAPTIQGTRGGVVTPRDWGVTTQKGKTLYVHVLNLDDKALFLPYAGNKLKSAVEYQSRKSVRFIQDRDG
ILLKFTDKPHSPDYVLELTFANELPLNLEHHHHHH
;
_entity_poly.pdbx_strand_id   A,B,C,D
#
loop_
_chem_comp.id
_chem_comp.type
_chem_comp.name
_chem_comp.formula
CL non-polymer 'CHLORIDE ION' 'Cl -1'
FUL L-saccharide, beta linking beta-L-fucopyranose 'C6 H12 O5'
ZN non-polymer 'ZINC ION' 'Zn 2'
#
# COMPACT_ATOMS: atom_id res chain seq x y z
N GLY A 6 -12.80 22.03 -5.58
CA GLY A 6 -13.47 21.81 -4.30
C GLY A 6 -12.97 20.58 -3.59
N TYR A 7 -13.90 19.77 -3.09
CA TYR A 7 -13.56 18.60 -2.28
C TYR A 7 -13.47 17.36 -3.17
N THR A 8 -12.32 16.72 -3.16
CA THR A 8 -12.09 15.44 -3.81
C THR A 8 -11.64 14.50 -2.71
N PRO A 9 -12.41 13.48 -2.37
CA PRO A 9 -12.06 12.66 -1.19
C PRO A 9 -10.86 11.77 -1.45
N SER A 10 -10.06 11.58 -0.41
CA SER A 10 -8.88 10.74 -0.54
C SER A 10 -9.29 9.30 -0.89
N ALA A 11 -8.29 8.51 -1.28
CA ALA A 11 -8.55 7.11 -1.61
C ALA A 11 -8.86 6.30 -0.36
N ASP A 12 -8.12 6.54 0.73
CA ASP A 12 -8.46 5.90 1.98
C ASP A 12 -9.90 6.20 2.35
N ASN A 13 -10.37 7.42 2.02
CA ASN A 13 -11.75 7.78 2.29
C ASN A 13 -12.71 6.94 1.46
N LEU A 14 -12.37 6.69 0.19
CA LEU A 14 -13.25 5.86 -0.64
C LEU A 14 -13.32 4.43 -0.13
N LYS A 15 -12.17 3.87 0.25
CA LYS A 15 -12.20 2.56 0.89
C LYS A 15 -13.07 2.60 2.15
N ALA A 16 -12.96 3.67 2.94
CA ALA A 16 -13.76 3.76 4.16
C ALA A 16 -15.25 3.79 3.84
N ARG A 17 -15.63 4.50 2.78
CA ARG A 17 -17.03 4.52 2.39
C ARG A 17 -17.50 3.13 2.00
N GLU A 18 -16.70 2.41 1.21
CA GLU A 18 -17.11 1.08 0.77
C GLU A 18 -17.18 0.10 1.93
N THR A 19 -16.23 0.19 2.86
CA THR A 19 -16.28 -0.67 4.04
C THR A 19 -17.52 -0.35 4.89
N PHE A 20 -17.82 0.94 5.05
CA PHE A 20 -19.02 1.35 5.78
C PHE A 20 -20.27 0.75 5.17
N GLN A 21 -20.41 0.85 3.84
CA GLN A 21 -21.58 0.26 3.19
C GLN A 21 -21.58 -1.25 3.31
N ASP A 22 -20.40 -1.89 3.27
CA ASP A 22 -20.35 -3.33 3.50
C ASP A 22 -20.89 -3.68 4.88
N ASP A 23 -20.56 -2.87 5.89
CA ASP A 23 -20.86 -3.23 7.28
C ASP A 23 -22.35 -3.18 7.56
N LYS A 24 -23.01 -2.15 7.02
CA LYS A 24 -24.47 -2.04 7.01
C LYS A 24 -25.18 -1.76 8.33
N PHE A 25 -24.55 -2.04 9.47
CA PHE A 25 -25.29 -2.08 10.72
C PHE A 25 -24.40 -1.59 11.86
N GLY A 26 -24.84 -0.51 12.52
CA GLY A 26 -24.13 0.00 13.67
C GLY A 26 -25.12 0.31 14.79
N ILE A 27 -24.56 0.57 15.97
CA ILE A 27 -25.34 0.87 17.16
C ILE A 27 -25.07 2.31 17.60
N PHE A 28 -26.14 3.08 17.79
CA PHE A 28 -26.09 4.43 18.33
C PHE A 28 -26.10 4.36 19.86
N ILE A 29 -25.34 5.24 20.51
CA ILE A 29 -25.33 5.32 21.96
C ILE A 29 -25.42 6.78 22.38
N HIS A 30 -26.52 7.13 23.04
CA HIS A 30 -26.75 8.45 23.60
C HIS A 30 -26.60 8.34 25.12
N TRP A 31 -25.47 8.83 25.64
CA TRP A 31 -25.16 8.75 27.05
C TRP A 31 -24.65 10.08 27.54
N GLY A 32 -25.14 10.50 28.70
CA GLY A 32 -24.69 11.74 29.29
C GLY A 32 -25.27 11.86 30.68
N ILE A 33 -25.08 13.04 31.28
CA ILE A 33 -25.64 13.23 32.60
C ILE A 33 -27.16 13.34 32.55
N TYR A 34 -27.73 13.63 31.37
CA TYR A 34 -29.18 13.60 31.24
C TYR A 34 -29.72 12.23 31.61
N SER A 35 -28.91 11.18 31.47
N SER A 35 -28.91 11.17 31.48
CA SER A 35 -29.34 9.84 31.86
CA SER A 35 -29.35 9.83 31.86
C SER A 35 -29.80 9.80 33.31
C SER A 35 -29.76 9.77 33.32
N MET A 36 -29.24 10.66 34.16
CA MET A 36 -29.66 10.69 35.56
C MET A 36 -31.11 11.09 35.68
N LEU A 37 -31.54 12.10 34.91
CA LEU A 37 -32.92 12.55 35.00
C LEU A 37 -33.86 11.55 34.33
N ALA A 38 -33.35 10.79 33.39
CA ALA A 38 -34.10 9.69 32.77
C ALA A 38 -35.40 10.19 32.15
N ASP A 39 -35.33 11.36 31.51
CA ASP A 39 -36.46 11.93 30.80
C ASP A 39 -36.06 12.36 29.39
N GLY A 40 -35.11 11.65 28.80
CA GLY A 40 -34.63 11.99 27.47
C GLY A 40 -33.49 12.98 27.50
N GLU A 41 -32.75 13.01 26.40
CA GLU A 41 -31.56 13.85 26.31
C GLU A 41 -31.88 15.33 26.13
N TRP A 42 -33.12 15.69 25.83
CA TRP A 42 -33.50 17.08 25.62
C TRP A 42 -34.02 17.75 26.89
N VAL A 43 -33.89 17.12 28.06
CA VAL A 43 -34.61 17.60 29.23
C VAL A 43 -34.15 19.00 29.62
N MET A 44 -32.88 19.34 29.39
CA MET A 44 -32.39 20.67 29.76
C MET A 44 -33.17 21.77 29.03
N HIS A 45 -33.47 21.57 27.76
CA HIS A 45 -34.27 22.56 27.04
C HIS A 45 -35.77 22.38 27.30
N ASN A 46 -36.25 21.14 27.31
CA ASN A 46 -37.68 20.91 27.39
C ASN A 46 -38.27 21.48 28.68
N LYS A 47 -37.58 21.28 29.81
CA LYS A 47 -38.05 21.77 31.10
C LYS A 47 -37.40 23.08 31.49
N ASN A 48 -36.67 23.72 30.57
CA ASN A 48 -36.07 25.03 30.79
C ASN A 48 -35.23 25.08 32.07
N LEU A 49 -34.26 24.16 32.16
CA LEU A 49 -33.45 24.05 33.36
C LEU A 49 -32.27 25.04 33.32
N ASN A 50 -32.05 25.72 34.45
CA ASN A 50 -30.91 26.63 34.56
C ASN A 50 -29.60 25.87 34.40
N TRP A 51 -28.69 26.43 33.61
CA TRP A 51 -27.46 25.72 33.27
C TRP A 51 -26.63 25.41 34.52
N GLU A 52 -26.62 26.31 35.50
CA GLU A 52 -25.85 26.06 36.73
C GLU A 52 -26.46 24.93 37.54
N GLU A 53 -27.78 24.95 37.71
CA GLU A 53 -28.44 23.90 38.49
C GLU A 53 -28.30 22.55 37.80
N TYR A 54 -28.47 22.51 36.48
CA TYR A 54 -28.26 21.28 35.72
C TYR A 54 -26.84 20.78 35.88
N ALA A 55 -25.86 21.67 35.78
CA ALA A 55 -24.46 21.27 35.91
C ALA A 55 -24.17 20.72 37.30
N LYS A 56 -24.92 21.14 38.32
CA LYS A 56 -24.70 20.56 39.65
C LYS A 56 -24.89 19.05 39.66
N LEU A 57 -25.55 18.49 38.64
CA LEU A 57 -25.75 17.04 38.61
C LEU A 57 -24.45 16.27 38.34
N ALA A 58 -23.47 16.90 37.70
CA ALA A 58 -22.26 16.18 37.33
C ALA A 58 -21.52 15.63 38.55
N SER A 59 -21.53 16.38 39.66
CA SER A 59 -20.80 15.94 40.84
C SER A 59 -21.48 14.78 41.56
N GLY A 60 -22.57 14.26 41.01
CA GLY A 60 -23.23 13.07 41.54
C GLY A 60 -23.35 11.98 40.50
N PHE A 61 -22.68 12.15 39.36
CA PHE A 61 -22.70 11.17 38.28
C PHE A 61 -21.68 10.07 38.56
N TYR A 62 -22.15 8.83 38.71
CA TYR A 62 -21.26 7.71 39.04
C TYR A 62 -21.81 6.43 38.45
N PRO A 63 -21.66 6.21 37.14
CA PRO A 63 -22.12 4.97 36.52
C PRO A 63 -21.25 3.79 36.93
N ALA A 64 -21.47 3.29 38.15
CA ALA A 64 -20.55 2.33 38.75
C ALA A 64 -20.50 1.01 37.98
N LYS A 65 -21.59 0.62 37.33
CA LYS A 65 -21.65 -0.65 36.64
C LYS A 65 -21.21 -0.56 35.18
N PHE A 66 -20.70 0.60 34.75
CA PHE A 66 -20.22 0.73 33.39
C PHE A 66 -19.07 -0.23 33.14
N ASN A 67 -19.08 -0.86 31.96
CA ASN A 67 -18.03 -1.81 31.60
C ASN A 67 -17.90 -1.79 30.07
N ALA A 68 -16.88 -1.08 29.57
CA ALA A 68 -16.74 -0.93 28.13
C ALA A 68 -16.69 -2.29 27.44
N ALA A 69 -16.02 -3.26 28.06
CA ALA A 69 -15.89 -4.58 27.44
C ALA A 69 -17.25 -5.25 27.30
N GLU A 70 -18.05 -5.24 28.37
CA GLU A 70 -19.39 -5.82 28.26
C GLU A 70 -20.23 -5.13 27.19
N TRP A 71 -20.18 -3.79 27.15
CA TRP A 71 -20.95 -3.05 26.15
C TRP A 71 -20.57 -3.51 24.74
N VAL A 72 -19.27 -3.42 24.43
CA VAL A 72 -18.83 -3.72 23.08
C VAL A 72 -19.12 -5.17 22.73
N ALA A 73 -19.00 -6.07 23.71
CA ALA A 73 -19.31 -7.47 23.44
C ALA A 73 -20.79 -7.64 23.11
N ALA A 74 -21.68 -7.02 23.89
CA ALA A 74 -23.11 -7.16 23.63
C ALA A 74 -23.48 -6.57 22.28
N ILE A 75 -22.77 -5.52 21.84
CA ILE A 75 -23.07 -4.94 20.54
C ILE A 75 -22.50 -5.80 19.42
N LYS A 76 -21.26 -6.26 19.56
CA LYS A 76 -20.68 -7.16 18.57
C LYS A 76 -21.53 -8.40 18.37
N ALA A 77 -22.14 -8.91 19.45
CA ALA A 77 -22.93 -10.12 19.35
C ALA A 77 -24.15 -9.95 18.45
N SER A 78 -24.54 -8.73 18.13
CA SER A 78 -25.72 -8.47 17.32
C SER A 78 -25.44 -8.53 15.83
N GLY A 79 -24.17 -8.64 15.43
CA GLY A 79 -23.77 -8.46 14.07
C GLY A 79 -23.34 -7.05 13.72
N ALA A 80 -23.66 -6.08 14.55
CA ALA A 80 -23.23 -4.71 14.28
C ALA A 80 -21.71 -4.65 14.19
N LYS A 81 -21.23 -3.76 13.33
CA LYS A 81 -19.80 -3.63 13.07
C LYS A 81 -19.21 -2.33 13.58
N TYR A 82 -20.04 -1.38 14.02
CA TYR A 82 -19.51 -0.12 14.52
C TYR A 82 -20.46 0.48 15.54
N ILE A 83 -19.93 1.40 16.32
CA ILE A 83 -20.65 2.08 17.38
C ILE A 83 -20.49 3.58 17.18
N THR A 84 -21.59 4.32 17.20
CA THR A 84 -21.57 5.78 17.15
C THR A 84 -22.01 6.30 18.51
N ILE A 85 -21.13 6.99 19.22
CA ILE A 85 -21.43 7.41 20.58
C ILE A 85 -21.35 8.92 20.72
N THR A 86 -22.20 9.46 21.59
CA THR A 86 -22.23 10.90 21.83
C THR A 86 -20.99 11.36 22.60
N SER A 87 -20.09 12.10 21.94
CA SER A 87 -18.98 12.71 22.66
C SER A 87 -19.40 13.98 23.39
N ARG A 88 -20.40 14.69 22.85
CA ARG A 88 -20.94 15.89 23.47
C ARG A 88 -22.27 16.21 22.83
N HIS A 89 -23.35 16.27 23.62
CA HIS A 89 -24.67 16.52 23.10
C HIS A 89 -25.07 17.98 23.32
N HIS A 90 -26.37 18.28 23.15
CA HIS A 90 -26.80 19.68 23.15
C HIS A 90 -26.52 20.35 24.49
N ASP A 91 -26.47 19.60 25.58
CA ASP A 91 -26.30 20.20 26.91
C ASP A 91 -24.87 20.67 27.17
N GLY A 92 -23.95 20.46 26.24
CA GLY A 92 -22.62 20.99 26.34
C GLY A 92 -21.65 20.18 27.16
N PHE A 93 -22.09 19.07 27.74
CA PHE A 93 -21.24 18.25 28.60
C PHE A 93 -20.40 17.30 27.78
N SER A 94 -19.09 17.30 28.02
CA SER A 94 -18.17 16.48 27.26
C SER A 94 -17.92 15.15 27.98
N MET A 95 -18.11 14.05 27.27
CA MET A 95 -17.93 12.71 27.82
C MET A 95 -16.52 12.18 27.59
N TYR A 96 -15.54 13.06 27.43
CA TYR A 96 -14.15 12.66 27.26
C TYR A 96 -13.29 13.70 27.95
N ALA A 97 -11.98 13.43 28.02
CA ALA A 97 -11.05 14.27 28.77
C ALA A 97 -10.56 15.44 27.91
N THR A 98 -11.45 16.42 27.73
CA THR A 98 -11.13 17.62 26.99
C THR A 98 -10.38 18.63 27.85
N GLN A 99 -9.59 19.48 27.20
CA GLN A 99 -8.92 20.59 27.85
C GLN A 99 -9.54 21.94 27.51
N GLN A 100 -10.62 21.94 26.72
CA GLN A 100 -11.32 23.17 26.35
C GLN A 100 -12.39 23.54 27.35
N SER A 101 -12.67 22.65 28.31
CA SER A 101 -13.69 22.87 29.33
C SER A 101 -13.48 21.86 30.45
N ASP A 102 -13.63 22.34 31.69
CA ASP A 102 -13.62 21.47 32.86
C ASP A 102 -14.96 20.80 33.09
N TYR A 103 -15.96 21.12 32.26
CA TYR A 103 -17.28 20.51 32.31
C TYR A 103 -17.25 19.20 31.52
N ASN A 104 -16.68 18.18 32.15
CA ASN A 104 -16.46 16.90 31.47
C ASN A 104 -16.42 15.78 32.48
N ILE A 105 -16.53 14.55 31.97
CA ILE A 105 -16.71 13.37 32.80
C ILE A 105 -15.55 13.16 33.76
N VAL A 106 -14.35 13.58 33.38
CA VAL A 106 -13.18 13.30 34.21
C VAL A 106 -13.07 14.31 35.33
N ASP A 107 -13.22 15.59 35.01
CA ASP A 107 -12.93 16.66 35.96
C ASP A 107 -14.13 17.02 36.82
N ALA A 108 -15.35 16.85 36.31
CA ALA A 108 -16.54 17.36 36.97
C ALA A 108 -17.36 16.30 37.69
N THR A 109 -16.98 15.04 37.64
CA THR A 109 -17.74 13.98 38.29
C THR A 109 -16.84 13.16 39.20
N PRO A 110 -17.43 12.47 40.19
CA PRO A 110 -16.64 11.53 40.99
C PRO A 110 -16.25 10.27 40.23
N PHE A 111 -16.79 10.07 39.02
CA PHE A 111 -16.42 8.89 38.24
C PHE A 111 -14.97 9.00 37.74
N LYS A 112 -14.56 10.18 37.30
CA LYS A 112 -13.17 10.49 37.02
C LYS A 112 -12.56 9.61 35.93
N ARG A 113 -13.37 9.02 35.07
CA ARG A 113 -12.87 8.11 34.03
C ARG A 113 -13.35 8.59 32.68
N ASP A 114 -12.47 8.50 31.69
CA ASP A 114 -12.75 8.93 30.32
C ASP A 114 -13.38 7.75 29.59
N VAL A 115 -14.71 7.74 29.53
CA VAL A 115 -15.40 6.55 29.02
C VAL A 115 -15.19 6.39 27.51
N ILE A 116 -15.00 7.49 26.79
CA ILE A 116 -14.76 7.39 25.35
C ILE A 116 -13.45 6.67 25.10
N HIS A 117 -12.42 6.94 25.91
CA HIS A 117 -11.14 6.26 25.75
C HIS A 117 -11.27 4.76 26.04
N GLU A 118 -11.97 4.41 27.13
CA GLU A 118 -12.16 2.99 27.44
C GLU A 118 -12.90 2.29 26.31
N LEU A 119 -13.91 2.95 25.75
CA LEU A 119 -14.69 2.35 24.68
C LEU A 119 -13.85 2.21 23.41
N ALA A 120 -13.00 3.20 23.12
CA ALA A 120 -12.12 3.08 21.97
C ALA A 120 -11.15 1.92 22.14
N ASP A 121 -10.59 1.76 23.33
CA ASP A 121 -9.70 0.63 23.59
C ASP A 121 -10.41 -0.69 23.32
N GLU A 122 -11.62 -0.84 23.85
CA GLU A 122 -12.33 -2.10 23.68
C GLU A 122 -12.78 -2.32 22.24
N CYS A 123 -13.14 -1.24 21.52
CA CYS A 123 -13.53 -1.36 20.13
C CYS A 123 -12.35 -1.83 19.27
N ARG A 124 -11.19 -1.16 19.39
CA ARG A 124 -9.94 -1.67 18.83
C ARG A 124 -9.81 -3.17 19.11
N LYS A 125 -9.82 -3.54 20.40
CA LYS A 125 -9.55 -4.92 20.79
C LYS A 125 -10.52 -5.90 20.14
N GLN A 126 -11.78 -5.52 19.98
CA GLN A 126 -12.83 -6.45 19.59
C GLN A 126 -13.22 -6.38 18.12
N GLY A 127 -12.57 -5.53 17.33
CA GLY A 127 -12.88 -5.46 15.92
C GLY A 127 -14.11 -4.66 15.57
N ILE A 128 -14.42 -3.64 16.36
CA ILE A 128 -15.58 -2.79 16.14
C ILE A 128 -15.05 -1.39 15.84
N ARG A 129 -15.63 -0.74 14.83
CA ARG A 129 -15.20 0.60 14.45
C ARG A 129 -15.95 1.62 15.32
N LEU A 130 -15.31 2.77 15.54
CA LEU A 130 -15.81 3.78 16.47
C LEU A 130 -16.10 5.08 15.74
N HIS A 131 -17.34 5.56 15.87
CA HIS A 131 -17.84 6.81 15.31
C HIS A 131 -18.23 7.73 16.46
N LEU A 132 -18.02 9.04 16.28
CA LEU A 132 -18.23 10.00 17.33
C LEU A 132 -19.28 11.03 16.91
N TYR A 133 -20.34 11.14 17.70
CA TYR A 133 -21.35 12.19 17.56
C TYR A 133 -20.87 13.44 18.25
N TYR A 134 -21.03 14.59 17.59
CA TYR A 134 -20.60 15.87 18.15
C TYR A 134 -21.63 16.94 17.82
N SER A 135 -22.07 17.68 18.83
CA SER A 135 -23.18 18.60 18.68
C SER A 135 -22.69 20.00 18.33
N HIS A 136 -23.11 20.50 17.15
CA HIS A 136 -22.94 21.90 16.81
C HIS A 136 -23.69 22.81 17.77
N LEU A 137 -24.82 22.35 18.31
CA LEU A 137 -25.66 23.12 19.20
C LEU A 137 -25.15 22.97 20.63
N ASP A 138 -25.23 24.07 21.39
CA ASP A 138 -24.80 24.08 22.78
C ASP A 138 -25.75 24.95 23.56
N TRP A 139 -26.38 24.39 24.59
CA TRP A 139 -27.35 25.13 25.38
C TRP A 139 -26.74 25.80 26.62
N ARG A 140 -25.47 25.54 26.92
CA ARG A 140 -24.82 26.06 28.11
C ARG A 140 -23.85 27.20 27.81
N ARG A 141 -23.08 27.11 26.73
CA ARG A 141 -22.03 28.08 26.50
C ARG A 141 -22.63 29.41 26.08
N ASP A 142 -22.09 30.51 26.62
CA ASP A 142 -22.59 31.84 26.31
C ASP A 142 -21.98 32.41 25.03
N ASP A 143 -20.97 31.77 24.46
CA ASP A 143 -20.44 32.19 23.17
C ASP A 143 -21.16 31.50 22.01
N TYR A 144 -22.18 30.69 22.31
CA TYR A 144 -23.16 30.27 21.32
C TYR A 144 -24.16 31.42 21.17
N TYR A 145 -23.73 32.46 20.47
CA TYR A 145 -24.49 33.70 20.34
C TYR A 145 -24.38 34.22 18.91
N PRO A 146 -25.49 34.70 18.32
CA PRO A 146 -26.84 34.73 18.89
C PRO A 146 -27.49 33.34 19.00
N LEU A 147 -28.52 33.19 19.82
CA LEU A 147 -29.19 31.91 19.99
C LEU A 147 -30.04 31.56 18.76
N GLY A 148 -30.33 30.27 18.62
CA GLY A 148 -31.25 29.80 17.61
C GLY A 148 -32.66 29.72 18.17
N ARG A 149 -33.43 28.70 17.78
CA ARG A 149 -34.78 28.55 18.31
C ARG A 149 -34.77 27.96 19.73
N THR A 150 -33.92 26.97 19.99
CA THR A 150 -33.92 26.27 21.26
C THR A 150 -32.96 26.94 22.23
N GLY A 151 -33.14 26.63 23.52
CA GLY A 151 -32.19 27.03 24.55
C GLY A 151 -32.39 28.40 25.15
N LYS A 152 -33.44 29.12 24.77
CA LYS A 152 -33.66 30.44 25.34
C LYS A 152 -34.09 30.40 26.79
N GLY A 153 -34.35 29.23 27.36
CA GLY A 153 -34.86 29.15 28.71
C GLY A 153 -33.91 28.54 29.71
N THR A 154 -32.64 28.40 29.34
CA THR A 154 -31.64 27.81 30.23
C THR A 154 -30.89 28.83 31.08
N GLY A 155 -31.38 30.07 31.15
CA GLY A 155 -30.87 31.00 32.15
C GLY A 155 -29.53 31.63 31.85
N ARG A 156 -29.06 31.55 30.61
CA ARG A 156 -27.84 32.26 30.23
C ARG A 156 -28.09 33.76 30.25
N THR A 157 -27.15 34.51 30.83
CA THR A 157 -27.28 35.96 30.94
C THR A 157 -26.00 36.67 30.52
N THR A 158 -25.17 36.04 29.69
CA THR A 158 -23.97 36.66 29.17
C THR A 158 -23.82 36.25 27.70
N GLN A 159 -23.05 37.05 26.97
CA GLN A 159 -22.85 36.83 25.54
C GLN A 159 -21.35 36.73 25.27
N GLY A 160 -20.98 35.75 24.44
CA GLY A 160 -19.63 35.62 23.93
C GLY A 160 -19.59 35.84 22.43
N LYS A 161 -18.39 35.71 21.88
CA LYS A 161 -18.20 35.82 20.44
C LYS A 161 -18.42 34.46 19.79
N TRP A 162 -19.05 34.47 18.62
CA TRP A 162 -19.21 33.22 17.85
C TRP A 162 -17.87 32.66 17.42
N GLU A 163 -16.89 33.54 17.17
CA GLU A 163 -15.56 33.09 16.81
C GLU A 163 -14.97 32.22 17.91
N ASP A 164 -15.21 32.58 19.18
CA ASP A 164 -14.65 31.80 20.27
C ASP A 164 -15.30 30.42 20.32
N TYR A 165 -16.59 30.33 20.02
CA TYR A 165 -17.26 29.04 20.01
C TYR A 165 -16.77 28.17 18.87
N CYS A 166 -16.52 28.76 17.70
CA CYS A 166 -15.95 27.98 16.60
C CYS A 166 -14.54 27.48 16.93
N ALA A 167 -13.73 28.32 17.60
CA ALA A 167 -12.43 27.84 18.05
C ALA A 167 -12.58 26.67 19.02
N PHE A 168 -13.54 26.79 19.94
CA PHE A 168 -13.80 25.71 20.91
C PHE A 168 -14.14 24.41 20.19
N MET A 169 -15.05 24.48 19.21
CA MET A 169 -15.38 23.28 18.45
C MET A 169 -14.17 22.72 17.73
N ASN A 170 -13.38 23.58 17.08
CA ASN A 170 -12.20 23.10 16.35
C ASN A 170 -11.25 22.37 17.28
N ASN A 171 -10.99 22.93 18.47
CA ASN A 171 -10.05 22.30 19.37
C ASN A 171 -10.59 20.99 19.93
N GLN A 172 -11.90 20.93 20.21
CA GLN A 172 -12.46 19.67 20.70
C GLN A 172 -12.40 18.59 19.62
N LEU A 173 -12.71 18.96 18.38
CA LEU A 173 -12.57 18.02 17.27
C LEU A 173 -11.14 17.54 17.13
N THR A 174 -10.18 18.46 17.24
CA THR A 174 -8.77 18.08 17.19
C THR A 174 -8.45 17.05 18.26
N GLU A 175 -8.90 17.30 19.50
CA GLU A 175 -8.64 16.36 20.57
C GLU A 175 -9.21 14.98 20.23
N LEU A 176 -10.46 14.95 19.77
CA LEU A 176 -11.11 13.66 19.53
C LEU A 176 -10.41 12.87 18.43
N LEU A 177 -9.82 13.57 17.46
CA LEU A 177 -9.15 12.92 16.35
C LEU A 177 -7.67 12.69 16.63
N THR A 178 -7.23 12.93 17.86
CA THR A 178 -5.82 12.82 18.22
C THR A 178 -5.57 11.81 19.34
N ASN A 179 -6.49 11.66 20.28
CA ASN A 179 -6.21 10.91 21.50
C ASN A 179 -6.98 9.60 21.58
N TYR A 180 -7.59 9.15 20.50
CA TYR A 180 -8.48 8.00 20.58
C TYR A 180 -8.31 7.05 19.41
N GLY A 181 -7.13 7.00 18.83
CA GLY A 181 -6.93 6.06 17.75
C GLY A 181 -7.72 6.42 16.51
N LEU A 182 -7.89 5.43 15.65
CA LEU A 182 -8.59 5.67 14.40
C LEU A 182 -10.06 5.89 14.70
N ILE A 183 -10.68 6.84 14.02
CA ILE A 183 -12.07 7.21 14.26
C ILE A 183 -12.81 7.04 12.94
N GLY A 184 -13.82 6.19 12.95
CA GLY A 184 -14.51 5.88 11.71
C GLY A 184 -15.28 7.05 11.12
N ALA A 185 -15.82 7.92 11.98
CA ALA A 185 -16.65 8.98 11.46
C ALA A 185 -16.91 10.03 12.51
N ILE A 186 -17.16 11.24 12.04
CA ILE A 186 -17.68 12.34 12.83
C ILE A 186 -19.11 12.61 12.38
N TRP A 187 -20.02 12.66 13.34
CA TRP A 187 -21.47 12.68 13.12
C TRP A 187 -21.94 14.00 13.72
N PHE A 188 -21.95 15.06 12.91
CA PHE A 188 -22.39 16.36 13.38
C PHE A 188 -23.90 16.37 13.50
N ASP A 189 -24.40 17.14 14.45
CA ASP A 189 -25.84 17.28 14.60
C ASP A 189 -26.11 18.63 15.26
N GLY A 190 -27.18 19.29 14.83
CA GLY A 190 -27.70 20.45 15.54
C GLY A 190 -27.75 21.75 14.77
N MET A 191 -27.19 21.84 13.55
CA MET A 191 -27.22 23.14 12.87
C MET A 191 -28.62 23.54 12.46
N TRP A 192 -29.55 22.58 12.37
CA TRP A 192 -30.96 22.90 12.15
C TRP A 192 -31.50 23.85 13.21
N ASP A 193 -30.74 24.11 14.27
CA ASP A 193 -31.20 25.03 15.31
C ASP A 193 -31.31 26.45 14.79
N LYS A 194 -30.42 26.87 13.89
CA LYS A 194 -30.42 28.24 13.41
C LYS A 194 -31.15 28.42 12.10
N ASP A 195 -31.95 27.43 11.70
CA ASP A 195 -32.76 27.58 10.50
C ASP A 195 -33.86 28.61 10.64
N ILE A 196 -33.95 29.32 11.77
CA ILE A 196 -34.90 30.42 11.86
C ILE A 196 -34.31 31.70 11.25
N TYR A 197 -32.82 31.91 11.33
CA TYR A 197 -32.22 33.11 10.74
C TYR A 197 -32.02 32.86 9.26
N PRO A 198 -32.00 33.94 8.47
CA PRO A 198 -31.89 33.78 7.01
C PRO A 198 -30.63 33.03 6.56
N ASP A 199 -29.48 33.30 7.17
CA ASP A 199 -28.23 32.63 6.84
C ASP A 199 -27.92 31.50 7.81
N GLY A 200 -28.94 30.82 8.33
CA GLY A 200 -28.75 29.91 9.44
C GLY A 200 -28.29 28.53 9.06
N MET A 201 -28.44 28.14 7.79
CA MET A 201 -28.01 26.83 7.33
C MET A 201 -26.91 26.93 6.28
N THR A 202 -26.10 27.99 6.34
CA THR A 202 -25.00 28.13 5.39
C THR A 202 -23.71 27.55 5.98
N ALA A 203 -22.82 27.09 5.09
CA ALA A 203 -21.55 26.56 5.54
C ALA A 203 -20.71 27.62 6.26
N LYS A 204 -20.82 28.89 5.87
CA LYS A 204 -19.98 29.89 6.53
C LYS A 204 -20.44 30.23 7.95
N THR A 205 -21.74 30.29 8.23
CA THR A 205 -22.13 30.55 9.61
C THR A 205 -21.65 29.45 10.54
N TRP A 206 -21.70 28.20 10.09
CA TRP A 206 -21.34 27.06 10.92
C TRP A 206 -19.88 26.66 10.74
N ASN A 207 -19.12 27.43 9.95
CA ASN A 207 -17.69 27.22 9.82
C ASN A 207 -17.40 25.83 9.27
N LEU A 208 -18.30 25.33 8.42
CA LEU A 208 -18.24 23.92 8.03
C LEU A 208 -16.98 23.61 7.24
N ASN A 209 -16.57 24.48 6.31
CA ASN A 209 -15.42 24.15 5.49
C ASN A 209 -14.17 24.01 6.34
N GLU A 210 -13.94 24.97 7.25
CA GLU A 210 -12.79 24.89 8.14
C GLU A 210 -12.82 23.60 8.93
N GLN A 211 -13.98 23.26 9.49
CA GLN A 211 -14.08 22.08 10.34
C GLN A 211 -13.84 20.81 9.54
N TYR A 212 -14.51 20.67 8.39
CA TYR A 212 -14.37 19.45 7.59
C TYR A 212 -12.93 19.29 7.12
N THR A 213 -12.31 20.39 6.68
CA THR A 213 -10.92 20.32 6.24
C THR A 213 -10.01 19.91 7.39
N LEU A 214 -10.27 20.42 8.59
CA LEU A 214 -9.48 20.02 9.76
C LEU A 214 -9.63 18.54 10.03
N ILE A 215 -10.87 18.04 10.00
CA ILE A 215 -11.12 16.63 10.23
C ILE A 215 -10.31 15.80 9.24
N HIS A 216 -10.45 16.10 7.95
CA HIS A 216 -9.82 15.26 6.95
C HIS A 216 -8.31 15.42 6.92
N ARG A 217 -7.78 16.56 7.36
CA ARG A 217 -6.34 16.68 7.52
C ARG A 217 -5.84 15.79 8.65
N LEU A 218 -6.59 15.70 9.75
CA LEU A 218 -6.14 14.86 10.85
C LEU A 218 -6.32 13.37 10.53
N GLN A 219 -7.45 12.99 9.94
CA GLN A 219 -7.73 11.59 9.61
C GLN A 219 -8.45 11.53 8.27
N PRO A 220 -7.69 11.42 7.17
CA PRO A 220 -8.33 11.51 5.84
C PRO A 220 -9.37 10.44 5.58
N ALA A 221 -9.22 9.24 6.16
CA ALA A 221 -10.20 8.18 5.98
C ALA A 221 -11.42 8.35 6.86
N CYS A 222 -11.44 9.33 7.76
CA CYS A 222 -12.59 9.56 8.61
C CYS A 222 -13.73 10.10 7.76
N LEU A 223 -14.90 9.48 7.88
CA LEU A 223 -16.09 9.93 7.15
C LEU A 223 -16.79 11.01 7.96
N ILE A 224 -17.42 11.94 7.25
CA ILE A 224 -18.14 13.04 7.87
C ILE A 224 -19.60 12.96 7.47
N GLY A 225 -20.48 12.98 8.47
CA GLY A 225 -21.90 13.13 8.22
C GLY A 225 -22.43 14.28 9.05
N ASN A 226 -23.52 14.87 8.58
CA ASN A 226 -24.12 16.02 9.26
C ASN A 226 -25.63 15.87 9.18
N ASN A 227 -26.27 15.74 10.35
CA ASN A 227 -27.71 15.52 10.42
C ASN A 227 -28.47 16.85 10.29
N HIS A 228 -28.33 17.46 9.11
CA HIS A 228 -29.00 18.72 8.81
C HIS A 228 -30.31 18.56 8.06
N HIS A 229 -30.64 17.34 7.65
CA HIS A 229 -31.89 17.01 6.96
C HIS A 229 -32.02 17.68 5.59
N ILE A 230 -30.91 18.15 5.02
CA ILE A 230 -30.94 18.78 3.71
C ILE A 230 -29.88 18.15 2.82
N THR A 231 -29.61 18.79 1.67
CA THR A 231 -28.66 18.24 0.71
C THR A 231 -27.24 18.35 1.26
N PRO A 232 -26.46 17.28 1.22
CA PRO A 232 -25.15 17.32 1.91
C PRO A 232 -24.25 18.43 1.38
N PHE A 233 -23.46 19.00 2.30
CA PHE A 233 -22.48 20.02 1.94
C PHE A 233 -21.23 19.35 1.41
N ALA A 234 -20.49 20.09 0.58
CA ALA A 234 -19.22 19.59 0.08
C ALA A 234 -18.29 19.29 1.25
N GLY A 235 -17.76 18.06 1.29
CA GLY A 235 -16.95 17.60 2.39
C GLY A 235 -17.58 16.48 3.20
N GLU A 236 -18.90 16.38 3.19
CA GLU A 236 -19.56 15.28 3.87
C GLU A 236 -19.33 14.01 3.08
N ASP A 237 -19.12 12.91 3.80
CA ASP A 237 -18.87 11.61 3.19
C ASP A 237 -20.04 10.65 3.35
N ILE A 238 -21.04 10.98 4.16
CA ILE A 238 -22.24 10.15 4.28
C ILE A 238 -23.44 11.07 4.46
N GLN A 239 -24.60 10.54 4.09
CA GLN A 239 -25.88 11.24 4.23
C GLN A 239 -26.76 10.53 5.24
N ILE A 240 -27.38 11.30 6.12
CA ILE A 240 -28.13 10.79 7.25
C ILE A 240 -29.62 11.04 7.03
N PHE A 241 -30.42 10.03 7.35
CA PHE A 241 -31.88 10.16 7.42
C PHE A 241 -32.32 9.81 8.84
N GLU A 242 -32.98 10.74 9.51
CA GLU A 242 -33.36 10.58 10.90
C GLU A 242 -34.74 9.93 10.97
N ARG A 243 -34.79 8.70 11.49
CA ARG A 243 -36.04 8.00 11.77
C ARG A 243 -36.85 7.73 10.49
N ASP A 244 -36.17 7.54 9.36
CA ASP A 244 -36.86 7.20 8.13
C ASP A 244 -35.87 6.62 7.14
N LEU A 245 -36.36 5.70 6.31
CA LEU A 245 -35.55 5.17 5.24
C LEU A 245 -35.39 6.23 4.13
N PRO A 246 -34.28 6.22 3.42
CA PRO A 246 -34.13 7.18 2.32
C PRO A 246 -35.32 7.13 1.39
N GLY A 247 -35.87 8.32 1.09
CA GLY A 247 -37.04 8.43 0.24
C GLY A 247 -38.36 8.35 0.96
N GLU A 248 -38.37 8.07 2.25
CA GLU A 248 -39.56 8.10 3.10
C GLU A 248 -39.49 9.27 4.07
N ASN A 249 -40.65 9.65 4.59
CA ASN A 249 -40.76 10.78 5.50
C ASN A 249 -41.94 10.60 6.44
N LYS A 250 -42.15 9.36 6.90
CA LYS A 250 -43.22 9.09 7.85
C LYS A 250 -43.03 9.79 9.19
N ALA A 251 -41.79 10.13 9.54
CA ALA A 251 -41.53 10.82 10.81
C ALA A 251 -41.47 12.33 10.66
N GLY A 252 -41.48 12.84 9.43
CA GLY A 252 -41.51 14.27 9.18
C GLY A 252 -40.19 14.98 9.31
N LEU A 253 -39.09 14.28 9.56
CA LEU A 253 -37.79 14.90 9.72
C LEU A 253 -36.91 14.76 8.49
N SER A 254 -37.48 14.37 7.35
CA SER A 254 -36.70 14.12 6.15
C SER A 254 -37.28 14.85 4.94
N GLY A 255 -37.47 14.13 3.84
CA GLY A 255 -37.95 14.69 2.61
C GLY A 255 -36.89 15.20 1.66
N GLN A 256 -35.62 15.18 2.06
CA GLN A 256 -34.55 15.65 1.20
C GLN A 256 -34.19 14.58 0.16
N ASP A 257 -33.76 15.05 -1.01
CA ASP A 257 -33.39 14.16 -2.09
C ASP A 257 -32.26 13.22 -1.68
N ILE A 258 -32.30 12.01 -2.20
CA ILE A 258 -31.26 11.02 -1.96
C ILE A 258 -30.03 11.39 -2.77
N SER A 259 -28.95 11.71 -2.08
CA SER A 259 -27.68 12.03 -2.73
C SER A 259 -26.96 10.75 -3.14
N ARG A 260 -25.76 10.93 -3.72
CA ARG A 260 -24.92 9.81 -4.14
C ARG A 260 -23.91 9.39 -3.08
N LEU A 261 -23.99 9.93 -1.87
CA LEU A 261 -23.10 9.49 -0.80
C LEU A 261 -23.64 8.22 -0.13
N PRO A 262 -22.80 7.50 0.60
CA PRO A 262 -23.31 6.37 1.40
C PRO A 262 -24.38 6.85 2.37
N LEU A 263 -25.44 6.05 2.51
CA LEU A 263 -26.64 6.44 3.24
C LEU A 263 -26.73 5.71 4.57
N GLU A 264 -27.21 6.41 5.60
CA GLU A 264 -27.44 5.80 6.91
C GLU A 264 -28.73 6.35 7.51
N THR A 265 -29.64 5.44 7.86
CA THR A 265 -30.86 5.78 8.59
C THR A 265 -30.63 5.52 10.07
N CYS A 266 -30.95 6.50 10.91
CA CYS A 266 -30.84 6.31 12.35
C CYS A 266 -32.22 6.18 12.98
N GLU A 267 -32.31 5.33 14.00
CA GLU A 267 -33.59 5.02 14.65
C GLU A 267 -33.35 4.61 16.10
N THR A 268 -34.40 4.74 16.91
CA THR A 268 -34.36 4.34 18.31
C THR A 268 -34.99 2.96 18.51
N MET A 269 -34.48 2.21 19.49
CA MET A 269 -35.02 0.89 19.76
C MET A 269 -36.31 0.95 20.57
N ASN A 270 -36.36 1.80 21.60
CA ASN A 270 -37.65 2.25 22.14
C ASN A 270 -37.96 3.51 21.36
N GLY A 271 -38.52 4.53 22.01
CA GLY A 271 -38.89 5.75 21.32
C GLY A 271 -37.98 6.94 21.50
N MET A 272 -36.95 6.84 22.35
CA MET A 272 -36.13 7.99 22.70
C MET A 272 -34.66 7.62 22.62
N TRP A 273 -33.85 8.62 22.31
CA TRP A 273 -32.41 8.40 22.17
C TRP A 273 -31.75 8.23 23.54
N GLY A 274 -31.89 9.22 24.41
CA GLY A 274 -31.40 9.08 25.76
C GLY A 274 -32.28 8.18 26.60
N TYR A 275 -31.70 7.69 27.70
CA TYR A 275 -32.46 6.83 28.61
C TYR A 275 -33.70 7.55 29.11
N LYS A 276 -34.84 6.89 29.01
CA LYS A 276 -36.13 7.43 29.46
C LYS A 276 -36.83 6.36 30.28
N ILE A 277 -36.88 6.57 31.60
CA ILE A 277 -37.38 5.54 32.49
C ILE A 277 -38.85 5.23 32.26
N THR A 278 -39.63 6.17 31.73
CA THR A 278 -41.04 5.91 31.43
C THR A 278 -41.24 5.26 30.07
N ASP A 279 -40.20 5.13 29.25
CA ASP A 279 -40.32 4.55 27.91
C ASP A 279 -39.63 3.19 27.91
N GLN A 280 -40.40 2.14 28.12
CA GLN A 280 -39.88 0.77 28.09
C GLN A 280 -40.46 -0.04 26.93
N ASP A 281 -40.95 0.61 25.89
CA ASP A 281 -41.57 -0.08 24.75
C ASP A 281 -40.51 -0.29 23.67
N TYR A 282 -39.74 -1.36 23.83
CA TYR A 282 -38.69 -1.68 22.88
C TYR A 282 -39.26 -2.46 21.71
N LYS A 283 -38.96 -2.02 20.50
CA LYS A 283 -39.43 -2.71 19.31
C LYS A 283 -39.07 -4.18 19.37
N SER A 284 -39.96 -5.02 18.83
CA SER A 284 -39.73 -6.45 18.85
C SER A 284 -38.53 -6.83 18.00
N THR A 285 -37.97 -8.02 18.27
CA THR A 285 -36.88 -8.52 17.45
C THR A 285 -37.30 -8.62 15.99
N LYS A 286 -38.54 -9.05 15.73
CA LYS A 286 -39.01 -9.16 14.36
C LYS A 286 -38.94 -7.80 13.68
N ILE A 287 -39.47 -6.77 14.35
CA ILE A 287 -39.47 -5.43 13.77
C ILE A 287 -38.05 -4.96 13.50
N LEU A 288 -37.12 -5.22 14.42
CA LEU A 288 -35.77 -4.70 14.26
C LEU A 288 -35.04 -5.39 13.11
N ILE A 289 -35.16 -6.71 13.04
CA ILE A 289 -34.58 -7.43 11.90
C ILE A 289 -35.13 -6.87 10.59
N GLN A 290 -36.45 -6.70 10.52
CA GLN A 290 -37.04 -6.18 9.29
C GLN A 290 -36.62 -4.74 9.00
N TYR A 291 -36.37 -3.96 10.05
CA TYR A 291 -35.90 -2.59 9.85
C TYR A 291 -34.52 -2.59 9.21
N LEU A 292 -33.64 -3.47 9.70
CA LEU A 292 -32.32 -3.60 9.09
C LEU A 292 -32.42 -4.07 7.66
N VAL A 293 -33.28 -5.06 7.39
CA VAL A 293 -33.40 -5.60 6.04
C VAL A 293 -33.93 -4.53 5.08
N LYS A 294 -34.95 -3.78 5.52
CA LYS A 294 -35.47 -2.72 4.68
C LYS A 294 -34.43 -1.64 4.43
N ALA A 295 -33.65 -1.29 5.45
CA ALA A 295 -32.58 -0.33 5.24
C ALA A 295 -31.62 -0.83 4.17
N ALA A 296 -31.19 -2.09 4.30
CA ALA A 296 -30.25 -2.65 3.34
C ALA A 296 -30.84 -2.66 1.93
N GLY A 297 -32.14 -2.95 1.82
CA GLY A 297 -32.78 -3.00 0.52
C GLY A 297 -32.88 -1.65 -0.17
N LYS A 298 -32.83 -0.56 0.58
CA LYS A 298 -32.77 0.78 0.02
C LYS A 298 -31.34 1.31 -0.05
N ASN A 299 -30.35 0.43 0.06
CA ASN A 299 -28.94 0.80 -0.05
C ASN A 299 -28.52 1.73 1.09
N ALA A 300 -28.97 1.42 2.30
CA ALA A 300 -28.68 2.25 3.46
C ALA A 300 -28.25 1.39 4.64
N ASN A 301 -27.39 1.96 5.47
CA ASN A 301 -27.06 1.40 6.77
C ASN A 301 -28.16 1.72 7.77
N LEU A 302 -28.21 0.93 8.84
CA LEU A 302 -29.12 1.18 9.96
C LEU A 302 -28.29 1.45 11.20
N LEU A 303 -28.49 2.61 11.80
CA LEU A 303 -27.85 2.98 13.07
C LEU A 303 -28.93 2.95 14.13
N MET A 304 -28.95 1.87 14.91
CA MET A 304 -30.01 1.62 15.89
C MET A 304 -29.50 2.00 17.28
N ASN A 305 -30.33 2.70 18.03
CA ASN A 305 -29.92 3.37 19.25
C ASN A 305 -30.34 2.61 20.50
N VAL A 306 -29.49 2.71 21.53
CA VAL A 306 -29.85 2.39 22.90
C VAL A 306 -29.34 3.52 23.79
N GLY A 307 -30.09 3.80 24.85
CA GLY A 307 -29.71 4.80 25.82
C GLY A 307 -29.29 4.20 27.15
N PRO A 308 -28.00 4.27 27.48
CA PRO A 308 -27.52 3.63 28.71
C PRO A 308 -28.13 4.26 29.94
N GLN A 309 -28.28 3.43 30.98
CA GLN A 309 -28.85 3.84 32.26
C GLN A 309 -27.85 4.64 33.06
N PRO A 310 -28.30 5.38 34.08
CA PRO A 310 -27.37 6.20 34.88
C PRO A 310 -26.44 5.38 35.77
N ASN A 311 -26.68 4.09 35.94
CA ASN A 311 -25.75 3.22 36.64
C ASN A 311 -24.68 2.64 35.73
N GLY A 312 -24.74 2.92 34.43
CA GLY A 312 -23.73 2.48 33.49
C GLY A 312 -24.09 1.25 32.68
N GLU A 313 -25.19 0.58 33.00
CA GLU A 313 -25.58 -0.60 32.24
C GLU A 313 -26.39 -0.21 31.00
N LEU A 314 -26.22 -1.00 29.93
CA LEU A 314 -27.17 -0.95 28.83
C LEU A 314 -28.48 -1.60 29.28
N PRO A 315 -29.63 -1.08 28.85
CA PRO A 315 -30.91 -1.70 29.23
C PRO A 315 -30.93 -3.19 28.89
N THR A 316 -31.38 -4.01 29.85
CA THR A 316 -31.32 -5.45 29.65
C THR A 316 -32.12 -5.89 28.43
N VAL A 317 -33.30 -5.29 28.23
CA VAL A 317 -34.12 -5.68 27.09
C VAL A 317 -33.39 -5.37 25.79
N ALA A 318 -32.65 -4.27 25.74
CA ALA A 318 -31.90 -3.95 24.53
C ALA A 318 -30.82 -4.99 24.27
N VAL A 319 -30.18 -5.47 25.33
CA VAL A 319 -29.17 -6.51 25.15
C VAL A 319 -29.82 -7.79 24.65
N GLN A 320 -31.02 -8.11 25.16
CA GLN A 320 -31.73 -9.28 24.67
C GLN A 320 -32.02 -9.15 23.17
N ARG A 321 -32.55 -7.99 22.77
CA ARG A 321 -32.85 -7.77 21.36
C ARG A 321 -31.60 -7.87 20.50
N LEU A 322 -30.48 -7.37 21.00
CA LEU A 322 -29.26 -7.43 20.21
C LEU A 322 -28.79 -8.87 20.05
N ARG A 323 -28.94 -9.67 21.11
CA ARG A 323 -28.57 -11.09 21.04
C ARG A 323 -29.47 -11.85 20.06
N GLU A 324 -30.76 -11.53 20.04
CA GLU A 324 -31.65 -12.25 19.13
C GLU A 324 -31.44 -11.82 17.68
N MET A 325 -31.20 -10.52 17.46
CA MET A 325 -30.80 -10.06 16.15
C MET A 325 -29.52 -10.76 15.70
N GLY A 326 -28.59 -10.98 16.64
CA GLY A 326 -27.37 -11.68 16.30
C GLY A 326 -27.60 -13.13 15.94
N GLU A 327 -28.53 -13.80 16.65
CA GLU A 327 -28.88 -15.16 16.26
C GLU A 327 -29.37 -15.20 14.82
N TRP A 328 -30.15 -14.18 14.41
CA TRP A 328 -30.62 -14.12 13.03
C TRP A 328 -29.46 -13.82 12.07
N MET A 329 -28.60 -12.87 12.44
CA MET A 329 -27.47 -12.49 11.60
C MET A 329 -26.56 -13.68 11.38
N LYS A 330 -26.44 -14.56 12.38
CA LYS A 330 -25.57 -15.74 12.26
C LYS A 330 -25.91 -16.54 11.00
N ILE A 331 -27.18 -16.55 10.63
CA ILE A 331 -27.64 -17.28 9.45
C ILE A 331 -27.64 -16.40 8.22
N TYR A 332 -28.07 -15.14 8.36
CA TYR A 332 -28.46 -14.36 7.19
C TYR A 332 -27.55 -13.19 6.88
N ALA A 333 -26.47 -12.97 7.63
CA ALA A 333 -25.65 -11.78 7.39
C ALA A 333 -25.13 -11.72 5.96
N PRO A 334 -24.75 -12.82 5.31
CA PRO A 334 -24.25 -12.71 3.94
C PRO A 334 -25.26 -12.13 2.96
N THR A 335 -26.54 -12.14 3.30
CA THR A 335 -27.57 -11.58 2.45
C THR A 335 -27.81 -10.09 2.71
N ILE A 336 -27.05 -9.46 3.59
N ILE A 336 -27.06 -9.49 3.62
CA ILE A 336 -27.16 -8.02 3.75
CA ILE A 336 -27.22 -8.09 4.02
C ILE A 336 -25.78 -7.38 3.91
C ILE A 336 -25.86 -7.41 3.98
N GLN A 337 -24.93 -7.94 4.76
CA GLN A 337 -23.59 -7.39 4.87
C GLN A 337 -22.81 -7.72 3.60
N GLY A 338 -22.04 -6.75 3.12
CA GLY A 338 -21.32 -6.89 1.89
C GLY A 338 -22.15 -6.74 0.65
N THR A 339 -23.42 -6.35 0.78
CA THR A 339 -24.32 -6.18 -0.36
C THR A 339 -24.62 -4.70 -0.58
N ARG A 340 -25.38 -4.43 -1.62
CA ARG A 340 -25.88 -3.09 -1.92
C ARG A 340 -27.37 -3.17 -2.26
N GLY A 341 -28.01 -2.01 -2.34
CA GLY A 341 -29.40 -1.94 -2.71
C GLY A 341 -29.72 -2.73 -3.97
N GLY A 342 -30.81 -3.48 -3.97
CA GLY A 342 -31.09 -4.38 -5.07
C GLY A 342 -31.71 -3.68 -6.27
N VAL A 343 -31.55 -4.33 -7.43
CA VAL A 343 -32.01 -3.74 -8.69
C VAL A 343 -33.52 -3.59 -8.67
N VAL A 344 -34.22 -4.46 -7.98
CA VAL A 344 -35.64 -4.27 -7.68
C VAL A 344 -35.73 -3.45 -6.41
N THR A 345 -36.26 -2.23 -6.52
CA THR A 345 -36.34 -1.33 -5.37
C THR A 345 -37.48 -1.76 -4.45
N PRO A 346 -37.51 -1.23 -3.22
CA PRO A 346 -38.41 -1.77 -2.20
C PRO A 346 -39.86 -1.75 -2.64
N ARG A 347 -40.58 -2.82 -2.26
CA ARG A 347 -41.99 -3.01 -2.55
C ARG A 347 -42.72 -3.32 -1.24
N ASP A 348 -44.05 -3.41 -1.32
CA ASP A 348 -44.82 -3.73 -0.13
C ASP A 348 -44.50 -5.13 0.41
N TRP A 349 -44.11 -6.05 -0.47
CA TRP A 349 -43.84 -7.42 -0.05
C TRP A 349 -42.46 -7.60 0.56
N GLY A 350 -41.54 -6.69 0.30
CA GLY A 350 -40.18 -6.85 0.78
C GLY A 350 -39.22 -6.04 -0.06
N VAL A 351 -37.97 -6.50 -0.08
CA VAL A 351 -36.88 -5.78 -0.74
C VAL A 351 -35.93 -6.77 -1.39
N THR A 352 -34.92 -6.23 -2.07
CA THR A 352 -33.85 -7.05 -2.62
C THR A 352 -32.51 -6.38 -2.34
N THR A 353 -31.49 -7.20 -2.11
CA THR A 353 -30.10 -6.77 -2.03
C THR A 353 -29.31 -7.52 -3.10
N GLN A 354 -28.10 -7.09 -3.35
CA GLN A 354 -27.35 -7.70 -4.44
C GLN A 354 -25.85 -7.67 -4.15
N LYS A 355 -25.16 -8.62 -4.76
CA LYS A 355 -23.72 -8.80 -4.58
C LYS A 355 -23.20 -9.55 -5.79
N GLY A 356 -22.41 -8.89 -6.61
CA GLY A 356 -21.91 -9.53 -7.82
C GLY A 356 -23.05 -9.92 -8.73
N LYS A 357 -23.15 -11.22 -9.03
CA LYS A 357 -24.21 -11.76 -9.87
C LYS A 357 -25.38 -12.30 -9.06
N THR A 358 -25.43 -12.02 -7.76
CA THR A 358 -26.39 -12.63 -6.85
C THR A 358 -27.41 -11.59 -6.40
N LEU A 359 -28.69 -11.96 -6.46
CA LEU A 359 -29.78 -11.12 -5.96
C LEU A 359 -30.47 -11.86 -4.83
N TYR A 360 -30.46 -11.27 -3.64
CA TYR A 360 -31.19 -11.80 -2.50
C TYR A 360 -32.57 -11.12 -2.47
N VAL A 361 -33.63 -11.94 -2.50
CA VAL A 361 -35.00 -11.48 -2.43
C VAL A 361 -35.48 -11.70 -1.01
N HIS A 362 -35.69 -10.62 -0.27
CA HIS A 362 -36.13 -10.66 1.12
C HIS A 362 -37.63 -10.42 1.13
N VAL A 363 -38.39 -11.50 1.33
CA VAL A 363 -39.85 -11.45 1.39
C VAL A 363 -40.24 -11.25 2.85
N LEU A 364 -40.75 -10.06 3.15
CA LEU A 364 -41.06 -9.67 4.52
C LEU A 364 -42.55 -9.68 4.82
N ASN A 365 -43.40 -9.65 3.80
CA ASN A 365 -44.80 -9.39 4.00
C ASN A 365 -45.59 -9.88 2.80
N LEU A 366 -45.79 -11.19 2.72
CA LEU A 366 -46.48 -11.78 1.59
C LEU A 366 -47.15 -13.05 2.07
N ASP A 367 -48.45 -13.15 1.80
CA ASP A 367 -49.20 -14.37 1.99
C ASP A 367 -49.53 -15.01 0.66
N ASP A 368 -49.15 -14.49 -0.46
CA ASP A 368 -49.46 -15.37 -1.59
C ASP A 368 -48.32 -16.36 -1.84
N LYS A 369 -48.57 -17.37 -2.68
CA LYS A 369 -47.51 -18.30 -3.03
C LYS A 369 -46.76 -17.94 -4.33
N ALA A 370 -46.86 -16.69 -4.81
CA ALA A 370 -46.09 -16.28 -5.98
C ALA A 370 -45.65 -14.83 -5.86
N LEU A 371 -44.61 -14.47 -6.61
CA LEU A 371 -44.01 -13.14 -6.51
C LEU A 371 -43.45 -12.72 -7.86
N PHE A 372 -43.90 -11.58 -8.34
CA PHE A 372 -43.38 -11.00 -9.58
C PHE A 372 -42.25 -10.04 -9.25
N LEU A 373 -41.15 -10.18 -9.99
CA LEU A 373 -39.99 -9.33 -9.87
C LEU A 373 -39.83 -8.57 -11.18
N PRO A 374 -39.92 -7.23 -11.18
CA PRO A 374 -39.74 -6.45 -12.42
C PRO A 374 -38.26 -6.23 -12.75
N TYR A 375 -37.67 -7.24 -13.37
CA TYR A 375 -36.28 -7.18 -13.80
C TYR A 375 -36.14 -8.03 -15.06
N ALA A 376 -35.51 -7.46 -16.09
CA ALA A 376 -35.34 -8.14 -17.35
C ALA A 376 -33.99 -7.77 -17.94
N GLY A 377 -33.53 -8.59 -18.88
CA GLY A 377 -32.27 -8.36 -19.57
C GLY A 377 -31.09 -9.12 -19.02
N ASN A 378 -31.30 -9.98 -18.03
CA ASN A 378 -30.22 -10.77 -17.44
C ASN A 378 -30.75 -12.16 -17.18
N LYS A 379 -30.21 -13.14 -17.90
CA LYS A 379 -30.66 -14.52 -17.76
C LYS A 379 -30.57 -14.95 -16.31
N LEU A 380 -31.72 -15.31 -15.73
CA LEU A 380 -31.75 -15.91 -14.40
C LEU A 380 -31.32 -17.37 -14.54
N LYS A 381 -30.26 -17.75 -13.84
CA LYS A 381 -29.74 -19.10 -14.02
C LYS A 381 -30.15 -20.05 -12.92
N SER A 382 -30.52 -19.54 -11.74
CA SER A 382 -31.02 -20.45 -10.72
C SER A 382 -31.67 -19.64 -9.60
N ALA A 383 -32.53 -20.32 -8.86
CA ALA A 383 -33.20 -19.72 -7.70
C ALA A 383 -33.37 -20.79 -6.63
N VAL A 384 -32.95 -20.48 -5.41
CA VAL A 384 -33.08 -21.40 -4.29
C VAL A 384 -33.51 -20.63 -3.04
N GLU A 385 -33.97 -21.38 -2.04
CA GLU A 385 -34.18 -20.81 -0.72
C GLU A 385 -32.82 -20.68 -0.05
N TYR A 386 -32.56 -19.50 0.54
CA TYR A 386 -31.21 -19.26 1.05
C TYR A 386 -30.82 -20.27 2.12
N GLN A 387 -31.73 -20.57 3.03
CA GLN A 387 -31.40 -21.42 4.17
C GLN A 387 -31.36 -22.88 3.74
N SER A 388 -32.47 -23.38 3.22
CA SER A 388 -32.58 -24.80 2.87
C SER A 388 -31.83 -25.15 1.59
N ARG A 389 -31.64 -24.18 0.70
CA ARG A 389 -31.07 -24.44 -0.61
C ARG A 389 -32.08 -25.17 -1.50
N LYS A 390 -33.33 -25.33 -1.08
CA LYS A 390 -34.27 -26.02 -1.96
C LYS A 390 -34.47 -25.12 -3.19
N SER A 391 -34.75 -25.70 -4.35
CA SER A 391 -34.92 -24.88 -5.56
C SER A 391 -36.32 -24.27 -5.60
N VAL A 392 -36.41 -23.09 -6.21
CA VAL A 392 -37.66 -22.35 -6.34
C VAL A 392 -38.05 -22.30 -7.81
N ARG A 393 -39.28 -22.74 -8.11
CA ARG A 393 -39.75 -22.65 -9.48
C ARG A 393 -39.83 -21.21 -9.93
N PHE A 394 -39.42 -20.95 -11.17
CA PHE A 394 -39.49 -19.61 -11.72
C PHE A 394 -39.77 -19.66 -13.21
N ILE A 395 -40.35 -18.57 -13.71
CA ILE A 395 -40.60 -18.35 -15.12
C ILE A 395 -40.03 -16.98 -15.47
N GLN A 396 -39.21 -16.91 -16.51
CA GLN A 396 -38.57 -15.66 -16.89
C GLN A 396 -38.92 -15.29 -18.32
N ASP A 397 -39.34 -14.05 -18.53
CA ASP A 397 -39.59 -13.56 -19.87
C ASP A 397 -39.19 -12.10 -19.93
N ARG A 398 -39.37 -11.52 -21.13
CA ARG A 398 -38.94 -10.14 -21.37
C ARG A 398 -39.63 -9.15 -20.45
N ASP A 399 -40.74 -9.53 -19.82
CA ASP A 399 -41.44 -8.63 -18.92
C ASP A 399 -41.00 -8.75 -17.47
N GLY A 400 -40.27 -9.80 -17.11
CA GLY A 400 -39.79 -9.94 -15.76
C GLY A 400 -39.78 -11.40 -15.34
N ILE A 401 -39.71 -11.63 -14.03
CA ILE A 401 -39.58 -12.96 -13.46
C ILE A 401 -40.76 -13.23 -12.53
N LEU A 402 -41.23 -14.47 -12.54
CA LEU A 402 -42.28 -14.93 -11.62
C LEU A 402 -41.74 -16.11 -10.83
N LEU A 403 -41.56 -15.92 -9.52
CA LEU A 403 -41.20 -16.99 -8.61
C LEU A 403 -42.45 -17.60 -8.00
N LYS A 404 -42.42 -18.93 -7.82
CA LYS A 404 -43.52 -19.67 -7.22
C LYS A 404 -43.00 -20.50 -6.06
N PHE A 405 -43.70 -20.44 -4.92
CA PHE A 405 -43.24 -21.05 -3.68
C PHE A 405 -44.09 -22.25 -3.33
N THR A 406 -43.47 -23.27 -2.72
CA THR A 406 -44.22 -24.46 -2.36
C THR A 406 -45.15 -24.25 -1.16
N ASP A 407 -44.68 -23.49 -0.14
CA ASP A 407 -45.40 -23.06 1.05
C ASP A 407 -45.39 -21.53 0.91
N LYS A 408 -46.24 -20.84 1.68
CA LYS A 408 -46.28 -19.41 1.53
C LYS A 408 -45.89 -18.66 2.80
N PRO A 409 -45.17 -17.53 2.66
CA PRO A 409 -43.85 -17.44 3.37
C PRO A 409 -43.76 -17.27 4.90
N HIS A 410 -42.63 -17.73 5.47
CA HIS A 410 -42.42 -17.62 6.92
C HIS A 410 -41.82 -16.27 7.31
N SER A 411 -41.96 -15.95 8.59
CA SER A 411 -41.41 -14.76 9.20
C SER A 411 -40.09 -15.12 9.84
N PRO A 412 -39.25 -14.14 10.14
CA PRO A 412 -39.42 -12.71 9.84
C PRO A 412 -38.93 -12.35 8.44
N ASP A 413 -38.30 -13.27 7.72
CA ASP A 413 -37.76 -12.96 6.40
C ASP A 413 -37.61 -14.26 5.61
N TYR A 414 -38.39 -14.39 4.53
CA TYR A 414 -38.27 -15.53 3.62
C TYR A 414 -37.31 -15.10 2.51
N VAL A 415 -36.09 -15.63 2.52
CA VAL A 415 -35.03 -15.14 1.66
C VAL A 415 -34.77 -16.15 0.55
N LEU A 416 -34.80 -15.65 -0.69
CA LEU A 416 -34.44 -16.44 -1.87
C LEU A 416 -33.15 -15.91 -2.47
N GLU A 417 -32.28 -16.82 -2.89
CA GLU A 417 -31.03 -16.49 -3.57
C GLU A 417 -31.20 -16.79 -5.06
N LEU A 418 -31.13 -15.74 -5.88
CA LEU A 418 -31.23 -15.84 -7.33
C LEU A 418 -29.87 -15.57 -7.92
N THR A 419 -29.42 -16.45 -8.82
CA THR A 419 -28.13 -16.33 -9.48
C THR A 419 -28.35 -16.08 -10.97
N PHE A 420 -27.72 -15.01 -11.45
CA PHE A 420 -27.86 -14.52 -12.82
C PHE A 420 -26.58 -14.76 -13.60
N ALA A 421 -26.69 -14.67 -14.94
CA ALA A 421 -25.55 -14.96 -15.80
C ALA A 421 -24.55 -13.80 -15.83
N ASN A 422 -25.04 -12.58 -15.89
CA ASN A 422 -24.24 -11.37 -15.91
C ASN A 422 -24.39 -10.64 -14.60
N GLU A 423 -23.54 -9.63 -14.40
CA GLU A 423 -23.91 -8.44 -13.66
C GLU A 423 -24.65 -8.61 -12.33
N LEU A 424 -24.67 -7.55 -11.55
CA LEU A 424 -25.94 -6.85 -11.34
C LEU A 424 -25.67 -5.36 -11.30
N PRO A 425 -26.54 -4.55 -11.85
CA PRO A 425 -26.24 -3.14 -12.04
C PRO A 425 -26.53 -2.24 -10.84
N LEU A 426 -26.08 -0.99 -11.00
CA LEU A 426 -26.01 0.04 -9.99
C LEU A 426 -26.58 1.31 -10.58
N ASN A 427 -27.64 1.83 -9.95
CA ASN A 427 -28.37 2.93 -10.54
C ASN A 427 -28.04 4.25 -9.86
N GLY B 6 -4.80 -4.14 29.30
CA GLY B 6 -4.22 -5.29 28.64
C GLY B 6 -2.73 -5.13 28.41
N TYR B 7 -2.27 -5.43 27.20
CA TYR B 7 -0.84 -5.41 26.89
C TYR B 7 -0.49 -4.05 26.31
N THR B 8 0.47 -3.37 26.94
CA THR B 8 1.00 -2.10 26.43
C THR B 8 2.50 -2.30 26.30
N PRO B 9 3.06 -2.28 25.10
CA PRO B 9 4.48 -2.61 24.96
C PRO B 9 5.38 -1.50 25.49
N SER B 10 6.48 -1.93 26.11
CA SER B 10 7.45 -0.99 26.66
C SER B 10 8.09 -0.16 25.54
N ALA B 11 8.84 0.87 25.95
CA ALA B 11 9.52 1.70 24.98
C ALA B 11 10.71 0.97 24.37
N ASP B 12 11.53 0.29 25.19
CA ASP B 12 12.61 -0.52 24.63
C ASP B 12 12.05 -1.56 23.68
N ASN B 13 10.90 -2.16 24.03
CA ASN B 13 10.29 -3.16 23.19
C ASN B 13 9.95 -2.55 21.84
N LEU B 14 9.45 -1.33 21.86
CA LEU B 14 9.15 -0.65 20.62
C LEU B 14 10.42 -0.29 19.83
N LYS B 15 11.46 0.31 20.47
CA LYS B 15 12.46 0.82 19.53
C LYS B 15 13.15 -0.40 18.94
N ALA B 16 13.15 -1.50 19.70
CA ALA B 16 13.60 -2.82 19.20
C ALA B 16 12.71 -3.39 18.06
N ARG B 17 11.39 -3.21 18.11
CA ARG B 17 10.59 -3.63 16.96
C ARG B 17 11.07 -2.90 15.72
N GLU B 18 11.38 -1.61 15.87
CA GLU B 18 11.86 -0.82 14.74
C GLU B 18 13.23 -1.33 14.27
N THR B 19 14.10 -1.72 15.21
CA THR B 19 15.37 -2.31 14.83
C THR B 19 15.17 -3.63 14.08
N PHE B 20 14.24 -4.46 14.56
CA PHE B 20 13.91 -5.71 13.90
C PHE B 20 13.51 -5.48 12.46
N GLN B 21 12.63 -4.50 12.24
CA GLN B 21 12.24 -4.17 10.87
C GLN B 21 13.40 -3.59 10.07
N ASP B 22 14.29 -2.81 10.72
CA ASP B 22 15.47 -2.31 10.03
C ASP B 22 16.36 -3.44 9.52
N ASP B 23 16.52 -4.48 10.33
CA ASP B 23 17.51 -5.53 10.02
C ASP B 23 17.07 -6.36 8.84
N LYS B 24 15.78 -6.69 8.76
CA LYS B 24 15.15 -7.28 7.60
C LYS B 24 15.52 -8.74 7.29
N PHE B 25 16.63 -9.24 7.83
CA PHE B 25 17.17 -10.51 7.34
C PHE B 25 17.81 -11.26 8.49
N GLY B 26 17.29 -12.46 8.78
CA GLY B 26 17.86 -13.33 9.78
C GLY B 26 17.96 -14.75 9.24
N ILE B 27 18.69 -15.58 9.98
CA ILE B 27 18.92 -16.97 9.60
C ILE B 27 18.28 -17.89 10.64
N PHE B 28 17.48 -18.84 10.17
CA PHE B 28 16.87 -19.89 10.99
C PHE B 28 17.83 -21.06 11.13
N ILE B 29 17.87 -21.66 12.32
CA ILE B 29 18.68 -22.84 12.58
C ILE B 29 17.82 -23.86 13.31
N HIS B 30 17.54 -24.98 12.65
CA HIS B 30 16.84 -26.12 13.23
C HIS B 30 17.88 -27.20 13.48
N TRP B 31 18.26 -27.38 14.75
CA TRP B 31 19.28 -28.34 15.11
C TRP B 31 18.83 -29.17 16.31
N GLY B 32 19.05 -30.47 16.21
CA GLY B 32 18.74 -31.37 17.30
C GLY B 32 19.30 -32.74 16.99
N ILE B 33 18.96 -33.71 17.83
CA ILE B 33 19.45 -35.05 17.57
C ILE B 33 18.75 -35.65 16.34
N TYR B 34 17.61 -35.11 15.92
CA TYR B 34 17.02 -35.56 14.66
C TYR B 34 18.01 -35.42 13.51
N SER B 35 18.98 -34.51 13.64
N SER B 35 18.98 -34.51 13.64
CA SER B 35 19.98 -34.35 12.59
CA SER B 35 19.98 -34.35 12.60
C SER B 35 20.74 -35.64 12.34
C SER B 35 20.72 -35.65 12.34
N MET B 36 20.93 -36.48 13.37
CA MET B 36 21.58 -37.76 13.15
C MET B 36 20.79 -38.64 12.19
N LEU B 37 19.45 -38.65 12.34
CA LEU B 37 18.64 -39.50 11.47
C LEU B 37 18.56 -38.92 10.06
N ALA B 38 18.69 -37.60 9.93
CA ALA B 38 18.78 -36.94 8.63
C ALA B 38 17.59 -37.24 7.75
N ASP B 39 16.39 -37.25 8.35
CA ASP B 39 15.15 -37.40 7.61
C ASP B 39 14.15 -36.33 8.03
N GLY B 40 14.66 -35.17 8.41
CA GLY B 40 13.83 -34.06 8.85
C GLY B 40 13.58 -34.09 10.35
N GLU B 41 13.19 -32.92 10.86
CA GLU B 41 12.98 -32.75 12.30
C GLU B 41 11.72 -33.42 12.80
N TRP B 42 10.81 -33.82 11.92
CA TRP B 42 9.56 -34.45 12.32
C TRP B 42 9.65 -35.97 12.40
N VAL B 43 10.85 -36.53 12.31
CA VAL B 43 10.99 -37.98 12.11
C VAL B 43 10.38 -38.75 13.27
N MET B 44 10.45 -38.22 14.50
CA MET B 44 9.91 -38.93 15.64
C MET B 44 8.42 -39.23 15.45
N HIS B 45 7.67 -38.24 14.93
CA HIS B 45 6.25 -38.45 14.69
C HIS B 45 6.00 -39.13 13.35
N ASN B 46 6.73 -38.73 12.31
CA ASN B 46 6.44 -39.25 10.97
C ASN B 46 6.61 -40.76 10.93
N LYS B 47 7.68 -41.28 11.55
CA LYS B 47 7.97 -42.70 11.56
C LYS B 47 7.54 -43.38 12.87
N ASN B 48 6.77 -42.68 13.70
CA ASN B 48 6.18 -43.24 14.92
C ASN B 48 7.24 -43.91 15.79
N LEU B 49 8.28 -43.15 16.11
CA LEU B 49 9.40 -43.68 16.88
C LEU B 49 9.11 -43.66 18.37
N ASN B 50 9.44 -44.76 19.04
CA ASN B 50 9.28 -44.85 20.49
C ASN B 50 10.16 -43.82 21.20
N TRP B 51 9.60 -43.13 22.20
CA TRP B 51 10.32 -42.02 22.84
C TRP B 51 11.59 -42.52 23.54
N GLU B 52 11.55 -43.71 24.13
CA GLU B 52 12.70 -44.25 24.84
C GLU B 52 13.83 -44.58 23.86
N GLU B 53 13.47 -45.25 22.76
CA GLU B 53 14.48 -45.61 21.75
C GLU B 53 15.03 -44.37 21.06
N TYR B 54 14.16 -43.41 20.73
CA TYR B 54 14.62 -42.14 20.14
C TYR B 54 15.60 -41.44 21.08
N ALA B 55 15.27 -41.40 22.37
CA ALA B 55 16.16 -40.78 23.34
C ALA B 55 17.49 -41.52 23.44
N LYS B 56 17.50 -42.81 23.12
CA LYS B 56 18.77 -43.53 23.14
C LYS B 56 19.79 -42.95 22.17
N LEU B 57 19.37 -42.17 21.19
CA LEU B 57 20.32 -41.57 20.24
C LEU B 57 21.17 -40.51 20.89
N ALA B 58 20.72 -39.90 21.99
CA ALA B 58 21.43 -38.80 22.61
C ALA B 58 22.82 -39.22 23.08
N SER B 59 22.96 -40.47 23.54
CA SER B 59 24.27 -40.91 24.03
C SER B 59 25.27 -41.14 22.90
N GLY B 60 24.90 -40.90 21.65
CA GLY B 60 25.82 -41.01 20.54
C GLY B 60 25.92 -39.74 19.70
N PHE B 61 25.33 -38.65 20.20
CA PHE B 61 25.34 -37.36 19.51
C PHE B 61 26.64 -36.64 19.86
N TYR B 62 27.49 -36.42 18.86
CA TYR B 62 28.82 -35.83 19.07
C TYR B 62 29.17 -35.00 17.84
N PRO B 63 28.59 -33.82 17.71
CA PRO B 63 28.94 -32.94 16.57
C PRO B 63 30.33 -32.34 16.73
N ALA B 64 31.37 -33.12 16.45
CA ALA B 64 32.72 -32.70 16.79
C ALA B 64 33.16 -31.46 16.02
N LYS B 65 32.60 -31.23 14.83
CA LYS B 65 33.02 -30.13 13.98
C LYS B 65 32.24 -28.83 14.26
N PHE B 66 31.38 -28.82 15.27
CA PHE B 66 30.66 -27.61 15.63
C PHE B 66 31.64 -26.51 16.04
N ASN B 67 31.38 -25.30 15.56
CA ASN B 67 32.25 -24.15 15.86
C ASN B 67 31.38 -22.90 15.82
N ALA B 68 30.99 -22.42 17.01
CA ALA B 68 30.09 -21.27 17.08
C ALA B 68 30.66 -20.07 16.31
N ALA B 69 31.97 -19.86 16.40
CA ALA B 69 32.56 -18.71 15.71
C ALA B 69 32.41 -18.85 14.20
N GLU B 70 32.74 -20.02 13.67
CA GLU B 70 32.58 -20.24 12.23
C GLU B 70 31.13 -20.03 11.80
N TRP B 71 30.18 -20.58 12.56
CA TRP B 71 28.77 -20.43 12.23
C TRP B 71 28.38 -18.96 12.15
N VAL B 72 28.65 -18.22 13.24
CA VAL B 72 28.20 -16.83 13.31
C VAL B 72 28.87 -16.01 12.22
N ALA B 73 30.14 -16.29 11.92
CA ALA B 73 30.83 -15.56 10.86
C ALA B 73 30.19 -15.86 9.50
N ALA B 74 29.92 -17.13 9.23
CA ALA B 74 29.34 -17.49 7.94
C ALA B 74 27.94 -16.87 7.76
N ILE B 75 27.21 -16.70 8.86
CA ILE B 75 25.89 -16.08 8.75
C ILE B 75 26.02 -14.56 8.60
N LYS B 76 26.85 -13.94 9.43
CA LYS B 76 27.08 -12.50 9.34
C LYS B 76 27.53 -12.10 7.94
N ALA B 77 28.34 -12.96 7.30
CA ALA B 77 28.86 -12.63 5.97
C ALA B 77 27.75 -12.46 4.95
N SER B 78 26.54 -12.94 5.23
CA SER B 78 25.44 -12.86 4.28
C SER B 78 24.70 -11.53 4.36
N GLY B 79 25.00 -10.70 5.35
CA GLY B 79 24.21 -9.53 5.65
C GLY B 79 23.12 -9.74 6.69
N ALA B 80 22.79 -11.00 7.00
CA ALA B 80 21.80 -11.26 8.04
C ALA B 80 22.25 -10.64 9.34
N LYS B 81 21.28 -10.19 10.13
CA LYS B 81 21.56 -9.47 11.37
C LYS B 81 21.19 -10.24 12.62
N TYR B 82 20.49 -11.37 12.50
CA TYR B 82 20.13 -12.14 13.68
C TYR B 82 19.96 -13.60 13.32
N ILE B 83 19.98 -14.44 14.36
CA ILE B 83 19.86 -15.88 14.23
C ILE B 83 18.74 -16.36 15.15
N THR B 84 17.82 -17.15 14.61
CA THR B 84 16.76 -17.79 15.41
C THR B 84 17.05 -19.28 15.47
N ILE B 85 17.32 -19.79 16.67
CA ILE B 85 17.76 -21.18 16.80
C ILE B 85 16.82 -21.97 17.69
N THR B 86 16.66 -23.25 17.36
CA THR B 86 15.78 -24.13 18.13
C THR B 86 16.41 -24.45 19.50
N SER B 87 15.84 -23.90 20.58
CA SER B 87 16.28 -24.31 21.91
C SER B 87 15.66 -25.65 22.31
N ARG B 88 14.47 -25.95 21.81
CA ARG B 88 13.80 -27.21 22.09
C ARG B 88 12.69 -27.36 21.06
N HIS B 89 12.73 -28.43 20.28
CA HIS B 89 11.76 -28.65 19.22
C HIS B 89 10.70 -29.64 19.70
N HIS B 90 9.90 -30.15 18.76
CA HIS B 90 8.75 -30.96 19.14
C HIS B 90 9.17 -32.23 19.88
N ASP B 91 10.38 -32.74 19.63
CA ASP B 91 10.77 -34.00 20.23
C ASP B 91 11.13 -33.88 21.70
N GLY B 92 11.08 -32.68 22.27
CA GLY B 92 11.26 -32.51 23.69
C GLY B 92 12.70 -32.43 24.14
N PHE B 93 13.65 -32.54 23.22
CA PHE B 93 15.06 -32.51 23.58
C PHE B 93 15.53 -31.07 23.68
N SER B 94 16.14 -30.73 24.81
CA SER B 94 16.58 -29.36 25.06
C SER B 94 18.03 -29.20 24.64
N MET B 95 18.30 -28.18 23.82
CA MET B 95 19.63 -27.91 23.31
C MET B 95 20.42 -26.96 24.20
N TYR B 96 20.07 -26.87 25.48
CA TYR B 96 20.78 -26.01 26.42
C TYR B 96 20.79 -26.70 27.78
N ALA B 97 21.51 -26.10 28.72
CA ALA B 97 21.71 -26.68 30.05
C ALA B 97 20.55 -26.32 30.97
N THR B 98 19.43 -27.01 30.76
CA THR B 98 18.25 -26.82 31.59
C THR B 98 18.36 -27.65 32.87
N GLN B 99 17.66 -27.19 33.91
CA GLN B 99 17.52 -27.94 35.15
C GLN B 99 16.14 -28.57 35.30
N GLN B 100 15.28 -28.41 34.31
CA GLN B 100 13.93 -28.97 34.31
C GLN B 100 13.88 -30.36 33.71
N SER B 101 14.97 -30.83 33.12
CA SER B 101 15.03 -32.17 32.54
C SER B 101 16.48 -32.51 32.24
N ASP B 102 16.87 -33.75 32.53
CA ASP B 102 18.20 -34.23 32.18
C ASP B 102 18.30 -34.65 30.71
N TYR B 103 17.20 -34.56 29.96
CA TYR B 103 17.16 -34.86 28.53
C TYR B 103 17.60 -33.61 27.77
N ASN B 104 18.91 -33.40 27.74
CA ASN B 104 19.48 -32.19 27.16
C ASN B 104 20.89 -32.46 26.67
N ILE B 105 21.40 -31.50 25.89
CA ILE B 105 22.68 -31.65 25.19
C ILE B 105 23.84 -31.81 26.16
N VAL B 106 23.74 -31.24 27.37
CA VAL B 106 24.87 -31.29 28.28
C VAL B 106 24.91 -32.61 29.03
N ASP B 107 23.78 -33.04 29.59
CA ASP B 107 23.79 -34.17 30.51
C ASP B 107 23.61 -35.51 29.81
N ALA B 108 22.92 -35.54 28.68
CA ALA B 108 22.52 -36.79 28.04
C ALA B 108 23.36 -37.17 26.84
N THR B 109 24.34 -36.35 26.44
CA THR B 109 25.18 -36.64 25.30
C THR B 109 26.65 -36.61 25.69
N PRO B 110 27.51 -37.29 24.94
CA PRO B 110 28.96 -37.17 25.19
C PRO B 110 29.55 -35.83 24.79
N PHE B 111 28.79 -34.99 24.08
CA PHE B 111 29.29 -33.68 23.69
C PHE B 111 29.44 -32.76 24.89
N LYS B 112 28.47 -32.80 25.82
CA LYS B 112 28.60 -32.20 27.14
C LYS B 112 28.80 -30.69 27.10
N ARG B 113 28.40 -30.05 26.00
CA ARG B 113 28.60 -28.62 25.82
C ARG B 113 27.26 -27.94 25.53
N ASP B 114 27.09 -26.74 26.08
CA ASP B 114 25.86 -25.96 25.89
C ASP B 114 26.04 -25.16 24.61
N VAL B 115 25.50 -25.67 23.51
CA VAL B 115 25.75 -25.01 22.22
C VAL B 115 25.06 -23.66 22.20
N ILE B 116 23.95 -23.51 22.92
CA ILE B 116 23.27 -22.22 22.97
C ILE B 116 24.12 -21.19 23.69
N HIS B 117 24.79 -21.59 24.78
CA HIS B 117 25.66 -20.64 25.47
C HIS B 117 26.81 -20.20 24.55
N GLU B 118 27.42 -21.16 23.85
CA GLU B 118 28.51 -20.83 22.95
C GLU B 118 28.04 -19.88 21.86
N LEU B 119 26.85 -20.13 21.32
CA LEU B 119 26.33 -19.30 20.24
C LEU B 119 25.98 -17.90 20.75
N ALA B 120 25.42 -17.80 21.96
CA ALA B 120 25.13 -16.48 22.52
C ALA B 120 26.42 -15.66 22.70
N ASP B 121 27.48 -16.31 23.20
CA ASP B 121 28.75 -15.61 23.35
C ASP B 121 29.25 -15.08 22.01
N GLU B 122 29.26 -15.94 20.99
CA GLU B 122 29.80 -15.52 19.71
C GLU B 122 28.91 -14.49 19.04
N CYS B 123 27.59 -14.53 19.29
CA CYS B 123 26.72 -13.48 18.78
C CYS B 123 27.04 -12.12 19.40
N ARG B 124 27.24 -12.06 20.73
CA ARG B 124 27.71 -10.86 21.43
C ARG B 124 28.84 -10.14 20.67
N LYS B 125 29.93 -10.88 20.52
CA LYS B 125 31.23 -10.57 19.91
C LYS B 125 31.30 -10.62 18.38
N GLN B 126 30.20 -10.96 17.68
CA GLN B 126 30.13 -10.56 16.28
C GLN B 126 29.05 -9.53 15.99
N GLY B 127 28.28 -9.12 17.00
CA GLY B 127 27.28 -8.08 16.79
C GLY B 127 26.03 -8.58 16.11
N ILE B 128 25.67 -9.83 16.35
CA ILE B 128 24.50 -10.47 15.77
C ILE B 128 23.54 -10.77 16.91
N ARG B 129 22.25 -10.54 16.68
CA ARG B 129 21.24 -10.74 17.70
C ARG B 129 20.75 -12.18 17.70
N LEU B 130 20.29 -12.65 18.86
CA LEU B 130 19.90 -14.04 19.07
C LEU B 130 18.44 -14.15 19.44
N HIS B 131 17.68 -14.93 18.66
CA HIS B 131 16.28 -15.23 18.89
C HIS B 131 16.17 -16.73 19.15
N LEU B 132 15.26 -17.12 20.03
CA LEU B 132 15.15 -18.49 20.49
C LEU B 132 13.80 -19.07 20.12
N TYR B 133 13.82 -20.16 19.36
CA TYR B 133 12.62 -20.92 19.03
C TYR B 133 12.31 -21.88 20.17
N TYR B 134 11.03 -21.95 20.54
CA TYR B 134 10.56 -22.80 21.63
C TYR B 134 9.24 -23.46 21.24
N SER B 135 9.18 -24.78 21.44
CA SER B 135 8.05 -25.58 21.02
C SER B 135 7.02 -25.72 22.14
N HIS B 136 5.82 -25.22 21.90
CA HIS B 136 4.69 -25.56 22.76
C HIS B 136 4.38 -27.04 22.71
N LEU B 137 4.68 -27.70 21.58
CA LEU B 137 4.40 -29.11 21.39
C LEU B 137 5.51 -29.97 21.97
N ASP B 138 5.13 -31.12 22.54
CA ASP B 138 6.08 -32.08 23.11
C ASP B 138 5.59 -33.48 22.80
N TRP B 139 6.43 -34.25 22.10
CA TRP B 139 6.09 -35.62 21.73
C TRP B 139 6.59 -36.65 22.73
N ARG B 140 7.37 -36.23 23.72
CA ARG B 140 8.00 -37.14 24.68
C ARG B 140 7.35 -37.11 26.05
N ARG B 141 6.99 -35.92 26.55
CA ARG B 141 6.56 -35.80 27.93
C ARG B 141 5.15 -36.37 28.13
N ASP B 142 4.97 -37.09 29.25
CA ASP B 142 3.67 -37.68 29.55
C ASP B 142 2.70 -36.69 30.19
N ASP B 143 3.18 -35.52 30.62
CA ASP B 143 2.30 -34.48 31.12
C ASP B 143 1.85 -33.53 30.02
N TYR B 144 2.21 -33.80 28.77
CA TYR B 144 1.55 -33.19 27.61
C TYR B 144 0.28 -33.99 27.38
N TYR B 145 -0.73 -33.71 28.21
CA TYR B 145 -1.96 -34.48 28.26
C TYR B 145 -3.15 -33.54 28.42
N PRO B 146 -4.26 -33.79 27.69
CA PRO B 146 -4.46 -34.87 26.70
C PRO B 146 -3.64 -34.62 25.43
N LEU B 147 -3.38 -35.63 24.61
CA LEU B 147 -2.61 -35.39 23.40
C LEU B 147 -3.43 -34.60 22.39
N GLY B 148 -2.72 -33.96 21.46
CA GLY B 148 -3.37 -33.26 20.37
C GLY B 148 -3.53 -34.09 19.11
N ARG B 149 -3.28 -33.45 17.97
CA ARG B 149 -3.36 -34.12 16.68
C ARG B 149 -2.16 -35.04 16.46
N THR B 150 -0.96 -34.57 16.76
CA THR B 150 0.27 -35.33 16.51
C THR B 150 0.73 -36.07 17.76
N GLY B 151 1.66 -37.01 17.54
CA GLY B 151 2.40 -37.63 18.63
C GLY B 151 1.79 -38.86 19.28
N LYS B 152 0.66 -39.35 18.79
CA LYS B 152 0.05 -40.51 19.40
C LYS B 152 0.82 -41.81 19.16
N GLY B 153 1.87 -41.79 18.34
CA GLY B 153 2.57 -43.01 18.01
C GLY B 153 3.98 -43.12 18.56
N THR B 154 4.32 -42.25 19.51
CA THR B 154 5.64 -42.25 20.12
C THR B 154 5.70 -43.10 21.39
N GLY B 155 4.69 -43.92 21.65
CA GLY B 155 4.78 -44.94 22.66
C GLY B 155 4.62 -44.48 24.09
N ARG B 156 4.10 -43.27 24.33
CA ARG B 156 3.82 -42.86 25.69
C ARG B 156 2.67 -43.69 26.24
N THR B 157 2.83 -44.19 27.46
CA THR B 157 1.84 -45.05 28.10
C THR B 157 1.58 -44.59 29.53
N THR B 158 1.81 -43.31 29.81
CA THR B 158 1.50 -42.70 31.08
C THR B 158 0.91 -41.31 30.81
N GLN B 159 0.16 -40.81 31.78
CA GLN B 159 -0.55 -39.54 31.65
C GLN B 159 -0.11 -38.63 32.78
N GLY B 160 0.23 -37.38 32.44
CA GLY B 160 0.52 -36.34 33.40
C GLY B 160 -0.50 -35.21 33.37
N LYS B 161 -0.27 -34.21 34.25
CA LYS B 161 -1.10 -33.00 34.39
C LYS B 161 -0.61 -31.82 33.54
N TRP B 162 -1.57 -31.00 33.05
CA TRP B 162 -1.29 -29.81 32.24
C TRP B 162 -0.74 -28.67 33.12
N GLU B 163 -1.27 -28.48 34.34
CA GLU B 163 -0.41 -28.27 35.52
C GLU B 163 1.09 -28.38 35.25
N ASP B 164 1.63 -29.59 35.33
CA ASP B 164 3.06 -29.75 35.38
C ASP B 164 3.74 -29.38 34.05
N TYR B 165 3.11 -29.62 32.89
CA TYR B 165 3.74 -29.21 31.63
C TYR B 165 3.79 -27.68 31.48
N CYS B 166 2.73 -26.97 31.89
CA CYS B 166 2.76 -25.51 31.85
C CYS B 166 3.80 -24.95 32.79
N ALA B 167 3.95 -25.55 33.98
CA ALA B 167 5.03 -25.12 34.87
C ALA B 167 6.40 -25.39 34.24
N PHE B 168 6.57 -26.56 33.61
CA PHE B 168 7.83 -26.91 32.96
C PHE B 168 8.19 -25.87 31.90
N MET B 169 7.22 -25.52 31.04
CA MET B 169 7.47 -24.51 30.03
C MET B 169 7.84 -23.18 30.66
N ASN B 170 7.10 -22.76 31.70
CA ASN B 170 7.41 -21.49 32.33
C ASN B 170 8.84 -21.47 32.86
N ASN B 171 9.25 -22.56 33.50
CA ASN B 171 10.59 -22.60 34.10
C ASN B 171 11.67 -22.62 33.03
N GLN B 172 11.44 -23.33 31.92
CA GLN B 172 12.44 -23.34 30.85
C GLN B 172 12.56 -21.97 30.20
N LEU B 173 11.43 -21.28 29.99
CA LEU B 173 11.48 -19.92 29.48
C LEU B 173 12.25 -19.01 30.43
N THR B 174 12.00 -19.15 31.74
CA THR B 174 12.76 -18.40 32.73
C THR B 174 14.25 -18.67 32.62
N GLU B 175 14.63 -19.94 32.52
CA GLU B 175 16.04 -20.31 32.41
C GLU B 175 16.66 -19.64 31.19
N LEU B 176 16.01 -19.74 30.03
CA LEU B 176 16.59 -19.23 28.80
C LEU B 176 16.69 -17.71 28.82
N LEU B 177 15.79 -17.03 29.52
CA LEU B 177 15.78 -15.58 29.56
C LEU B 177 16.64 -15.02 30.69
N THR B 178 17.41 -15.88 31.35
CA THR B 178 18.22 -15.47 32.50
C THR B 178 19.70 -15.71 32.31
N ASN B 179 20.09 -16.74 31.56
CA ASN B 179 21.47 -17.22 31.52
C ASN B 179 22.16 -17.03 30.19
N TYR B 180 21.61 -16.21 29.29
CA TYR B 180 22.16 -16.15 27.95
C TYR B 180 22.22 -14.71 27.43
N GLY B 181 22.36 -13.75 28.33
CA GLY B 181 22.47 -12.38 27.90
C GLY B 181 21.15 -11.91 27.30
N LEU B 182 21.23 -10.82 26.55
CA LEU B 182 20.03 -10.28 25.95
C LEU B 182 19.53 -11.25 24.89
N ILE B 183 18.22 -11.39 24.81
CA ILE B 183 17.56 -12.30 23.88
C ILE B 183 16.62 -11.46 23.03
N GLY B 184 16.84 -11.47 21.72
CA GLY B 184 16.08 -10.59 20.86
C GLY B 184 14.61 -10.95 20.78
N ALA B 185 14.30 -12.24 20.84
CA ALA B 185 12.91 -12.66 20.65
C ALA B 185 12.74 -14.11 21.07
N ILE B 186 11.51 -14.43 21.45
CA ILE B 186 11.06 -15.80 21.66
C ILE B 186 10.07 -16.14 20.56
N TRP B 187 10.28 -17.29 19.91
CA TRP B 187 9.59 -17.71 18.70
C TRP B 187 8.86 -18.99 19.08
N PHE B 188 7.61 -18.85 19.51
CA PHE B 188 6.80 -20.00 19.91
C PHE B 188 6.31 -20.74 18.68
N ASP B 189 6.18 -22.05 18.81
CA ASP B 189 5.65 -22.83 17.71
C ASP B 189 4.97 -24.09 18.25
N GLY B 190 3.84 -24.46 17.64
CA GLY B 190 3.23 -25.75 17.87
C GLY B 190 1.83 -25.75 18.46
N MET B 191 1.24 -24.63 18.89
CA MET B 191 -0.08 -24.72 19.49
C MET B 191 -1.13 -25.13 18.48
N TRP B 192 -0.85 -24.97 17.18
CA TRP B 192 -1.73 -25.50 16.15
C TRP B 192 -1.96 -27.00 16.31
N ASP B 193 -1.21 -27.65 17.20
CA ASP B 193 -1.39 -29.08 17.39
C ASP B 193 -2.76 -29.39 17.95
N LYS B 194 -3.27 -28.54 18.84
CA LYS B 194 -4.54 -28.82 19.49
C LYS B 194 -5.71 -28.13 18.83
N ASP B 195 -5.55 -27.64 17.60
CA ASP B 195 -6.67 -27.00 16.92
C ASP B 195 -7.78 -27.97 16.55
N ILE B 196 -7.66 -29.25 16.92
CA ILE B 196 -8.76 -30.19 16.71
C ILE B 196 -9.80 -30.07 17.84
N TYR B 197 -9.37 -29.68 19.03
CA TYR B 197 -10.23 -29.55 20.20
C TYR B 197 -10.96 -28.21 20.20
N PRO B 198 -12.13 -28.14 20.83
CA PRO B 198 -12.90 -26.88 20.81
C PRO B 198 -12.15 -25.69 21.38
N ASP B 199 -11.44 -25.85 22.50
CA ASP B 199 -10.67 -24.77 23.10
C ASP B 199 -9.18 -24.86 22.74
N GLY B 200 -8.87 -25.32 21.54
CA GLY B 200 -7.50 -25.69 21.21
C GLY B 200 -6.61 -24.56 20.77
N MET B 201 -7.17 -23.43 20.35
CA MET B 201 -6.37 -22.31 19.87
C MET B 201 -6.54 -21.07 20.74
N THR B 202 -6.87 -21.26 22.01
CA THR B 202 -7.05 -20.13 22.91
C THR B 202 -5.81 -19.88 23.77
N ALA B 203 -5.70 -18.62 24.21
CA ALA B 203 -4.67 -18.25 25.17
C ALA B 203 -4.85 -19.01 26.47
N LYS B 204 -6.07 -19.42 26.77
CA LYS B 204 -6.42 -20.02 28.05
C LYS B 204 -5.94 -21.46 28.19
N THR B 205 -6.16 -22.28 27.16
CA THR B 205 -5.62 -23.63 27.20
C THR B 205 -4.10 -23.63 27.21
N TRP B 206 -3.50 -22.71 26.47
CA TRP B 206 -2.05 -22.69 26.29
C TRP B 206 -1.33 -21.79 27.27
N ASN B 207 -2.02 -21.19 28.23
CA ASN B 207 -1.38 -20.45 29.30
C ASN B 207 -0.59 -19.26 28.76
N LEU B 208 -1.08 -18.68 27.66
CA LEU B 208 -0.29 -17.70 26.91
C LEU B 208 -0.08 -16.41 27.69
N ASN B 209 -1.10 -15.91 28.38
CA ASN B 209 -0.95 -14.62 29.05
C ASN B 209 0.15 -14.70 30.11
N GLU B 210 0.13 -15.76 30.93
CA GLU B 210 1.15 -15.95 31.94
C GLU B 210 2.54 -16.02 31.31
N GLN B 211 2.69 -16.80 30.24
CA GLN B 211 4.00 -16.96 29.61
C GLN B 211 4.50 -15.63 29.04
N TYR B 212 3.64 -14.95 28.29
CA TYR B 212 4.03 -13.69 27.65
C TYR B 212 4.41 -12.65 28.70
N THR B 213 3.62 -12.57 29.79
CA THR B 213 3.93 -11.63 30.86
C THR B 213 5.26 -11.98 31.51
N LEU B 214 5.54 -13.27 31.70
CA LEU B 214 6.84 -13.67 32.26
C LEU B 214 7.98 -13.25 31.34
N ILE B 215 7.82 -13.50 30.04
CA ILE B 215 8.85 -13.10 29.08
C ILE B 215 9.11 -11.61 29.20
N HIS B 216 8.05 -10.80 29.15
CA HIS B 216 8.23 -9.36 29.15
C HIS B 216 8.70 -8.82 30.50
N ARG B 217 8.42 -9.53 31.59
CA ARG B 217 8.97 -9.15 32.89
C ARG B 217 10.47 -9.40 32.98
N LEU B 218 10.95 -10.51 32.43
CA LEU B 218 12.39 -10.76 32.53
C LEU B 218 13.19 -9.91 31.55
N GLN B 219 12.71 -9.74 30.32
CA GLN B 219 13.41 -8.97 29.29
C GLN B 219 12.39 -8.16 28.52
N PRO B 220 12.12 -6.93 28.96
CA PRO B 220 11.03 -6.16 28.32
C PRO B 220 11.27 -5.84 26.86
N ALA B 221 12.53 -5.75 26.42
CA ALA B 221 12.81 -5.50 25.00
C ALA B 221 12.68 -6.75 24.15
N CYS B 222 12.47 -7.91 24.75
CA CYS B 222 12.33 -9.15 23.99
C CYS B 222 10.99 -9.18 23.25
N LEU B 223 11.05 -9.45 21.95
CA LEU B 223 9.84 -9.58 21.13
C LEU B 223 9.31 -11.00 21.21
N ILE B 224 7.99 -11.13 21.07
CA ILE B 224 7.33 -12.43 21.12
C ILE B 224 6.64 -12.68 19.80
N GLY B 225 6.90 -13.85 19.21
CA GLY B 225 6.15 -14.33 18.08
C GLY B 225 5.62 -15.70 18.37
N ASN B 226 4.53 -16.06 17.69
CA ASN B 226 3.89 -17.34 17.87
C ASN B 226 3.41 -17.84 16.52
N ASN B 227 3.96 -18.98 16.07
CA ASN B 227 3.62 -19.51 14.75
C ASN B 227 2.31 -20.30 14.81
N HIS B 228 1.22 -19.60 15.13
CA HIS B 228 -0.10 -20.21 15.20
C HIS B 228 -0.89 -20.03 13.91
N HIS B 229 -0.36 -19.26 12.96
CA HIS B 229 -0.97 -19.04 11.65
C HIS B 229 -2.31 -18.31 11.74
N ILE B 230 -2.60 -17.65 12.85
CA ILE B 230 -3.86 -16.93 12.99
C ILE B 230 -3.58 -15.50 13.44
N THR B 231 -4.62 -14.82 13.92
CA THR B 231 -4.47 -13.42 14.32
C THR B 231 -3.66 -13.34 15.62
N PRO B 232 -2.65 -12.48 15.72
CA PRO B 232 -1.78 -12.49 16.90
C PRO B 232 -2.54 -12.22 18.19
N PHE B 233 -2.11 -12.88 19.26
CA PHE B 233 -2.67 -12.69 20.59
C PHE B 233 -2.05 -11.46 21.26
N ALA B 234 -2.80 -10.87 22.20
CA ALA B 234 -2.26 -9.76 22.97
C ALA B 234 -1.01 -10.19 23.72
N GLY B 235 0.09 -9.44 23.53
CA GLY B 235 1.38 -9.78 24.07
C GLY B 235 2.41 -10.12 23.01
N GLU B 236 1.97 -10.58 21.84
CA GLU B 236 2.88 -10.85 20.75
C GLU B 236 3.38 -9.54 20.14
N ASP B 237 4.65 -9.52 19.77
CA ASP B 237 5.27 -8.34 19.18
C ASP B 237 5.59 -8.49 17.71
N ILE B 238 5.51 -9.70 17.15
CA ILE B 238 5.70 -9.89 15.72
C ILE B 238 4.70 -10.92 15.22
N GLN B 239 4.39 -10.85 13.93
CA GLN B 239 3.51 -11.80 13.27
C GLN B 239 4.29 -12.61 12.24
N ILE B 240 4.03 -13.91 12.23
CA ILE B 240 4.81 -14.86 11.46
C ILE B 240 3.98 -15.40 10.30
N PHE B 241 4.61 -15.51 9.14
CA PHE B 241 4.05 -16.21 7.98
C PHE B 241 5.00 -17.33 7.60
N GLU B 242 4.50 -18.56 7.63
CA GLU B 242 5.32 -19.74 7.41
C GLU B 242 5.33 -20.06 5.92
N ARG B 243 6.50 -19.92 5.29
CA ARG B 243 6.70 -20.30 3.90
C ARG B 243 5.83 -19.48 2.95
N ASP B 244 5.53 -18.23 3.31
CA ASP B 244 4.77 -17.36 2.43
C ASP B 244 5.00 -15.90 2.82
N LEU B 245 4.97 -15.03 1.82
CA LEU B 245 4.99 -13.60 2.08
C LEU B 245 3.62 -13.17 2.62
N PRO B 246 3.58 -12.15 3.48
CA PRO B 246 2.28 -11.71 4.00
C PRO B 246 1.29 -11.45 2.88
N GLY B 247 0.09 -12.03 3.02
CA GLY B 247 -0.96 -11.87 2.04
C GLY B 247 -1.00 -12.89 0.93
N GLU B 248 0.00 -13.77 0.85
CA GLU B 248 -0.01 -14.89 -0.09
C GLU B 248 -0.19 -16.18 0.70
N ASN B 249 -0.62 -17.24 0.00
CA ASN B 249 -0.90 -18.51 0.65
C ASN B 249 -0.65 -19.67 -0.31
N LYS B 250 0.40 -19.56 -1.12
CA LYS B 250 0.77 -20.64 -2.02
C LYS B 250 1.17 -21.92 -1.30
N ALA B 251 1.58 -21.85 -0.03
CA ALA B 251 1.99 -23.03 0.70
C ALA B 251 0.89 -23.62 1.56
N GLY B 252 -0.25 -22.94 1.70
CA GLY B 252 -1.39 -23.46 2.42
C GLY B 252 -1.32 -23.35 3.92
N LEU B 253 -0.27 -22.73 4.47
CA LEU B 253 -0.13 -22.58 5.91
C LEU B 253 -0.43 -21.16 6.38
N SER B 254 -1.09 -20.34 5.55
CA SER B 254 -1.31 -18.94 5.90
C SER B 254 -2.78 -18.59 5.76
N GLY B 255 -3.08 -17.47 5.08
CA GLY B 255 -4.43 -17.00 4.92
C GLY B 255 -4.92 -16.06 6.00
N GLN B 256 -4.12 -15.82 7.03
CA GLN B 256 -4.52 -14.92 8.09
C GLN B 256 -4.33 -13.46 7.67
N ASP B 257 -5.19 -12.59 8.18
CA ASP B 257 -5.10 -11.18 7.87
C ASP B 257 -3.77 -10.60 8.33
N ILE B 258 -3.25 -9.65 7.56
CA ILE B 258 -2.01 -8.99 7.93
C ILE B 258 -2.28 -8.05 9.09
N SER B 259 -1.66 -8.34 10.23
CA SER B 259 -1.81 -7.54 11.43
C SER B 259 -0.97 -6.27 11.33
N ARG B 260 -1.00 -5.50 12.41
CA ARG B 260 -0.25 -4.25 12.53
C ARG B 260 1.09 -4.41 13.23
N LEU B 261 1.50 -5.63 13.52
CA LEU B 261 2.81 -5.89 14.11
C LEU B 261 3.89 -6.00 13.05
N PRO B 262 5.17 -5.90 13.45
CA PRO B 262 6.25 -6.24 12.52
C PRO B 262 6.11 -7.67 12.02
N LEU B 263 6.36 -7.85 10.72
CA LEU B 263 6.09 -9.10 10.04
C LEU B 263 7.37 -9.84 9.71
N GLU B 264 7.30 -11.18 9.77
CA GLU B 264 8.43 -12.03 9.40
C GLU B 264 7.93 -13.25 8.64
N THR B 265 8.45 -13.45 7.43
CA THR B 265 8.22 -14.67 6.66
C THR B 265 9.39 -15.60 6.89
N CYS B 266 9.11 -16.87 7.22
CA CYS B 266 10.15 -17.87 7.38
C CYS B 266 10.13 -18.88 6.22
N GLU B 267 11.31 -19.32 5.81
CA GLU B 267 11.45 -20.20 4.65
C GLU B 267 12.71 -21.04 4.79
N THR B 268 12.74 -22.17 4.07
CA THR B 268 13.88 -23.07 4.03
C THR B 268 14.69 -22.84 2.76
N MET B 269 16.02 -23.03 2.87
CA MET B 269 16.90 -22.85 1.72
C MET B 269 16.86 -24.06 0.79
N ASN B 270 16.88 -25.27 1.35
CA ASN B 270 16.45 -26.45 0.62
C ASN B 270 14.95 -26.62 0.86
N GLY B 271 14.48 -27.85 1.03
CA GLY B 271 13.06 -28.07 1.22
C GLY B 271 12.64 -28.39 2.65
N MET B 272 13.60 -28.54 3.55
CA MET B 272 13.30 -29.00 4.90
C MET B 272 14.04 -28.15 5.93
N TRP B 273 13.43 -28.04 7.10
CA TRP B 273 14.01 -27.23 8.17
C TRP B 273 15.20 -27.95 8.79
N GLY B 274 14.97 -29.16 9.31
CA GLY B 274 16.06 -29.96 9.81
C GLY B 274 16.89 -30.57 8.68
N TYR B 275 18.10 -30.99 9.04
CA TYR B 275 18.97 -31.63 8.05
C TYR B 275 18.28 -32.86 7.48
N LYS B 276 18.25 -32.94 6.15
CA LYS B 276 17.65 -34.06 5.43
C LYS B 276 18.65 -34.49 4.37
N ILE B 277 19.28 -35.64 4.57
CA ILE B 277 20.36 -36.07 3.69
C ILE B 277 19.88 -36.32 2.27
N THR B 278 18.59 -36.62 2.07
CA THR B 278 18.07 -36.82 0.73
C THR B 278 17.68 -35.53 0.02
N ASP B 279 17.66 -34.39 0.72
CA ASP B 279 17.23 -33.11 0.14
C ASP B 279 18.46 -32.21 0.03
N GLN B 280 19.07 -32.22 -1.15
CA GLN B 280 20.23 -31.36 -1.42
C GLN B 280 19.93 -30.34 -2.51
N ASP B 281 18.66 -30.02 -2.73
CA ASP B 281 18.27 -29.06 -3.76
C ASP B 281 18.15 -27.68 -3.12
N TYR B 282 19.29 -27.01 -2.99
CA TYR B 282 19.30 -25.70 -2.38
C TYR B 282 18.96 -24.64 -3.42
N LYS B 283 18.02 -23.78 -3.08
CA LYS B 283 17.61 -22.72 -3.99
C LYS B 283 18.82 -21.93 -4.46
N SER B 284 18.76 -21.46 -5.71
CA SER B 284 19.84 -20.68 -6.29
C SER B 284 20.00 -19.36 -5.55
N THR B 285 21.19 -18.76 -5.69
CA THR B 285 21.43 -17.45 -5.09
C THR B 285 20.45 -16.41 -5.62
N LYS B 286 20.13 -16.46 -6.91
CA LYS B 286 19.18 -15.51 -7.48
C LYS B 286 17.84 -15.61 -6.77
N ILE B 287 17.35 -16.84 -6.59
CA ILE B 287 16.06 -17.03 -5.93
C ILE B 287 16.09 -16.47 -4.52
N LEU B 288 17.18 -16.68 -3.79
CA LEU B 288 17.24 -16.27 -2.40
C LEU B 288 17.28 -14.75 -2.29
N ILE B 289 18.13 -14.11 -3.09
CA ILE B 289 18.16 -12.66 -3.11
C ILE B 289 16.77 -12.10 -3.42
N GLN B 290 16.13 -12.64 -4.46
CA GLN B 290 14.82 -12.12 -4.84
C GLN B 290 13.79 -12.38 -3.75
N TYR B 291 13.93 -13.48 -3.00
CA TYR B 291 13.00 -13.75 -1.91
C TYR B 291 13.14 -12.69 -0.82
N LEU B 292 14.38 -12.35 -0.46
CA LEU B 292 14.58 -11.29 0.53
C LEU B 292 14.03 -9.96 0.02
N VAL B 293 14.25 -9.65 -1.25
CA VAL B 293 13.78 -8.38 -1.80
C VAL B 293 12.25 -8.34 -1.78
N LYS B 294 11.60 -9.43 -2.16
CA LYS B 294 10.15 -9.47 -2.13
C LYS B 294 9.64 -9.31 -0.71
N ALA B 295 10.29 -9.95 0.26
CA ALA B 295 9.90 -9.78 1.65
C ALA B 295 9.97 -8.31 2.04
N ALA B 296 11.09 -7.66 1.75
CA ALA B 296 11.22 -6.24 2.11
C ALA B 296 10.16 -5.41 1.40
N GLY B 297 9.84 -5.76 0.15
CA GLY B 297 8.85 -5.03 -0.61
C GLY B 297 7.44 -5.18 -0.08
N LYS B 298 7.15 -6.27 0.62
CA LYS B 298 5.88 -6.42 1.33
C LYS B 298 5.99 -6.03 2.80
N ASN B 299 7.06 -5.32 3.17
CA ASN B 299 7.24 -4.82 4.53
C ASN B 299 7.42 -5.96 5.54
N ALA B 300 8.20 -6.97 5.18
CA ALA B 300 8.42 -8.12 6.04
C ALA B 300 9.89 -8.48 6.08
N ASN B 301 10.30 -9.05 7.21
CA ASN B 301 11.62 -9.66 7.32
C ASN B 301 11.62 -11.05 6.68
N LEU B 302 12.83 -11.53 6.35
CA LEU B 302 13.04 -12.88 5.85
C LEU B 302 13.89 -13.66 6.84
N LEU B 303 13.36 -14.78 7.31
CA LEU B 303 14.08 -15.71 8.17
C LEU B 303 14.36 -16.95 7.31
N MET B 304 15.59 -17.06 6.82
CA MET B 304 15.98 -18.12 5.90
C MET B 304 16.70 -19.19 6.70
N ASN B 305 16.35 -20.45 6.45
CA ASN B 305 16.76 -21.55 7.32
C ASN B 305 17.93 -22.34 6.72
N VAL B 306 18.77 -22.85 7.62
CA VAL B 306 19.71 -23.92 7.30
C VAL B 306 19.56 -24.99 8.38
N GLY B 307 19.74 -26.24 7.98
CA GLY B 307 19.72 -27.35 8.90
C GLY B 307 21.10 -27.93 9.11
N PRO B 308 21.69 -27.72 10.29
CA PRO B 308 23.06 -28.16 10.52
C PRO B 308 23.19 -29.68 10.45
N GLN B 309 24.36 -30.13 10.01
CA GLN B 309 24.64 -31.54 9.87
C GLN B 309 24.88 -32.19 11.23
N PRO B 310 24.81 -33.53 11.31
CA PRO B 310 25.06 -34.19 12.60
C PRO B 310 26.51 -34.16 13.04
N ASN B 311 27.45 -33.76 12.19
CA ASN B 311 28.83 -33.55 12.61
C ASN B 311 29.09 -32.14 13.11
N GLY B 312 28.10 -31.25 13.05
CA GLY B 312 28.22 -29.90 13.56
C GLY B 312 28.50 -28.83 12.53
N GLU B 313 28.78 -29.21 11.28
CA GLU B 313 29.00 -28.22 10.24
C GLU B 313 27.68 -27.77 9.63
N LEU B 314 27.64 -26.51 9.21
CA LEU B 314 26.56 -26.07 8.34
C LEU B 314 26.75 -26.66 6.95
N PRO B 315 25.67 -27.01 6.25
CA PRO B 315 25.82 -27.50 4.88
C PRO B 315 26.68 -26.54 4.06
N THR B 316 27.71 -27.11 3.43
CA THR B 316 28.69 -26.28 2.73
C THR B 316 28.06 -25.47 1.61
N VAL B 317 27.14 -26.08 0.86
CA VAL B 317 26.48 -25.36 -0.22
C VAL B 317 25.67 -24.19 0.34
N ALA B 318 25.07 -24.37 1.52
CA ALA B 318 24.33 -23.28 2.13
C ALA B 318 25.26 -22.13 2.52
N VAL B 319 26.47 -22.46 3.00
CA VAL B 319 27.43 -21.41 3.33
C VAL B 319 27.84 -20.67 2.06
N GLN B 320 28.00 -21.41 0.96
CA GLN B 320 28.31 -20.76 -0.31
C GLN B 320 27.21 -19.79 -0.73
N ARG B 321 25.95 -20.24 -0.63
CA ARG B 321 24.83 -19.37 -0.98
C ARG B 321 24.81 -18.13 -0.11
N LEU B 322 25.09 -18.27 1.18
CA LEU B 322 25.08 -17.11 2.06
C LEU B 322 26.21 -16.14 1.72
N ARG B 323 27.37 -16.67 1.33
CA ARG B 323 28.49 -15.83 0.92
C ARG B 323 28.14 -15.04 -0.34
N GLU B 324 27.43 -15.66 -1.28
CA GLU B 324 27.04 -14.93 -2.48
C GLU B 324 25.95 -13.90 -2.20
N MET B 325 25.01 -14.25 -1.31
CA MET B 325 24.05 -13.25 -0.85
C MET B 325 24.77 -12.06 -0.24
N GLY B 326 25.84 -12.30 0.53
CA GLY B 326 26.60 -11.20 1.10
C GLY B 326 27.31 -10.38 0.04
N GLU B 327 27.82 -11.04 -1.00
CA GLU B 327 28.39 -10.30 -2.11
C GLU B 327 27.37 -9.32 -2.69
N TRP B 328 26.11 -9.75 -2.79
CA TRP B 328 25.06 -8.86 -3.29
C TRP B 328 24.75 -7.76 -2.28
N MET B 329 24.68 -8.13 -1.00
CA MET B 329 24.37 -7.15 0.03
C MET B 329 25.39 -6.03 0.06
N LYS B 330 26.68 -6.33 -0.20
CA LYS B 330 27.67 -5.25 -0.14
C LYS B 330 27.24 -4.04 -0.99
N ILE B 331 26.57 -4.31 -2.11
CA ILE B 331 26.15 -3.27 -3.05
C ILE B 331 24.76 -2.76 -2.71
N TYR B 332 23.84 -3.65 -2.34
CA TYR B 332 22.43 -3.28 -2.33
C TYR B 332 21.80 -3.22 -0.94
N ALA B 333 22.56 -3.44 0.13
CA ALA B 333 21.93 -3.48 1.45
C ALA B 333 21.19 -2.19 1.81
N PRO B 334 21.69 -1.00 1.49
CA PRO B 334 20.95 0.21 1.87
C PRO B 334 19.58 0.30 1.25
N THR B 335 19.29 -0.49 0.21
CA THR B 335 17.98 -0.48 -0.43
C THR B 335 16.99 -1.43 0.23
N ILE B 336 17.41 -2.32 1.13
N ILE B 336 17.45 -2.30 1.13
CA ILE B 336 16.54 -3.20 1.86
CA ILE B 336 16.62 -3.28 1.81
C ILE B 336 16.57 -3.02 3.33
C ILE B 336 16.62 -3.00 3.30
N GLN B 337 17.80 -3.01 3.92
CA GLN B 337 17.92 -2.79 5.34
C GLN B 337 17.68 -1.32 5.64
N GLY B 338 16.99 -1.05 6.74
CA GLY B 338 16.59 0.30 7.08
C GLY B 338 15.41 0.82 6.31
N THR B 339 14.74 -0.02 5.53
CA THR B 339 13.59 0.40 4.74
C THR B 339 12.31 -0.22 5.30
N ARG B 340 11.20 0.19 4.72
CA ARG B 340 9.89 -0.38 4.97
C ARG B 340 9.21 -0.60 3.62
N GLY B 341 8.10 -1.34 3.65
CA GLY B 341 7.33 -1.59 2.45
C GLY B 341 7.06 -0.34 1.66
N GLY B 342 7.20 -0.41 0.33
CA GLY B 342 7.07 0.77 -0.49
C GLY B 342 5.64 1.16 -0.74
N VAL B 343 5.45 2.45 -1.07
CA VAL B 343 4.10 2.96 -1.27
C VAL B 343 3.43 2.26 -2.44
N VAL B 344 4.21 1.84 -3.43
CA VAL B 344 3.73 0.98 -4.50
C VAL B 344 3.87 -0.46 -4.01
N THR B 345 2.75 -1.15 -3.83
CA THR B 345 2.77 -2.51 -3.30
C THR B 345 3.22 -3.50 -4.37
N PRO B 346 3.60 -4.72 -3.98
CA PRO B 346 4.26 -5.63 -4.92
C PRO B 346 3.44 -5.89 -6.17
N ARG B 347 4.14 -5.96 -7.30
CA ARG B 347 3.57 -6.21 -8.62
C ARG B 347 4.32 -7.37 -9.25
N ASP B 348 3.83 -7.82 -10.41
CA ASP B 348 4.49 -8.94 -11.08
C ASP B 348 5.93 -8.61 -11.48
N TRP B 349 6.22 -7.33 -11.76
CA TRP B 349 7.54 -6.95 -12.23
C TRP B 349 8.56 -6.77 -11.12
N GLY B 350 8.13 -6.62 -9.88
CA GLY B 350 9.04 -6.35 -8.78
C GLY B 350 8.31 -5.68 -7.63
N VAL B 351 9.06 -4.92 -6.84
CA VAL B 351 8.56 -4.31 -5.62
C VAL B 351 9.17 -2.93 -5.44
N THR B 352 8.76 -2.25 -4.38
CA THR B 352 9.39 -1.00 -3.95
C THR B 352 9.56 -1.03 -2.45
N THR B 353 10.66 -0.43 -1.99
CA THR B 353 10.91 -0.15 -0.58
C THR B 353 11.12 1.35 -0.42
N GLN B 354 11.12 1.83 0.82
CA GLN B 354 11.21 3.27 1.00
C GLN B 354 11.91 3.62 2.31
N LYS B 355 12.49 4.81 2.33
CA LYS B 355 13.24 5.32 3.48
C LYS B 355 13.22 6.83 3.37
N GLY B 356 12.54 7.49 4.32
CA GLY B 356 12.47 8.94 4.27
C GLY B 356 11.76 9.41 3.02
N LYS B 357 12.46 10.21 2.22
CA LYS B 357 11.93 10.72 0.95
C LYS B 357 12.35 9.87 -0.24
N THR B 358 12.93 8.69 -0.01
CA THR B 358 13.52 7.88 -1.07
C THR B 358 12.71 6.61 -1.29
N LEU B 359 12.43 6.31 -2.57
CA LEU B 359 11.76 5.08 -2.97
C LEU B 359 12.70 4.28 -3.84
N TYR B 360 13.03 3.06 -3.41
CA TYR B 360 13.82 2.13 -4.20
C TYR B 360 12.85 1.23 -4.99
N VAL B 361 13.02 1.22 -6.30
CA VAL B 361 12.22 0.39 -7.20
C VAL B 361 13.07 -0.81 -7.58
N HIS B 362 12.67 -1.99 -7.13
CA HIS B 362 13.38 -3.23 -7.40
C HIS B 362 12.67 -3.93 -8.55
N VAL B 363 13.26 -3.87 -9.74
CA VAL B 363 12.72 -4.52 -10.93
C VAL B 363 13.31 -5.92 -10.98
N LEU B 364 12.47 -6.92 -10.72
CA LEU B 364 12.88 -8.31 -10.60
C LEU B 364 12.50 -9.15 -11.81
N ASN B 365 11.56 -8.68 -12.64
CA ASN B 365 10.97 -9.51 -13.67
C ASN B 365 10.32 -8.66 -14.75
N LEU B 366 11.13 -8.09 -15.64
CA LEU B 366 10.66 -7.22 -16.70
C LEU B 366 11.64 -7.28 -17.86
N ASP B 367 11.13 -7.53 -19.06
CA ASP B 367 11.93 -7.50 -20.27
C ASP B 367 11.63 -6.29 -21.15
N ASP B 368 10.60 -5.51 -20.82
CA ASP B 368 10.30 -4.28 -21.54
C ASP B 368 11.22 -3.16 -21.06
N LYS B 369 11.28 -2.10 -21.85
CA LYS B 369 12.10 -0.93 -21.53
C LYS B 369 11.30 0.21 -20.92
N ALA B 370 10.12 -0.06 -20.37
CA ALA B 370 9.34 0.97 -19.69
C ALA B 370 8.63 0.35 -18.49
N LEU B 371 8.28 1.21 -17.54
CA LEU B 371 7.65 0.75 -16.30
C LEU B 371 6.74 1.83 -15.75
N PHE B 372 5.47 1.48 -15.56
CA PHE B 372 4.52 2.40 -14.96
C PHE B 372 4.45 2.15 -13.45
N LEU B 373 4.55 3.23 -12.69
CA LEU B 373 4.44 3.20 -11.23
C LEU B 373 3.20 3.98 -10.84
N PRO B 374 2.22 3.35 -10.18
CA PRO B 374 1.02 4.09 -9.74
C PRO B 374 1.23 4.83 -8.42
N TYR B 375 1.79 6.03 -8.52
CA TYR B 375 1.98 6.91 -7.37
C TYR B 375 1.84 8.34 -7.86
N ALA B 376 1.05 9.13 -7.15
CA ALA B 376 0.81 10.52 -7.50
C ALA B 376 0.71 11.33 -6.20
N GLY B 377 0.88 12.65 -6.33
CA GLY B 377 0.78 13.53 -5.19
C GLY B 377 2.10 13.91 -4.55
N ASN B 378 3.23 13.49 -5.12
CA ASN B 378 4.54 13.82 -4.59
C ASN B 378 5.45 14.13 -5.77
N LYS B 379 5.89 15.38 -5.86
CA LYS B 379 6.78 15.75 -6.95
C LYS B 379 7.97 14.81 -6.97
N LEU B 380 8.05 14.03 -8.06
CA LEU B 380 9.24 13.24 -8.36
C LEU B 380 10.26 14.12 -9.08
N LYS B 381 11.46 14.25 -8.51
CA LYS B 381 12.50 15.04 -9.13
C LYS B 381 13.85 14.57 -8.69
N SER B 382 14.04 13.26 -8.70
CA SER B 382 15.16 12.65 -9.42
C SER B 382 14.92 11.15 -9.48
N ALA B 383 15.52 10.52 -10.48
CA ALA B 383 15.51 9.08 -10.68
C ALA B 383 16.85 8.67 -11.25
N VAL B 384 17.49 7.68 -10.63
CA VAL B 384 18.77 7.19 -11.11
C VAL B 384 18.85 5.67 -10.96
N GLU B 385 19.83 5.07 -11.64
CA GLU B 385 20.18 3.69 -11.37
C GLU B 385 21.01 3.65 -10.09
N TYR B 386 20.63 2.78 -9.16
CA TYR B 386 21.28 2.83 -7.84
C TYR B 386 22.79 2.58 -7.94
N GLN B 387 23.18 1.60 -8.75
CA GLN B 387 24.60 1.21 -8.81
C GLN B 387 25.38 2.19 -9.69
N SER B 388 24.98 2.32 -10.95
CA SER B 388 25.72 3.16 -11.89
C SER B 388 25.53 4.65 -11.62
N ARG B 389 24.42 5.04 -11.02
CA ARG B 389 24.04 6.42 -10.71
C ARG B 389 23.62 7.21 -11.93
N LYS B 390 23.47 6.56 -13.07
CA LYS B 390 22.94 7.16 -14.28
C LYS B 390 21.49 7.58 -14.04
N SER B 391 21.07 8.68 -14.66
CA SER B 391 19.70 9.16 -14.49
C SER B 391 18.77 8.37 -15.39
N VAL B 392 17.53 8.19 -14.94
CA VAL B 392 16.51 7.44 -15.68
C VAL B 392 15.45 8.43 -16.09
N ARG B 393 15.19 8.53 -17.39
CA ARG B 393 14.14 9.41 -17.88
C ARG B 393 12.77 8.96 -17.38
N PHE B 394 11.96 9.94 -16.98
CA PHE B 394 10.64 9.67 -16.43
C PHE B 394 9.66 10.77 -16.81
N ILE B 395 8.38 10.39 -16.79
CA ILE B 395 7.26 11.29 -17.04
C ILE B 395 6.28 11.13 -15.88
N GLN B 396 5.87 12.24 -15.27
CA GLN B 396 4.97 12.21 -14.12
C GLN B 396 3.72 13.02 -14.41
N ASP B 397 2.56 12.43 -14.16
CA ASP B 397 1.28 13.11 -14.33
C ASP B 397 0.32 12.63 -13.24
N ARG B 398 -0.93 13.12 -13.32
CA ARG B 398 -1.91 12.82 -12.29
C ARG B 398 -1.99 11.33 -11.99
N ASP B 399 -1.82 10.51 -13.02
CA ASP B 399 -2.07 9.09 -12.95
C ASP B 399 -0.85 8.28 -12.54
N GLY B 400 0.33 8.87 -12.51
CA GLY B 400 1.48 8.14 -12.06
C GLY B 400 2.72 8.52 -12.81
N ILE B 401 3.70 7.63 -12.70
CA ILE B 401 5.04 7.85 -13.24
C ILE B 401 5.33 6.77 -14.28
N LEU B 402 5.97 7.17 -15.38
CA LEU B 402 6.43 6.25 -16.41
C LEU B 402 7.94 6.42 -16.50
N LEU B 403 8.66 5.38 -16.10
CA LEU B 403 10.10 5.34 -16.25
C LEU B 403 10.44 4.66 -17.56
N LYS B 404 11.49 5.15 -18.21
CA LYS B 404 11.95 4.60 -19.48
C LYS B 404 13.41 4.18 -19.33
N PHE B 405 13.71 2.96 -19.77
CA PHE B 405 15.01 2.35 -19.56
C PHE B 405 15.79 2.27 -20.86
N THR B 406 17.11 2.45 -20.75
CA THR B 406 17.97 2.35 -21.93
C THR B 406 18.13 0.91 -22.39
N ASP B 407 18.26 -0.01 -21.44
CA ASP B 407 18.47 -1.43 -21.71
C ASP B 407 17.42 -2.24 -20.98
N LYS B 408 17.49 -3.55 -21.17
CA LYS B 408 16.58 -4.48 -20.55
C LYS B 408 17.05 -4.77 -19.13
N PRO B 409 16.17 -4.66 -18.13
CA PRO B 409 16.64 -4.74 -16.74
C PRO B 409 17.48 -6.00 -16.54
N HIS B 410 18.58 -5.86 -15.82
CA HIS B 410 19.47 -6.99 -15.59
C HIS B 410 19.07 -7.78 -14.36
N SER B 411 19.68 -8.95 -14.21
CA SER B 411 19.46 -9.80 -13.04
C SER B 411 20.53 -9.53 -12.00
N PRO B 412 20.30 -9.92 -10.74
CA PRO B 412 19.05 -10.49 -10.20
C PRO B 412 18.05 -9.42 -9.78
N ASP B 413 18.44 -8.15 -9.78
CA ASP B 413 17.55 -7.07 -9.33
C ASP B 413 18.05 -5.77 -9.93
N TYR B 414 17.26 -5.17 -10.82
CA TYR B 414 17.59 -3.88 -11.43
C TYR B 414 16.94 -2.79 -10.57
N VAL B 415 17.76 -2.03 -9.84
CA VAL B 415 17.27 -1.14 -8.81
C VAL B 415 17.38 0.31 -9.28
N LEU B 416 16.29 1.05 -9.17
CA LEU B 416 16.25 2.48 -9.43
C LEU B 416 16.01 3.20 -8.11
N GLU B 417 16.74 4.30 -7.89
CA GLU B 417 16.55 5.15 -6.71
C GLU B 417 15.80 6.40 -7.15
N LEU B 418 14.59 6.58 -6.62
CA LEU B 418 13.74 7.72 -6.91
C LEU B 418 13.70 8.60 -5.67
N THR B 419 13.93 9.89 -5.85
CA THR B 419 13.94 10.86 -4.76
C THR B 419 12.81 11.86 -4.97
N PHE B 420 11.99 12.03 -3.93
CA PHE B 420 10.79 12.86 -3.93
C PHE B 420 11.00 14.10 -3.07
N ALA B 421 10.08 15.06 -3.24
CA ALA B 421 10.17 16.31 -2.50
C ALA B 421 9.67 16.15 -1.07
N ASN B 422 8.63 15.35 -0.88
CA ASN B 422 8.02 15.11 0.43
C ASN B 422 8.29 13.69 0.91
N GLU B 423 8.01 13.46 2.18
CA GLU B 423 8.25 12.18 2.81
C GLU B 423 7.15 11.21 2.41
N LEU B 424 7.49 9.93 2.43
CA LEU B 424 6.53 9.00 1.85
C LEU B 424 5.69 8.33 2.92
N PRO B 425 4.43 8.06 2.60
CA PRO B 425 3.47 7.63 3.61
C PRO B 425 3.55 6.13 3.89
N LEU B 426 2.80 5.71 4.90
CA LEU B 426 2.67 4.32 5.28
C LEU B 426 1.20 3.96 5.35
N ASN B 427 0.81 2.85 4.73
CA ASN B 427 -0.60 2.53 4.54
C ASN B 427 -1.09 1.44 5.47
N GLY C 6 6.78 -34.01 -53.20
CA GLY C 6 6.35 -34.32 -51.84
C GLY C 6 4.91 -33.93 -51.57
N TYR C 7 4.68 -33.27 -50.44
CA TYR C 7 3.33 -32.92 -50.00
C TYR C 7 2.97 -31.49 -50.37
N THR C 8 1.87 -31.32 -51.08
CA THR C 8 1.29 -30.01 -51.37
C THR C 8 -0.16 -30.04 -50.97
N PRO C 9 -0.61 -29.25 -50.00
CA PRO C 9 -2.01 -29.33 -49.56
C PRO C 9 -2.97 -28.76 -50.59
N SER C 10 -4.13 -29.40 -50.70
CA SER C 10 -5.18 -28.97 -51.61
C SER C 10 -5.73 -27.60 -51.23
N ALA C 11 -6.54 -27.02 -52.13
CA ALA C 11 -7.14 -25.71 -51.85
C ALA C 11 -8.20 -25.83 -50.76
N ASP C 12 -9.02 -26.87 -50.82
CA ASP C 12 -9.97 -27.13 -49.74
C ASP C 12 -9.24 -27.29 -48.41
N ASN C 13 -8.02 -27.82 -48.44
CA ASN C 13 -7.26 -27.97 -47.20
C ASN C 13 -6.85 -26.63 -46.61
N LEU C 14 -6.43 -25.68 -47.46
CA LEU C 14 -6.08 -24.35 -46.95
C LEU C 14 -7.34 -23.64 -46.44
N LYS C 15 -8.44 -23.79 -47.17
CA LYS C 15 -9.77 -23.43 -46.69
C LYS C 15 -9.94 -23.83 -45.23
N ALA C 16 -9.80 -25.14 -45.01
CA ALA C 16 -10.01 -25.71 -43.68
C ALA C 16 -8.97 -25.25 -42.67
N ARG C 17 -7.72 -25.05 -43.08
CA ARG C 17 -6.73 -24.58 -42.12
C ARG C 17 -7.11 -23.21 -41.59
N GLU C 18 -7.52 -22.30 -42.47
CA GLU C 18 -7.91 -20.97 -42.01
C GLU C 18 -9.20 -21.04 -41.20
N THR C 19 -10.14 -21.91 -41.59
CA THR C 19 -11.35 -22.08 -40.80
C THR C 19 -11.03 -22.59 -39.41
N PHE C 20 -10.15 -23.59 -39.32
CA PHE C 20 -9.74 -24.15 -38.04
C PHE C 20 -9.15 -23.07 -37.14
N GLN C 21 -8.23 -22.26 -37.69
CA GLN C 21 -7.65 -21.20 -36.88
C GLN C 21 -8.69 -20.17 -36.47
N ASP C 22 -9.65 -19.88 -37.35
CA ASP C 22 -10.74 -18.96 -36.98
C ASP C 22 -11.56 -19.50 -35.81
N ASP C 23 -11.80 -20.82 -35.78
CA ASP C 23 -12.72 -21.37 -34.80
C ASP C 23 -12.16 -21.30 -33.38
N LYS C 24 -10.86 -21.57 -33.23
CA LYS C 24 -10.12 -21.35 -31.99
C LYS C 24 -10.47 -22.25 -30.81
N PHE C 25 -11.63 -22.90 -30.81
CA PHE C 25 -12.12 -23.54 -29.60
C PHE C 25 -12.90 -24.80 -29.95
N GLY C 26 -12.38 -25.95 -29.48
CA GLY C 26 -13.05 -27.21 -29.65
C GLY C 26 -13.02 -28.01 -28.35
N ILE C 27 -13.81 -29.09 -28.33
CA ILE C 27 -13.93 -29.93 -27.15
C ILE C 27 -13.39 -31.33 -27.45
N PHE C 28 -12.48 -31.81 -26.58
CA PHE C 28 -11.96 -33.17 -26.62
C PHE C 28 -12.88 -34.10 -25.84
N ILE C 29 -13.08 -35.32 -26.34
CA ILE C 29 -13.89 -36.33 -25.66
C ILE C 29 -13.12 -37.65 -25.69
N HIS C 30 -12.72 -38.12 -24.50
CA HIS C 30 -12.08 -39.42 -24.31
C HIS C 30 -13.14 -40.34 -23.70
N TRP C 31 -13.67 -41.26 -24.51
CA TRP C 31 -14.71 -42.16 -24.05
C TRP C 31 -14.42 -43.58 -24.52
N GLY C 32 -14.55 -44.53 -23.62
CA GLY C 32 -14.34 -45.93 -23.94
C GLY C 32 -14.81 -46.78 -22.78
N ILE C 33 -14.53 -48.09 -22.86
CA ILE C 33 -14.99 -48.94 -21.77
C ILE C 33 -14.19 -48.70 -20.50
N TYR C 34 -13.01 -48.07 -20.61
CA TYR C 34 -12.29 -47.67 -19.41
C TYR C 34 -13.07 -46.71 -18.53
N SER C 35 -14.18 -46.16 -19.01
CA SER C 35 -15.03 -45.33 -18.15
C SER C 35 -15.67 -46.16 -17.03
N MET C 36 -15.99 -47.43 -17.29
CA MET C 36 -16.51 -48.28 -16.23
C MET C 36 -15.55 -48.32 -15.05
N LEU C 37 -14.25 -48.46 -15.33
CA LEU C 37 -13.26 -48.54 -14.25
C LEU C 37 -13.02 -47.19 -13.61
N ALA C 38 -13.22 -46.10 -14.36
CA ALA C 38 -13.21 -44.74 -13.83
C ALA C 38 -11.90 -44.44 -13.11
N ASP C 39 -10.79 -44.89 -13.69
CA ASP C 39 -9.45 -44.62 -13.16
C ASP C 39 -8.53 -44.13 -14.26
N GLY C 40 -9.08 -43.44 -15.26
CA GLY C 40 -8.32 -42.93 -16.37
C GLY C 40 -8.21 -43.92 -17.52
N GLU C 41 -7.89 -43.39 -18.70
CA GLU C 41 -7.83 -44.18 -19.92
C GLU C 41 -6.58 -45.06 -20.01
N TRP C 42 -5.57 -44.83 -19.17
CA TRP C 42 -4.35 -45.63 -19.21
C TRP C 42 -4.42 -46.83 -18.28
N VAL C 43 -5.59 -47.13 -17.72
CA VAL C 43 -5.68 -48.12 -16.65
C VAL C 43 -5.28 -49.52 -17.11
N MET C 44 -5.56 -49.86 -18.36
CA MET C 44 -5.21 -51.20 -18.84
C MET C 44 -3.70 -51.43 -18.73
N HIS C 45 -2.91 -50.42 -19.10
CA HIS C 45 -1.46 -50.52 -19.01
C HIS C 45 -0.98 -50.24 -17.59
N ASN C 46 -1.59 -49.26 -16.94
CA ASN C 46 -1.12 -48.86 -15.60
C ASN C 46 -1.22 -50.00 -14.60
N LYS C 47 -2.33 -50.73 -14.61
CA LYS C 47 -2.55 -51.82 -13.67
C LYS C 47 -2.26 -53.20 -14.26
N ASN C 48 -1.67 -53.24 -15.46
CA ASN C 48 -1.26 -54.49 -16.10
C ASN C 48 -2.40 -55.49 -16.15
N LEU C 49 -3.53 -55.06 -16.71
CA LEU C 49 -4.72 -55.91 -16.78
C LEU C 49 -4.64 -56.84 -17.98
N ASN C 50 -4.96 -58.11 -17.76
CA ASN C 50 -4.97 -59.08 -18.84
C ASN C 50 -5.98 -58.67 -19.91
N TRP C 51 -5.58 -58.77 -21.18
CA TRP C 51 -6.43 -58.25 -22.25
C TRP C 51 -7.78 -58.97 -22.30
N GLU C 52 -7.79 -60.28 -22.03
CA GLU C 52 -9.06 -61.02 -22.06
C GLU C 52 -9.97 -60.55 -20.92
N GLU C 53 -9.41 -60.41 -19.72
CA GLU C 53 -10.19 -59.97 -18.56
C GLU C 53 -10.70 -58.55 -18.73
N TYR C 54 -9.87 -57.65 -19.25
CA TYR C 54 -10.33 -56.30 -19.56
C TYR C 54 -11.45 -56.33 -20.59
N ALA C 55 -11.30 -57.16 -21.63
CA ALA C 55 -12.31 -57.26 -22.67
C ALA C 55 -13.64 -57.77 -22.13
N LYS C 56 -13.60 -58.58 -21.08
CA LYS C 56 -14.85 -59.05 -20.49
C LYS C 56 -15.73 -57.89 -20.02
N LEU C 57 -15.18 -56.68 -19.89
CA LEU C 57 -15.97 -55.53 -19.46
C LEU C 57 -16.96 -55.08 -20.54
N ALA C 58 -16.65 -55.33 -21.81
CA ALA C 58 -17.51 -54.83 -22.87
C ALA C 58 -18.92 -55.38 -22.75
N SER C 59 -19.06 -56.61 -22.28
CA SER C 59 -20.39 -57.22 -22.18
C SER C 59 -21.22 -56.65 -21.04
N GLY C 60 -20.72 -55.66 -20.31
CA GLY C 60 -21.51 -54.99 -19.29
C GLY C 60 -21.60 -53.49 -19.48
N PHE C 61 -21.14 -53.02 -20.63
CA PHE C 61 -21.13 -51.59 -20.95
C PHE C 61 -22.49 -51.20 -21.49
N TYR C 62 -23.19 -50.32 -20.78
CA TYR C 62 -24.54 -49.89 -21.16
C TYR C 62 -24.76 -48.45 -20.73
N PRO C 63 -24.19 -47.47 -21.43
CA PRO C 63 -24.42 -46.07 -21.07
C PRO C 63 -25.82 -45.61 -21.44
N ALA C 64 -26.81 -46.00 -20.62
CA ALA C 64 -28.21 -45.82 -21.02
C ALA C 64 -28.58 -44.36 -21.18
N LYS C 65 -27.90 -43.47 -20.47
CA LYS C 65 -28.24 -42.05 -20.48
C LYS C 65 -27.53 -41.28 -21.59
N PHE C 66 -26.82 -41.98 -22.48
CA PHE C 66 -26.18 -41.31 -23.59
C PHE C 66 -27.20 -40.63 -24.49
N ASN C 67 -26.89 -39.41 -24.92
CA ASN C 67 -27.79 -38.67 -25.80
C ASN C 67 -26.94 -37.74 -26.68
N ALA C 68 -26.72 -38.15 -27.92
CA ALA C 68 -25.86 -37.36 -28.81
C ALA C 68 -26.36 -35.93 -28.94
N ALA C 69 -27.67 -35.75 -29.00
CA ALA C 69 -28.22 -34.40 -29.16
C ALA C 69 -27.89 -33.54 -27.95
N GLU C 70 -28.12 -34.08 -26.75
CA GLU C 70 -27.77 -33.34 -25.53
C GLU C 70 -26.29 -33.00 -25.49
N TRP C 71 -25.43 -33.96 -25.84
CA TRP C 71 -23.99 -33.72 -25.83
C TRP C 71 -23.62 -32.56 -26.75
N VAL C 72 -24.01 -32.67 -28.02
CA VAL C 72 -23.62 -31.65 -28.99
C VAL C 72 -24.20 -30.31 -28.60
N ALA C 73 -25.42 -30.29 -28.06
CA ALA C 73 -26.01 -29.03 -27.62
C ALA C 73 -25.20 -28.41 -26.50
N ALA C 74 -24.83 -29.22 -25.50
CA ALA C 74 -24.07 -28.70 -24.37
C ALA C 74 -22.71 -28.18 -24.82
N ILE C 75 -22.14 -28.78 -25.86
CA ILE C 75 -20.85 -28.30 -26.35
C ILE C 75 -21.01 -27.03 -27.16
N LYS C 76 -21.97 -27.00 -28.08
CA LYS C 76 -22.23 -25.79 -28.85
C LYS C 76 -22.47 -24.61 -27.93
N ALA C 77 -23.15 -24.85 -26.81
CA ALA C 77 -23.48 -23.75 -25.90
C ALA C 77 -22.25 -23.04 -25.36
N SER C 78 -21.07 -23.65 -25.48
CA SER C 78 -19.86 -23.03 -24.94
C SER C 78 -19.21 -22.06 -25.90
N GLY C 79 -19.67 -21.99 -27.16
CA GLY C 79 -18.95 -21.29 -28.20
C GLY C 79 -18.01 -22.15 -28.99
N ALA C 80 -17.69 -23.35 -28.50
CA ALA C 80 -16.83 -24.27 -29.24
C ALA C 80 -17.44 -24.57 -30.60
N LYS C 81 -16.58 -24.79 -31.59
CA LYS C 81 -17.01 -25.02 -32.95
C LYS C 81 -16.73 -26.43 -33.46
N TYR C 82 -15.98 -27.24 -32.72
CA TYR C 82 -15.70 -28.59 -33.19
C TYR C 82 -15.50 -29.54 -32.02
N ILE C 83 -15.63 -30.83 -32.32
CA ILE C 83 -15.53 -31.89 -31.32
C ILE C 83 -14.51 -32.89 -31.83
N THR C 84 -13.54 -33.25 -30.99
CA THR C 84 -12.57 -34.29 -31.29
C THR C 84 -12.85 -35.47 -30.37
N ILE C 85 -13.22 -36.61 -30.95
CA ILE C 85 -13.66 -37.74 -30.14
C ILE C 85 -12.78 -38.96 -30.40
N THR C 86 -12.53 -39.74 -29.35
CA THR C 86 -11.72 -40.95 -29.48
C THR C 86 -12.50 -42.03 -30.24
N SER C 87 -12.09 -42.32 -31.49
CA SER C 87 -12.70 -43.45 -32.19
C SER C 87 -12.10 -44.78 -31.74
N ARG C 88 -10.84 -44.79 -31.32
CA ARG C 88 -10.18 -46.00 -30.82
C ARG C 88 -8.94 -45.55 -30.07
N HIS C 89 -8.85 -45.89 -28.79
CA HIS C 89 -7.73 -45.46 -27.96
C HIS C 89 -6.74 -46.62 -27.82
N HIS C 90 -5.81 -46.51 -26.86
CA HIS C 90 -4.71 -47.48 -26.78
C HIS C 90 -5.20 -48.90 -26.51
N ASP C 91 -6.35 -49.06 -25.86
CA ASP C 91 -6.82 -50.40 -25.49
C ASP C 91 -7.39 -51.17 -26.67
N GLY C 92 -7.42 -50.58 -27.86
CA GLY C 92 -7.81 -51.30 -29.05
C GLY C 92 -9.29 -51.41 -29.27
N PHE C 93 -10.11 -50.87 -28.37
CA PHE C 93 -11.55 -50.97 -28.49
C PHE C 93 -12.06 -49.85 -29.40
N SER C 94 -12.83 -50.23 -30.42
CA SER C 94 -13.35 -49.30 -31.41
C SER C 94 -14.75 -48.85 -31.02
N MET C 95 -14.95 -47.53 -30.98
CA MET C 95 -16.22 -46.95 -30.57
C MET C 95 -17.18 -46.73 -31.74
N TYR C 96 -17.05 -47.51 -32.82
CA TYR C 96 -17.99 -47.40 -33.93
C TYR C 96 -18.21 -48.77 -34.56
N ALA C 97 -19.11 -48.81 -35.53
CA ALA C 97 -19.52 -50.06 -36.17
C ALA C 97 -18.48 -50.44 -37.22
N THR C 98 -17.34 -50.89 -36.73
CA THR C 98 -16.26 -51.36 -37.59
C THR C 98 -16.53 -52.81 -38.01
N GLN C 99 -16.01 -53.18 -39.17
CA GLN C 99 -16.06 -54.56 -39.64
C GLN C 99 -14.70 -55.24 -39.59
N GLN C 100 -13.67 -54.55 -39.10
CA GLN C 100 -12.33 -55.12 -39.01
C GLN C 100 -12.07 -55.82 -37.68
N SER C 101 -13.00 -55.73 -36.73
CA SER C 101 -12.86 -56.42 -35.46
C SER C 101 -14.20 -56.40 -34.74
N ASP C 102 -14.55 -57.52 -34.09
CA ASP C 102 -15.77 -57.55 -33.29
C ASP C 102 -15.58 -56.91 -31.92
N TYR C 103 -14.37 -56.45 -31.60
CA TYR C 103 -14.09 -55.74 -30.35
C TYR C 103 -14.48 -54.28 -30.57
N ASN C 104 -15.78 -54.02 -30.53
CA ASN C 104 -16.31 -52.70 -30.83
C ASN C 104 -17.65 -52.50 -30.12
N ILE C 105 -18.08 -51.25 -30.09
CA ILE C 105 -19.26 -50.85 -29.30
C ILE C 105 -20.51 -51.57 -29.77
N VAL C 106 -20.60 -51.89 -31.06
CA VAL C 106 -21.81 -52.50 -31.56
C VAL C 106 -21.82 -53.99 -31.30
N ASP C 107 -20.72 -54.67 -31.58
CA ASP C 107 -20.74 -56.12 -31.53
C ASP C 107 -20.42 -56.69 -30.17
N ALA C 108 -19.65 -55.98 -29.35
CA ALA C 108 -19.14 -56.55 -28.10
C ALA C 108 -19.88 -56.07 -26.85
N THR C 109 -20.85 -55.17 -26.98
CA THR C 109 -21.57 -54.67 -25.83
C THR C 109 -23.07 -54.81 -26.04
N PRO C 110 -23.84 -54.84 -24.94
CA PRO C 110 -25.31 -54.80 -25.07
C PRO C 110 -25.88 -53.44 -25.48
N PHE C 111 -25.05 -52.39 -25.52
CA PHE C 111 -25.55 -51.08 -25.93
C PHE C 111 -25.96 -51.09 -27.41
N LYS C 112 -25.17 -51.77 -28.24
CA LYS C 112 -25.55 -52.10 -29.62
C LYS C 112 -25.77 -50.86 -30.47
N ARG C 113 -25.19 -49.73 -30.10
CA ARG C 113 -25.37 -48.49 -30.81
C ARG C 113 -24.01 -47.93 -31.22
N ASP C 114 -23.96 -47.36 -32.43
CA ASP C 114 -22.75 -46.74 -32.97
C ASP C 114 -22.74 -45.29 -32.53
N VAL C 115 -22.00 -44.99 -31.46
CA VAL C 115 -22.05 -43.64 -30.89
C VAL C 115 -21.43 -42.62 -31.82
N ILE C 116 -20.44 -43.01 -32.62
CA ILE C 116 -19.85 -42.08 -33.57
C ILE C 116 -20.88 -41.68 -34.63
N HIS C 117 -21.70 -42.63 -35.10
CA HIS C 117 -22.72 -42.31 -36.09
C HIS C 117 -23.76 -41.34 -35.52
N GLU C 118 -24.26 -41.61 -34.31
CA GLU C 118 -25.22 -40.72 -33.68
C GLU C 118 -24.63 -39.33 -33.51
N LEU C 119 -23.36 -39.27 -33.11
CA LEU C 119 -22.72 -37.97 -32.91
C LEU C 119 -22.48 -37.23 -34.23
N ALA C 120 -22.09 -37.95 -35.28
CA ALA C 120 -21.92 -37.32 -36.58
C ALA C 120 -23.24 -36.76 -37.07
N ASP C 121 -24.32 -37.51 -36.91
CA ASP C 121 -25.64 -37.02 -37.30
C ASP C 121 -25.96 -35.74 -36.54
N GLU C 122 -25.77 -35.73 -35.22
CA GLU C 122 -26.14 -34.54 -34.45
C GLU C 122 -25.21 -33.36 -34.73
N CYS C 123 -23.92 -33.63 -35.03
CA CYS C 123 -23.01 -32.54 -35.40
C CYS C 123 -23.44 -31.90 -36.71
N ARG C 124 -23.66 -32.72 -37.75
CA ARG C 124 -24.32 -32.25 -38.97
C ARG C 124 -25.50 -31.35 -38.61
N LYS C 125 -26.48 -31.90 -37.88
CA LYS C 125 -27.72 -31.18 -37.61
C LYS C 125 -27.48 -29.84 -36.94
N GLN C 126 -26.49 -29.76 -36.04
CA GLN C 126 -26.32 -28.59 -35.19
C GLN C 126 -25.21 -27.66 -35.65
N GLY C 127 -24.53 -27.97 -36.75
CA GLY C 127 -23.51 -27.07 -37.26
C GLY C 127 -22.19 -27.12 -36.53
N ILE C 128 -21.80 -28.28 -36.03
CA ILE C 128 -20.55 -28.48 -35.32
C ILE C 128 -19.70 -29.44 -36.12
N ARG C 129 -18.41 -29.15 -36.25
CA ARG C 129 -17.51 -29.98 -37.04
C ARG C 129 -16.96 -31.14 -36.20
N LEU C 130 -16.64 -32.24 -36.87
CA LEU C 130 -16.30 -33.50 -36.21
C LEU C 130 -14.89 -33.94 -36.59
N HIS C 131 -14.06 -34.15 -35.56
CA HIS C 131 -12.68 -34.62 -35.66
C HIS C 131 -12.57 -35.96 -34.95
N LEU C 132 -11.73 -36.85 -35.49
CA LEU C 132 -11.62 -38.21 -35.00
C LEU C 132 -10.21 -38.48 -34.51
N TYR C 133 -10.09 -38.88 -33.25
CA TYR C 133 -8.84 -39.32 -32.64
C TYR C 133 -8.64 -40.79 -32.95
N TYR C 134 -7.41 -41.13 -33.33
CA TYR C 134 -7.05 -42.50 -33.68
C TYR C 134 -5.69 -42.84 -33.09
N SER C 135 -5.62 -43.99 -32.43
CA SER C 135 -4.43 -44.42 -31.73
C SER C 135 -3.56 -45.31 -32.62
N HIS C 136 -2.34 -44.86 -32.89
CA HIS C 136 -1.35 -45.75 -33.49
C HIS C 136 -1.01 -46.90 -32.55
N LEU C 137 -1.10 -46.67 -31.24
CA LEU C 137 -0.74 -47.68 -30.23
C LEU C 137 -1.90 -48.62 -29.98
N ASP C 138 -1.57 -49.88 -29.72
CA ASP C 138 -2.55 -50.91 -29.42
C ASP C 138 -1.98 -51.83 -28.35
N TRP C 139 -2.69 -51.96 -27.23
CA TRP C 139 -2.27 -52.79 -26.12
C TRP C 139 -2.87 -54.18 -26.15
N ARG C 140 -3.83 -54.43 -27.04
CA ARG C 140 -4.55 -55.71 -27.11
C ARG C 140 -4.11 -56.58 -28.27
N ARG C 141 -3.88 -56.00 -29.45
CA ARG C 141 -3.64 -56.80 -30.64
C ARG C 141 -2.23 -57.39 -30.59
N ASP C 142 -2.11 -58.66 -30.96
CA ASP C 142 -0.82 -59.34 -30.94
C ASP C 142 0.01 -59.07 -32.19
N ASP C 143 -0.55 -58.42 -33.21
CA ASP C 143 0.23 -58.02 -34.37
C ASP C 143 0.86 -56.63 -34.21
N TYR C 144 0.72 -56.03 -33.01
CA TYR C 144 1.54 -54.88 -32.61
C TYR C 144 2.85 -55.46 -32.06
N TYR C 145 3.73 -55.90 -32.98
CA TYR C 145 4.97 -56.60 -32.63
C TYR C 145 6.11 -56.10 -33.51
N PRO C 146 7.33 -55.88 -32.96
CA PRO C 146 7.80 -56.10 -31.57
C PRO C 146 7.02 -55.13 -30.73
N LEU C 147 6.86 -55.32 -29.43
CA LEU C 147 6.05 -54.28 -28.77
C LEU C 147 6.78 -52.95 -28.83
N GLY C 148 6.04 -51.85 -28.59
CA GLY C 148 6.79 -50.62 -28.43
C GLY C 148 7.28 -50.59 -27.00
N ARG C 149 7.20 -49.48 -26.31
CA ARG C 149 7.86 -49.67 -25.03
C ARG C 149 6.90 -50.53 -24.21
N THR C 150 5.59 -50.21 -24.41
CA THR C 150 4.56 -50.18 -23.36
C THR C 150 3.71 -51.40 -23.52
N GLY C 151 3.04 -51.75 -22.44
CA GLY C 151 1.94 -52.63 -22.59
C GLY C 151 2.19 -54.11 -22.60
N LYS C 152 3.38 -54.59 -22.47
CA LYS C 152 3.34 -56.01 -22.43
C LYS C 152 3.28 -56.46 -20.97
N GLY C 153 2.46 -55.75 -20.20
CA GLY C 153 2.10 -56.19 -18.89
C GLY C 153 0.65 -56.60 -19.04
N THR C 154 0.16 -56.61 -20.28
CA THR C 154 -1.22 -56.93 -20.59
C THR C 154 -1.45 -58.38 -21.03
N GLY C 155 -0.48 -59.27 -20.88
CA GLY C 155 -0.76 -60.69 -21.02
C GLY C 155 -0.89 -61.25 -22.42
N ARG C 156 -0.43 -60.54 -23.45
CA ARG C 156 -0.39 -61.11 -24.79
C ARG C 156 0.67 -62.21 -24.87
N THR C 157 0.31 -63.34 -25.49
CA THR C 157 1.23 -64.47 -25.61
C THR C 157 1.26 -65.05 -27.03
N THR C 158 0.95 -64.24 -28.06
CA THR C 158 1.02 -64.64 -29.47
C THR C 158 1.58 -63.48 -30.29
N GLN C 159 2.04 -63.77 -31.52
CA GLN C 159 2.80 -62.81 -32.33
C GLN C 159 2.35 -62.66 -33.79
N GLY C 160 2.43 -61.42 -34.31
CA GLY C 160 2.51 -61.17 -35.73
C GLY C 160 3.38 -60.01 -36.23
N LYS C 161 3.27 -59.87 -37.52
CA LYS C 161 3.86 -58.85 -38.32
C LYS C 161 2.89 -57.69 -38.28
N TRP C 162 3.57 -56.55 -38.20
CA TRP C 162 3.28 -55.15 -38.13
C TRP C 162 2.57 -54.74 -39.34
N GLU C 163 2.94 -55.40 -40.41
CA GLU C 163 2.34 -55.20 -41.70
C GLU C 163 0.95 -55.68 -41.55
N ASP C 164 0.67 -56.69 -40.73
CA ASP C 164 -0.75 -57.01 -40.67
C ASP C 164 -1.49 -55.92 -39.94
N TYR C 165 -0.87 -55.35 -38.90
CA TYR C 165 -1.47 -54.27 -38.10
C TYR C 165 -1.58 -52.96 -38.90
N CYS C 166 -0.62 -52.66 -39.76
CA CYS C 166 -0.69 -51.50 -40.63
C CYS C 166 -1.88 -51.64 -41.57
N ALA C 167 -2.11 -52.86 -42.08
CA ALA C 167 -3.31 -53.08 -42.89
C ALA C 167 -4.59 -52.83 -42.09
N PHE C 168 -4.63 -53.32 -40.84
CA PHE C 168 -5.80 -53.10 -39.99
C PHE C 168 -6.07 -51.59 -39.81
N MET C 169 -5.02 -50.84 -39.47
CA MET C 169 -5.15 -49.40 -39.30
C MET C 169 -5.68 -48.75 -40.56
N ASN C 170 -5.11 -49.13 -41.72
CA ASN C 170 -5.53 -48.51 -42.98
C ASN C 170 -7.00 -48.73 -43.26
N ASN C 171 -7.50 -49.96 -43.07
CA ASN C 171 -8.90 -50.18 -43.46
C ASN C 171 -9.83 -49.48 -42.45
N GLN C 172 -9.44 -49.44 -41.17
CA GLN C 172 -10.28 -48.70 -40.21
C GLN C 172 -10.33 -47.22 -40.57
N LEU C 173 -9.18 -46.65 -40.99
CA LEU C 173 -9.19 -45.28 -41.46
C LEU C 173 -10.11 -45.11 -42.67
N THR C 174 -10.04 -46.05 -43.62
CA THR C 174 -10.97 -45.99 -44.75
C THR C 174 -12.41 -45.93 -44.26
N GLU C 175 -12.74 -46.78 -43.30
CA GLU C 175 -14.10 -46.80 -42.75
C GLU C 175 -14.49 -45.44 -42.18
N LEU C 176 -13.62 -44.87 -41.35
CA LEU C 176 -13.99 -43.63 -40.66
C LEU C 176 -14.16 -42.47 -41.63
N LEU C 177 -13.44 -42.49 -42.75
CA LEU C 177 -13.50 -41.43 -43.74
C LEU C 177 -14.54 -41.68 -44.81
N THR C 178 -15.36 -42.72 -44.69
CA THR C 178 -16.30 -43.07 -45.75
C THR C 178 -17.75 -43.15 -45.31
N ASN C 179 -18.04 -43.59 -44.09
CA ASN C 179 -19.41 -43.92 -43.71
C ASN C 179 -19.99 -42.97 -42.66
N TYR C 180 -19.37 -41.81 -42.44
CA TYR C 180 -19.71 -40.96 -41.30
C TYR C 180 -19.78 -39.48 -41.65
N GLY C 181 -20.30 -39.13 -42.85
CA GLY C 181 -20.30 -37.74 -43.34
C GLY C 181 -18.82 -37.48 -43.60
N LEU C 182 -18.40 -36.22 -43.80
CA LEU C 182 -16.95 -36.00 -43.81
C LEU C 182 -16.52 -35.09 -42.65
N ILE C 183 -15.21 -35.18 -42.45
CA ILE C 183 -14.54 -35.26 -41.18
C ILE C 183 -13.55 -34.12 -41.13
N GLY C 184 -13.64 -33.28 -40.11
CA GLY C 184 -12.79 -32.10 -40.07
C GLY C 184 -11.33 -32.44 -39.94
N ALA C 185 -11.00 -33.51 -39.22
CA ALA C 185 -9.60 -33.81 -38.97
C ALA C 185 -9.43 -35.22 -38.42
N ILE C 186 -8.24 -35.77 -38.64
CA ILE C 186 -7.78 -37.01 -38.01
C ILE C 186 -6.63 -36.64 -37.08
N TRP C 187 -6.71 -37.13 -35.84
CA TRP C 187 -5.85 -36.76 -34.72
C TRP C 187 -5.14 -38.03 -34.26
N PHE C 188 -3.97 -38.29 -34.80
CA PHE C 188 -3.21 -39.48 -34.48
C PHE C 188 -2.50 -39.32 -33.14
N ASP C 189 -2.38 -40.44 -32.42
CA ASP C 189 -1.66 -40.42 -31.14
C ASP C 189 -1.06 -41.78 -30.85
N GLY C 190 0.13 -41.77 -30.27
CA GLY C 190 0.73 -42.97 -29.70
C GLY C 190 2.04 -43.42 -30.33
N MET C 191 2.50 -42.80 -31.42
CA MET C 191 3.72 -43.30 -32.04
C MET C 191 4.95 -43.06 -31.18
N TRP C 192 4.87 -42.15 -30.21
CA TRP C 192 5.94 -41.98 -29.23
C TRP C 192 6.23 -43.25 -28.44
N ASP C 193 5.41 -44.30 -28.57
CA ASP C 193 5.64 -45.51 -27.80
C ASP C 193 6.93 -46.20 -28.21
N LYS C 194 7.28 -46.15 -29.49
CA LYS C 194 8.46 -46.84 -30.01
C LYS C 194 9.67 -45.92 -30.09
N ASP C 195 9.65 -44.80 -29.37
CA ASP C 195 10.83 -43.94 -29.31
C ASP C 195 11.98 -44.55 -28.54
N ILE C 196 11.85 -45.80 -28.09
CA ILE C 196 13.00 -46.51 -27.52
C ILE C 196 13.86 -47.14 -28.60
N TYR C 197 13.25 -47.53 -29.75
CA TYR C 197 13.98 -48.16 -30.84
C TYR C 197 14.63 -47.09 -31.71
N PRO C 198 15.77 -47.40 -32.34
CA PRO C 198 16.52 -46.33 -33.04
C PRO C 198 15.76 -45.58 -34.13
N ASP C 199 15.06 -46.27 -35.03
CA ASP C 199 14.25 -45.60 -36.05
C ASP C 199 12.77 -45.68 -35.67
N GLY C 200 12.47 -45.58 -34.39
CA GLY C 200 11.13 -45.85 -33.90
C GLY C 200 10.16 -44.72 -34.08
N MET C 201 10.65 -43.52 -34.39
CA MET C 201 9.82 -42.34 -34.59
C MET C 201 9.91 -41.84 -36.04
N THR C 202 10.22 -42.75 -36.96
CA THR C 202 10.28 -42.43 -38.40
C THR C 202 8.95 -42.81 -39.04
N ALA C 203 8.61 -42.13 -40.14
CA ALA C 203 7.32 -42.36 -40.79
C ALA C 203 7.17 -43.78 -41.37
N LYS C 204 8.27 -44.39 -41.82
CA LYS C 204 8.26 -45.66 -42.54
C LYS C 204 8.10 -46.86 -41.63
N THR C 205 8.66 -46.85 -40.42
CA THR C 205 8.26 -47.88 -39.48
C THR C 205 6.75 -47.75 -39.17
N TRP C 206 6.26 -46.52 -39.08
CA TRP C 206 4.88 -46.24 -38.69
C TRP C 206 3.93 -46.04 -39.87
N ASN C 207 4.40 -46.20 -41.10
CA ASN C 207 3.53 -46.17 -42.29
C ASN C 207 2.80 -44.84 -42.44
N LEU C 208 3.41 -43.74 -42.02
CA LEU C 208 2.71 -42.47 -41.95
C LEU C 208 2.33 -41.95 -43.33
N ASN C 209 3.23 -42.09 -44.31
CA ASN C 209 2.95 -41.52 -45.63
C ASN C 209 1.75 -42.20 -46.29
N GLU C 210 1.69 -43.53 -46.23
CA GLU C 210 0.54 -44.23 -46.82
C GLU C 210 -0.76 -43.78 -46.18
N GLN C 211 -0.79 -43.71 -44.84
CA GLN C 211 -2.01 -43.31 -44.15
C GLN C 211 -2.39 -41.87 -44.50
N TYR C 212 -1.41 -40.97 -44.50
CA TYR C 212 -1.70 -39.57 -44.82
C TYR C 212 -2.22 -39.44 -46.24
N THR C 213 -1.59 -40.14 -47.19
CA THR C 213 -2.01 -40.07 -48.58
C THR C 213 -3.42 -40.59 -48.76
N LEU C 214 -3.75 -41.72 -48.11
CA LEU C 214 -5.10 -42.24 -48.23
C LEU C 214 -6.10 -41.29 -47.61
N ILE C 215 -5.78 -40.76 -46.43
CA ILE C 215 -6.67 -39.80 -45.78
C ILE C 215 -7.00 -38.66 -46.75
N HIS C 216 -5.96 -38.04 -47.33
CA HIS C 216 -6.16 -36.85 -48.16
C HIS C 216 -6.80 -37.15 -49.50
N ARG C 217 -6.64 -38.38 -49.99
CA ARG C 217 -7.36 -38.83 -51.16
C ARG C 217 -8.85 -38.99 -50.88
N LEU C 218 -9.18 -39.53 -49.72
CA LEU C 218 -10.59 -39.75 -49.42
C LEU C 218 -11.27 -38.44 -49.06
N GLN C 219 -10.56 -37.59 -48.31
CA GLN C 219 -11.11 -36.32 -47.83
C GLN C 219 -10.00 -35.27 -47.90
N PRO C 220 -9.82 -34.61 -49.04
CA PRO C 220 -8.66 -33.71 -49.16
C PRO C 220 -8.70 -32.55 -48.19
N ALA C 221 -9.88 -32.09 -47.78
CA ALA C 221 -9.97 -31.00 -46.83
C ALA C 221 -9.76 -31.44 -45.40
N CYS C 222 -9.65 -32.74 -45.15
CA CYS C 222 -9.43 -33.22 -43.79
C CYS C 222 -8.01 -32.86 -43.34
N LEU C 223 -7.91 -32.24 -42.18
CA LEU C 223 -6.61 -31.91 -41.61
C LEU C 223 -6.06 -33.12 -40.85
N ILE C 224 -4.74 -33.24 -40.85
CA ILE C 224 -4.07 -34.35 -40.17
C ILE C 224 -3.17 -33.77 -39.09
N GLY C 225 -3.30 -34.28 -37.88
CA GLY C 225 -2.36 -33.98 -36.81
C GLY C 225 -1.86 -35.25 -36.20
N ASN C 226 -0.66 -35.17 -35.60
CA ASN C 226 -0.01 -36.31 -34.95
C ASN C 226 0.67 -35.83 -33.69
N ASN C 227 0.23 -36.34 -32.54
CA ASN C 227 0.73 -35.92 -31.24
C ASN C 227 2.03 -36.65 -30.90
N HIS C 228 3.07 -36.38 -31.70
CA HIS C 228 4.37 -37.00 -31.50
C HIS C 228 5.32 -36.13 -30.68
N HIS C 229 4.93 -34.91 -30.34
CA HIS C 229 5.75 -33.99 -29.53
C HIS C 229 7.04 -33.59 -30.24
N ILE C 230 7.11 -33.74 -31.56
CA ILE C 230 8.32 -33.36 -32.30
C ILE C 230 7.95 -32.48 -33.48
N THR C 231 8.90 -32.29 -34.41
CA THR C 231 8.67 -31.43 -35.56
C THR C 231 7.72 -32.13 -36.53
N PRO C 232 6.67 -31.46 -37.01
CA PRO C 232 5.65 -32.16 -37.81
C PRO C 232 6.22 -32.83 -39.04
N PHE C 233 5.65 -33.98 -39.38
CA PHE C 233 6.01 -34.73 -40.57
C PHE C 233 5.24 -34.21 -41.79
N ALA C 234 5.85 -34.37 -42.95
CA ALA C 234 5.20 -33.96 -44.19
C ALA C 234 3.90 -34.72 -44.39
N GLY C 235 2.81 -33.99 -44.60
CA GLY C 235 1.46 -34.52 -44.70
C GLY C 235 0.57 -34.07 -43.56
N GLU C 236 1.16 -33.74 -42.42
CA GLU C 236 0.38 -33.21 -41.31
C GLU C 236 -0.05 -31.80 -41.64
N ASP C 237 -1.27 -31.45 -41.22
CA ASP C 237 -1.81 -30.13 -41.48
C ASP C 237 -1.91 -29.26 -40.24
N ILE C 238 -1.75 -29.82 -39.03
CA ILE C 238 -1.74 -29.03 -37.81
C ILE C 238 -0.71 -29.60 -36.85
N GLN C 239 -0.26 -28.76 -35.92
CA GLN C 239 0.69 -29.15 -34.89
C GLN C 239 0.05 -29.09 -33.51
N ILE C 240 0.33 -30.11 -32.70
CA ILE C 240 -0.31 -30.32 -31.42
C ILE C 240 0.68 -30.03 -30.31
N PHE C 241 0.21 -29.33 -29.27
CA PHE C 241 0.95 -29.16 -28.02
C PHE C 241 0.11 -29.75 -26.91
N GLU C 242 0.68 -30.74 -26.22
CA GLU C 242 -0.05 -31.48 -25.18
C GLU C 242 0.15 -30.78 -23.85
N ARG C 243 -0.92 -30.20 -23.32
CA ARG C 243 -0.95 -29.63 -21.97
C ARG C 243 0.01 -28.44 -21.83
N ASP C 244 0.25 -27.72 -22.91
CA ASP C 244 1.11 -26.53 -22.84
C ASP C 244 0.79 -25.64 -24.03
N LEU C 245 0.90 -24.34 -23.82
CA LEU C 245 0.78 -23.40 -24.91
C LEU C 245 2.05 -23.45 -25.76
N PRO C 246 1.94 -23.18 -27.06
CA PRO C 246 3.13 -23.21 -27.92
C PRO C 246 4.24 -22.36 -27.30
N GLY C 247 5.44 -22.96 -27.20
CA GLY C 247 6.60 -22.29 -26.65
C GLY C 247 6.79 -22.45 -25.16
N GLU C 248 5.84 -23.04 -24.46
CA GLU C 248 6.00 -23.36 -23.05
C GLU C 248 6.16 -24.86 -22.93
N ASN C 249 6.70 -25.26 -21.79
CA ASN C 249 6.88 -26.65 -21.45
C ASN C 249 6.74 -26.78 -19.92
N LYS C 250 5.82 -25.98 -19.30
CA LYS C 250 5.45 -26.19 -17.88
C LYS C 250 4.94 -27.61 -17.59
N ALA C 251 4.44 -28.34 -18.60
CA ALA C 251 3.96 -29.71 -18.33
C ALA C 251 5.00 -30.78 -18.69
N GLY C 252 6.08 -30.42 -19.36
CA GLY C 252 7.14 -31.35 -19.69
C GLY C 252 6.88 -32.25 -20.88
N LEU C 253 5.76 -32.07 -21.58
CA LEU C 253 5.40 -32.92 -22.71
C LEU C 253 5.64 -32.25 -24.06
N SER C 254 6.35 -31.14 -24.09
CA SER C 254 6.49 -30.38 -25.33
C SER C 254 7.96 -30.05 -25.59
N GLY C 255 8.26 -28.78 -25.86
CA GLY C 255 9.61 -28.38 -26.15
C GLY C 255 9.98 -28.40 -27.62
N GLN C 256 9.09 -28.85 -28.48
CA GLN C 256 9.38 -28.89 -29.91
C GLN C 256 9.24 -27.49 -30.50
N ASP C 257 10.05 -27.21 -31.51
CA ASP C 257 10.02 -25.90 -32.15
C ASP C 257 8.62 -25.62 -32.70
N ILE C 258 8.19 -24.37 -32.62
CA ILE C 258 6.88 -23.99 -33.15
C ILE C 258 6.96 -23.98 -34.66
N SER C 259 6.16 -24.83 -35.31
CA SER C 259 6.15 -24.91 -36.76
C SER C 259 5.32 -23.77 -37.37
N ARG C 260 5.24 -23.79 -38.70
CA ARG C 260 4.51 -22.81 -39.50
C ARG C 260 3.08 -23.27 -39.77
N LEU C 261 2.64 -24.36 -39.16
CA LEU C 261 1.28 -24.88 -39.30
C LEU C 261 0.32 -24.25 -38.29
N PRO C 262 -0.99 -24.44 -38.48
CA PRO C 262 -1.94 -24.08 -37.43
C PRO C 262 -1.66 -24.87 -36.15
N LEU C 263 -1.76 -24.19 -35.01
CA LEU C 263 -1.38 -24.74 -33.72
C LEU C 263 -2.62 -25.06 -32.89
N GLU C 264 -2.55 -26.16 -32.13
CA GLU C 264 -3.63 -26.54 -31.23
C GLU C 264 -3.04 -27.03 -29.93
N THR C 265 -3.42 -26.40 -28.82
CA THR C 265 -3.06 -26.86 -27.48
C THR C 265 -4.23 -27.66 -26.92
N CYS C 266 -3.94 -28.86 -26.41
CA CYS C 266 -4.96 -29.67 -25.75
C CYS C 266 -4.71 -29.73 -24.25
N GLU C 267 -5.80 -29.74 -23.48
CA GLU C 267 -5.73 -29.69 -22.02
C GLU C 267 -6.97 -30.36 -21.44
N THR C 268 -6.87 -30.77 -20.18
CA THR C 268 -7.96 -31.37 -19.44
C THR C 268 -8.64 -30.34 -18.55
N MET C 269 -9.96 -30.48 -18.40
CA MET C 269 -10.72 -29.55 -17.57
C MET C 269 -10.58 -29.90 -16.09
N ASN C 270 -10.64 -31.19 -15.74
CA ASN C 270 -10.09 -31.67 -14.48
C ASN C 270 -8.64 -32.03 -14.78
N GLY C 271 -8.13 -33.13 -14.23
CA GLY C 271 -6.75 -33.47 -14.46
C GLY C 271 -6.46 -34.62 -15.40
N MET C 272 -7.50 -35.32 -15.87
CA MET C 272 -7.32 -36.56 -16.61
C MET C 272 -8.23 -36.57 -17.83
N TRP C 273 -7.80 -37.28 -18.87
CA TRP C 273 -8.52 -37.31 -20.13
C TRP C 273 -9.80 -38.14 -20.01
N GLY C 274 -9.66 -39.41 -19.63
CA GLY C 274 -10.82 -40.23 -19.35
C GLY C 274 -11.46 -39.91 -18.02
N TYR C 275 -12.71 -40.37 -17.86
CA TYR C 275 -13.40 -40.20 -16.60
C TYR C 275 -12.59 -40.82 -15.47
N LYS C 276 -12.40 -40.06 -14.41
CA LYS C 276 -11.68 -40.52 -13.21
C LYS C 276 -12.55 -40.14 -12.01
N ILE C 277 -13.17 -41.12 -11.38
CA ILE C 277 -14.13 -40.81 -10.34
C ILE C 277 -13.48 -40.09 -9.16
N THR C 278 -12.18 -40.30 -8.97
CA THR C 278 -11.49 -39.62 -7.87
C THR C 278 -11.06 -38.21 -8.23
N ASP C 279 -11.17 -37.81 -9.48
CA ASP C 279 -10.71 -36.49 -9.93
C ASP C 279 -11.96 -35.68 -10.27
N GLN C 280 -12.41 -34.89 -9.29
CA GLN C 280 -13.52 -33.96 -9.47
C GLN C 280 -13.07 -32.51 -9.33
N ASP C 281 -11.77 -32.24 -9.49
CA ASP C 281 -11.22 -30.90 -9.32
C ASP C 281 -11.20 -30.20 -10.67
N TYR C 282 -12.35 -29.62 -11.01
CA TYR C 282 -12.51 -28.95 -12.28
C TYR C 282 -12.05 -27.50 -12.19
N LYS C 283 -11.23 -27.10 -13.16
CA LYS C 283 -10.75 -25.72 -13.21
C LYS C 283 -11.92 -24.76 -13.16
N SER C 284 -11.69 -23.61 -12.52
CA SER C 284 -12.75 -22.61 -12.43
C SER C 284 -13.07 -22.05 -13.82
N THR C 285 -14.28 -21.51 -13.96
CA THR C 285 -14.66 -20.88 -15.22
C THR C 285 -13.68 -19.79 -15.59
N LYS C 286 -13.21 -19.01 -14.60
CA LYS C 286 -12.24 -17.97 -14.88
C LYS C 286 -10.97 -18.54 -15.46
N ILE C 287 -10.45 -19.61 -14.85
CA ILE C 287 -9.24 -20.24 -15.36
C ILE C 287 -9.43 -20.72 -16.80
N LEU C 288 -10.59 -21.30 -17.10
CA LEU C 288 -10.82 -21.85 -18.43
C LEU C 288 -10.91 -20.75 -19.48
N ILE C 289 -11.68 -19.69 -19.18
CA ILE C 289 -11.74 -18.55 -20.07
C ILE C 289 -10.34 -17.99 -20.31
N GLN C 290 -9.57 -17.81 -19.24
CA GLN C 290 -8.23 -17.26 -19.39
C GLN C 290 -7.33 -18.20 -20.18
N TYR C 291 -7.55 -19.51 -20.07
CA TYR C 291 -6.77 -20.47 -20.85
C TYR C 291 -7.06 -20.31 -22.33
N LEU C 292 -8.35 -20.20 -22.68
CA LEU C 292 -8.70 -20.00 -24.08
C LEU C 292 -8.12 -18.69 -24.60
N VAL C 293 -8.19 -17.64 -23.80
CA VAL C 293 -7.67 -16.34 -24.25
C VAL C 293 -6.16 -16.40 -24.44
N LYS C 294 -5.45 -17.04 -23.51
CA LYS C 294 -4.00 -17.18 -23.65
C LYS C 294 -3.65 -18.00 -24.88
N ALA C 295 -4.41 -19.07 -25.13
CA ALA C 295 -4.20 -19.86 -26.34
C ALA C 295 -4.34 -19.00 -27.58
N ALA C 296 -5.44 -18.24 -27.66
CA ALA C 296 -5.64 -17.37 -28.81
C ALA C 296 -4.52 -16.35 -28.93
N GLY C 297 -4.02 -15.87 -27.79
CA GLY C 297 -2.95 -14.89 -27.78
C GLY C 297 -1.62 -15.43 -28.25
N LYS C 298 -1.41 -16.75 -28.17
CA LYS C 298 -0.23 -17.37 -28.75
C LYS C 298 -0.48 -17.95 -30.13
N ASN C 299 -1.58 -17.54 -30.78
CA ASN C 299 -1.91 -17.99 -32.13
C ASN C 299 -2.20 -19.48 -32.14
N ALA C 300 -2.90 -19.95 -31.13
CA ALA C 300 -3.18 -21.36 -30.98
C ALA C 300 -4.65 -21.57 -30.66
N ASN C 301 -5.17 -22.72 -31.09
CA ASN C 301 -6.48 -23.18 -30.69
C ASN C 301 -6.39 -23.81 -29.29
N LEU C 302 -7.54 -23.88 -28.63
CA LEU C 302 -7.66 -24.62 -27.37
C LEU C 302 -8.62 -25.77 -27.60
N LEU C 303 -8.13 -26.99 -27.38
CA LEU C 303 -8.94 -28.21 -27.45
C LEU C 303 -9.09 -28.69 -26.01
N MET C 304 -10.25 -28.41 -25.41
CA MET C 304 -10.47 -28.67 -24.00
C MET C 304 -11.28 -29.96 -23.82
N ASN C 305 -10.87 -30.78 -22.87
CA ASN C 305 -11.35 -32.16 -22.77
C ASN C 305 -12.41 -32.34 -21.69
N VAL C 306 -13.33 -33.27 -21.97
CA VAL C 306 -14.23 -33.84 -20.96
C VAL C 306 -14.22 -35.35 -21.12
N GLY C 307 -14.32 -36.07 -20.00
CA GLY C 307 -14.40 -37.52 -20.01
C GLY C 307 -15.76 -38.03 -19.58
N PRO C 308 -16.55 -38.56 -20.51
CA PRO C 308 -17.91 -38.97 -20.17
C PRO C 308 -17.94 -40.11 -19.15
N GLN C 309 -19.02 -40.13 -18.37
CA GLN C 309 -19.24 -41.17 -17.37
C GLN C 309 -19.63 -42.48 -18.05
N PRO C 310 -19.53 -43.60 -17.33
CA PRO C 310 -19.94 -44.88 -17.93
C PRO C 310 -21.46 -45.03 -18.09
N ASN C 311 -22.24 -44.12 -17.54
CA ASN C 311 -23.68 -44.12 -17.81
C ASN C 311 -24.04 -43.34 -19.06
N GLY C 312 -23.08 -42.71 -19.73
CA GLY C 312 -23.30 -42.00 -20.97
C GLY C 312 -23.49 -40.50 -20.83
N GLU C 313 -23.59 -40.00 -19.61
CA GLU C 313 -23.74 -38.56 -19.38
C GLU C 313 -22.38 -37.88 -19.37
N LEU C 314 -22.34 -36.65 -19.88
CA LEU C 314 -21.20 -35.79 -19.66
C LEU C 314 -21.19 -35.32 -18.20
N PRO C 315 -20.03 -35.20 -17.57
CA PRO C 315 -20.00 -34.71 -16.19
C PRO C 315 -20.75 -33.39 -16.06
N THR C 316 -21.64 -33.33 -15.07
CA THR C 316 -22.50 -32.16 -14.91
C THR C 316 -21.70 -30.89 -14.66
N VAL C 317 -20.63 -30.98 -13.85
CA VAL C 317 -19.81 -29.81 -13.60
C VAL C 317 -19.18 -29.31 -14.88
N ALA C 318 -18.77 -30.23 -15.76
CA ALA C 318 -18.21 -29.80 -17.04
C ALA C 318 -19.26 -29.09 -17.89
N VAL C 319 -20.50 -29.57 -17.85
CA VAL C 319 -21.56 -28.91 -18.61
C VAL C 319 -21.80 -27.51 -18.07
N GLN C 320 -21.79 -27.35 -16.75
CA GLN C 320 -21.94 -26.02 -16.16
C GLN C 320 -20.82 -25.09 -16.58
N ARG C 321 -19.56 -25.58 -16.49
CA ARG C 321 -18.43 -24.76 -16.89
C ARG C 321 -18.54 -24.35 -18.37
N LEU C 322 -18.98 -25.27 -19.23
CA LEU C 322 -19.11 -24.95 -20.64
C LEU C 322 -20.21 -23.92 -20.87
N ARG C 323 -21.30 -24.02 -20.11
CA ARG C 323 -22.38 -23.04 -20.22
C ARG C 323 -21.91 -21.66 -19.80
N GLU C 324 -21.05 -21.59 -18.77
CA GLU C 324 -20.56 -20.28 -18.34
C GLU C 324 -19.54 -19.71 -19.31
N MET C 325 -18.70 -20.57 -19.88
CA MET C 325 -17.84 -20.13 -20.97
C MET C 325 -18.67 -19.59 -22.12
N GLY C 326 -19.80 -20.23 -22.42
CA GLY C 326 -20.66 -19.72 -23.49
C GLY C 326 -21.26 -18.38 -23.15
N GLU C 327 -21.65 -18.20 -21.89
CA GLU C 327 -22.14 -16.89 -21.45
C GLU C 327 -21.10 -15.81 -21.67
N TRP C 328 -19.83 -16.13 -21.44
CA TRP C 328 -18.76 -15.16 -21.72
C TRP C 328 -18.57 -14.95 -23.22
N MET C 329 -18.55 -16.05 -23.99
CA MET C 329 -18.38 -15.94 -25.43
C MET C 329 -19.48 -15.12 -26.07
N LYS C 330 -20.70 -15.21 -25.55
CA LYS C 330 -21.81 -14.44 -26.09
C LYS C 330 -21.46 -12.97 -26.19
N ILE C 331 -20.63 -12.47 -25.27
CA ILE C 331 -20.20 -11.09 -25.31
C ILE C 331 -18.88 -10.94 -26.06
N TYR C 332 -17.93 -11.84 -25.84
CA TYR C 332 -16.54 -11.57 -26.21
C TYR C 332 -16.01 -12.43 -27.36
N ALA C 333 -16.83 -13.28 -27.97
CA ALA C 333 -16.30 -14.20 -28.97
C ALA C 333 -15.61 -13.49 -30.12
N PRO C 334 -16.10 -12.35 -30.61
CA PRO C 334 -15.41 -11.69 -31.73
C PRO C 334 -13.98 -11.27 -31.40
N THR C 335 -13.62 -11.19 -30.12
CA THR C 335 -12.27 -10.78 -29.74
C THR C 335 -11.29 -11.95 -29.71
N ILE C 336 -11.74 -13.17 -29.95
N ILE C 336 -11.77 -13.17 -29.92
CA ILE C 336 -10.84 -14.32 -29.97
CA ILE C 336 -10.93 -14.37 -29.88
C ILE C 336 -11.07 -15.14 -31.23
C ILE C 336 -11.09 -15.11 -31.20
N GLN C 337 -12.33 -15.42 -31.56
CA GLN C 337 -12.63 -16.15 -32.78
C GLN C 337 -12.43 -15.23 -33.98
N GLY C 338 -11.88 -15.80 -35.05
CA GLY C 338 -11.56 -15.02 -36.23
C GLY C 338 -10.32 -14.17 -36.11
N THR C 339 -9.56 -14.31 -35.04
CA THR C 339 -8.35 -13.54 -34.79
C THR C 339 -7.13 -14.43 -34.95
N ARG C 340 -5.96 -13.82 -34.83
CA ARG C 340 -4.69 -14.52 -34.79
C ARG C 340 -3.87 -13.96 -33.64
N GLY C 341 -2.76 -14.63 -33.34
CA GLY C 341 -1.86 -14.17 -32.30
C GLY C 341 -1.53 -12.70 -32.46
N GLY C 342 -1.53 -11.95 -31.36
CA GLY C 342 -1.33 -10.53 -31.44
C GLY C 342 0.12 -10.13 -31.60
N VAL C 343 0.33 -8.94 -32.15
CA VAL C 343 1.68 -8.44 -32.42
C VAL C 343 2.46 -8.25 -31.14
N VAL C 344 1.77 -7.90 -30.05
CA VAL C 344 2.38 -7.87 -28.71
C VAL C 344 2.25 -9.27 -28.12
N THR C 345 3.39 -9.94 -27.90
CA THR C 345 3.36 -11.30 -27.42
C THR C 345 3.03 -11.37 -25.93
N PRO C 346 2.65 -12.55 -25.45
CA PRO C 346 2.05 -12.63 -24.10
C PRO C 346 2.97 -12.09 -23.01
N ARG C 347 2.35 -11.40 -22.05
CA ARG C 347 3.02 -10.76 -20.93
C ARG C 347 2.30 -11.18 -19.65
N ASP C 348 2.87 -10.78 -18.50
CA ASP C 348 2.27 -11.16 -17.22
C ASP C 348 0.88 -10.59 -17.04
N TRP C 349 0.60 -9.43 -17.65
CA TRP C 349 -0.71 -8.81 -17.48
C TRP C 349 -1.78 -9.38 -18.39
N GLY C 350 -1.40 -10.05 -19.47
CA GLY C 350 -2.39 -10.55 -20.41
C GLY C 350 -1.78 -10.81 -21.78
N VAL C 351 -2.62 -10.71 -22.79
CA VAL C 351 -2.25 -11.05 -24.16
C VAL C 351 -2.93 -10.09 -25.12
N THR C 352 -2.65 -10.26 -26.42
CA THR C 352 -3.35 -9.54 -27.47
C THR C 352 -3.66 -10.48 -28.63
N THR C 353 -4.80 -10.24 -29.26
CA THR C 353 -5.19 -10.88 -30.52
C THR C 353 -5.42 -9.79 -31.54
N GLN C 354 -5.54 -10.16 -32.82
CA GLN C 354 -5.62 -9.14 -33.85
C GLN C 354 -6.44 -9.61 -35.04
N LYS C 355 -6.97 -8.62 -35.75
CA LYS C 355 -7.82 -8.84 -36.93
C LYS C 355 -7.63 -7.60 -37.79
N GLY C 356 -6.95 -7.74 -38.91
CA GLY C 356 -6.80 -6.59 -39.80
C GLY C 356 -6.08 -5.42 -39.14
N LYS C 357 -6.68 -4.23 -39.07
CA LYS C 357 -6.03 -3.14 -38.36
C LYS C 357 -6.41 -3.05 -36.88
N THR C 358 -7.08 -4.07 -36.33
CA THR C 358 -7.61 -4.03 -34.97
C THR C 358 -6.82 -4.95 -34.04
N LEU C 359 -6.46 -4.42 -32.86
CA LEU C 359 -5.78 -5.17 -31.81
C LEU C 359 -6.69 -5.24 -30.59
N TYR C 360 -7.06 -6.44 -30.20
CA TYR C 360 -7.77 -6.66 -28.95
C TYR C 360 -6.73 -6.93 -27.87
N VAL C 361 -6.76 -6.11 -26.82
CA VAL C 361 -5.87 -6.20 -25.68
C VAL C 361 -6.64 -6.88 -24.56
N HIS C 362 -6.25 -8.11 -24.22
CA HIS C 362 -6.92 -8.90 -23.19
C HIS C 362 -6.11 -8.73 -21.90
N VAL C 363 -6.61 -7.91 -20.98
CA VAL C 363 -5.96 -7.67 -19.70
C VAL C 363 -6.51 -8.69 -18.71
N LEU C 364 -5.67 -9.65 -18.33
CA LEU C 364 -6.09 -10.78 -17.52
C LEU C 364 -5.66 -10.69 -16.07
N ASN C 365 -4.67 -9.86 -15.76
CA ASN C 365 -4.05 -9.86 -14.45
C ASN C 365 -3.31 -8.54 -14.22
N LEU C 366 -4.05 -7.50 -13.87
CA LEU C 366 -3.47 -6.17 -13.73
C LEU C 366 -4.28 -5.39 -12.70
N ASP C 367 -3.57 -4.77 -11.75
CA ASP C 367 -4.20 -3.95 -10.74
C ASP C 367 -3.99 -2.45 -10.95
N ASP C 368 -3.15 -2.04 -11.90
CA ASP C 368 -2.98 -0.62 -12.18
C ASP C 368 -4.12 -0.11 -13.07
N LYS C 369 -4.24 1.22 -13.10
CA LYS C 369 -5.19 1.90 -13.98
C LYS C 369 -4.52 2.40 -15.25
N ALA C 370 -3.35 1.87 -15.58
CA ALA C 370 -2.64 2.21 -16.80
C ALA C 370 -1.93 0.96 -17.30
N LEU C 371 -1.58 0.96 -18.57
CA LEU C 371 -0.93 -0.20 -19.17
C LEU C 371 -0.01 0.25 -20.29
N PHE C 372 1.25 -0.19 -20.22
CA PHE C 372 2.22 0.07 -21.27
C PHE C 372 2.24 -1.07 -22.28
N LEU C 373 2.19 -0.71 -23.56
CA LEU C 373 2.25 -1.64 -24.67
C LEU C 373 3.50 -1.33 -25.48
N PRO C 374 4.46 -2.27 -25.58
CA PRO C 374 5.68 -2.05 -26.37
C PRO C 374 5.42 -2.36 -27.85
N TYR C 375 4.84 -1.39 -28.55
CA TYR C 375 4.58 -1.50 -29.97
C TYR C 375 4.71 -0.12 -30.57
N ALA C 376 5.45 -0.01 -31.67
CA ALA C 376 5.70 1.26 -32.33
C ALA C 376 5.74 1.05 -33.84
N GLY C 377 5.57 2.15 -34.56
CA GLY C 377 5.59 2.12 -36.01
C GLY C 377 4.23 2.06 -36.66
N ASN C 378 3.15 2.13 -35.88
CA ASN C 378 1.80 2.09 -36.41
C ASN C 378 0.98 3.11 -35.61
N LYS C 379 0.56 4.18 -36.27
CA LYS C 379 -0.25 5.21 -35.61
C LYS C 379 -1.50 4.59 -35.01
N LEU C 380 -1.65 4.74 -33.69
CA LEU C 380 -2.88 4.37 -33.00
C LEU C 380 -3.94 5.42 -33.32
N LYS C 381 -5.06 4.98 -33.89
CA LYS C 381 -6.10 5.92 -34.30
C LYS C 381 -7.29 5.95 -33.36
N SER C 382 -7.48 4.91 -32.54
CA SER C 382 -8.51 4.98 -31.51
C SER C 382 -8.33 3.81 -30.56
N ALA C 383 -8.86 3.97 -29.35
CA ALA C 383 -8.86 2.92 -28.34
C ALA C 383 -10.16 3.01 -27.54
N VAL C 384 -10.87 1.90 -27.41
CA VAL C 384 -12.11 1.87 -26.63
C VAL C 384 -12.18 0.59 -25.82
N GLU C 385 -13.07 0.57 -24.83
CA GLU C 385 -13.40 -0.66 -24.14
C GLU C 385 -14.32 -1.50 -25.02
N TYR C 386 -14.00 -2.77 -25.20
CA TYR C 386 -14.75 -3.58 -26.15
C TYR C 386 -16.21 -3.73 -25.75
N GLN C 387 -16.48 -3.93 -24.46
CA GLN C 387 -17.86 -4.17 -24.03
C GLN C 387 -18.64 -2.87 -23.95
N SER C 388 -18.16 -1.92 -23.14
CA SER C 388 -18.91 -0.69 -22.92
C SER C 388 -18.85 0.25 -24.11
N ARG C 389 -17.78 0.16 -24.90
CA ARG C 389 -17.50 1.00 -26.06
C ARG C 389 -17.06 2.41 -25.65
N LYS C 390 -16.88 2.66 -24.36
CA LYS C 390 -16.31 3.91 -23.90
C LYS C 390 -14.88 4.07 -24.40
N SER C 391 -14.47 5.32 -24.62
CA SER C 391 -13.12 5.59 -25.10
C SER C 391 -12.12 5.53 -23.95
N VAL C 392 -10.90 5.13 -24.29
CA VAL C 392 -9.79 4.95 -23.36
C VAL C 392 -8.70 5.96 -23.66
N ARG C 393 -8.21 6.60 -22.62
CA ARG C 393 -7.12 7.53 -22.87
C ARG C 393 -5.91 6.78 -23.51
N PHE C 394 -5.18 7.44 -24.39
CA PHE C 394 -3.89 6.86 -24.75
C PHE C 394 -2.87 7.94 -25.08
N ILE C 395 -1.59 7.57 -24.87
CA ILE C 395 -0.42 8.38 -25.19
C ILE C 395 0.52 7.51 -26.00
N GLN C 396 0.97 7.98 -27.16
CA GLN C 396 1.85 7.20 -28.01
C GLN C 396 3.10 7.97 -28.43
N ASP C 397 4.27 7.31 -28.35
CA ASP C 397 5.50 7.89 -28.88
C ASP C 397 6.34 6.77 -29.48
N ARG C 398 7.46 7.12 -30.12
CA ARG C 398 8.32 6.12 -30.76
C ARG C 398 8.89 5.12 -29.73
N ASP C 399 8.59 5.32 -28.43
CA ASP C 399 8.94 4.33 -27.40
C ASP C 399 7.83 3.34 -27.06
N GLY C 400 6.57 3.60 -27.42
CA GLY C 400 5.47 2.70 -27.16
C GLY C 400 4.19 3.45 -26.83
N ILE C 401 3.21 2.72 -26.30
CA ILE C 401 1.88 3.24 -26.03
C ILE C 401 1.56 3.07 -24.55
N LEU C 402 0.90 4.07 -23.96
CA LEU C 402 0.40 4.02 -22.59
C LEU C 402 -1.11 4.26 -22.63
N LEU C 403 -1.88 3.22 -22.29
CA LEU C 403 -3.32 3.35 -22.12
C LEU C 403 -3.62 3.68 -20.66
N LYS C 404 -4.63 4.51 -20.45
CA LYS C 404 -5.04 4.90 -19.11
C LYS C 404 -6.52 4.56 -18.95
N PHE C 405 -6.85 3.90 -17.86
CA PHE C 405 -8.19 3.40 -17.64
C PHE C 405 -8.88 4.24 -16.59
N THR C 406 -10.18 4.48 -16.79
CA THR C 406 -10.91 5.23 -15.78
C THR C 406 -10.96 4.43 -14.49
N ASP C 407 -11.12 3.11 -14.61
CA ASP C 407 -11.16 2.16 -13.50
C ASP C 407 -10.17 1.02 -13.68
N LYS C 408 -10.24 0.16 -12.66
CA LYS C 408 -9.20 -0.74 -12.23
C LYS C 408 -9.52 -2.23 -12.35
N PRO C 409 -8.79 -2.94 -13.21
CA PRO C 409 -9.47 -3.79 -14.19
C PRO C 409 -10.28 -4.91 -13.57
N HIS C 410 -11.40 -5.22 -14.24
CA HIS C 410 -12.30 -6.28 -13.81
C HIS C 410 -11.86 -7.63 -14.37
N SER C 411 -12.40 -8.68 -13.78
CA SER C 411 -12.20 -10.06 -14.20
C SER C 411 -13.39 -10.56 -15.02
N PRO C 412 -13.22 -11.65 -15.77
CA PRO C 412 -11.96 -12.38 -15.96
C PRO C 412 -11.08 -11.81 -17.08
N ASP C 413 -11.57 -10.82 -17.85
CA ASP C 413 -10.80 -10.31 -18.98
C ASP C 413 -11.27 -8.91 -19.30
N TYR C 414 -10.40 -7.92 -19.12
CA TYR C 414 -10.68 -6.54 -19.47
C TYR C 414 -10.15 -6.31 -20.89
N VAL C 415 -11.05 -6.20 -21.85
CA VAL C 415 -10.69 -6.21 -23.27
C VAL C 415 -10.80 -4.80 -23.83
N LEU C 416 -9.73 -4.34 -24.47
CA LEU C 416 -9.71 -3.06 -25.17
C LEU C 416 -9.59 -3.31 -26.67
N GLU C 417 -10.35 -2.56 -27.46
CA GLU C 417 -10.27 -2.60 -28.91
C GLU C 417 -9.49 -1.37 -29.38
N LEU C 418 -8.31 -1.60 -29.94
CA LEU C 418 -7.45 -0.56 -30.46
C LEU C 418 -7.49 -0.65 -31.98
N THR C 419 -7.71 0.49 -32.63
CA THR C 419 -7.77 0.55 -34.08
C THR C 419 -6.59 1.38 -34.58
N PHE C 420 -5.82 0.79 -35.48
CA PHE C 420 -4.55 1.33 -35.96
C PHE C 420 -4.64 1.83 -37.41
N ALA C 421 -3.63 2.59 -37.82
CA ALA C 421 -3.60 3.22 -39.14
C ALA C 421 -3.17 2.26 -40.26
N ASN C 422 -2.25 1.36 -39.98
CA ASN C 422 -1.87 0.30 -40.90
C ASN C 422 -2.26 -1.02 -40.25
N GLU C 423 -2.51 -2.05 -41.08
CA GLU C 423 -2.98 -3.30 -40.51
C GLU C 423 -1.86 -4.29 -40.24
N LEU C 424 -2.08 -5.13 -39.23
CA LEU C 424 -1.02 -5.52 -38.31
C LEU C 424 -0.33 -6.80 -38.80
N PRO C 425 0.98 -6.91 -38.54
CA PRO C 425 1.78 -8.00 -39.13
C PRO C 425 1.62 -9.30 -38.36
N LEU C 426 1.97 -10.40 -39.03
CA LEU C 426 1.89 -11.74 -38.44
C LEU C 426 3.14 -12.48 -38.81
N ASN C 427 3.86 -13.02 -37.84
CA ASN C 427 5.15 -12.64 -38.33
C ASN C 427 5.52 -13.85 -39.13
N GLY D 6 14.98 67.33 13.52
CA GLY D 6 15.86 66.30 13.02
C GLY D 6 15.16 65.30 12.12
N TYR D 7 15.40 64.01 12.34
CA TYR D 7 14.87 62.95 11.50
C TYR D 7 13.60 62.38 12.11
N THR D 8 12.51 62.46 11.34
CA THR D 8 11.26 61.77 11.67
C THR D 8 10.96 60.98 10.40
N PRO D 9 10.92 59.65 10.45
CA PRO D 9 10.80 58.90 9.19
C PRO D 9 9.44 59.09 8.54
N SER D 10 9.44 59.12 7.21
CA SER D 10 8.20 59.25 6.46
C SER D 10 7.29 58.06 6.75
N ALA D 11 6.03 58.17 6.31
CA ALA D 11 5.09 57.08 6.54
C ALA D 11 5.43 55.87 5.68
N ASP D 12 5.76 56.09 4.40
CA ASP D 12 6.20 54.99 3.55
C ASP D 12 7.41 54.28 4.14
N ASN D 13 8.31 55.03 4.80
CA ASN D 13 9.47 54.41 5.41
C ASN D 13 9.07 53.49 6.57
N LEU D 14 8.10 53.90 7.39
CA LEU D 14 7.64 53.04 8.48
C LEU D 14 6.95 51.79 7.93
N LYS D 15 6.14 51.97 6.89
CA LYS D 15 5.56 50.83 6.19
C LYS D 15 6.66 49.86 5.74
N ALA D 16 7.72 50.42 5.16
CA ALA D 16 8.85 49.61 4.71
C ALA D 16 9.54 48.91 5.87
N ARG D 17 9.65 49.59 7.02
CA ARG D 17 10.26 48.97 8.19
C ARG D 17 9.46 47.75 8.63
N GLU D 18 8.14 47.89 8.69
CA GLU D 18 7.31 46.78 9.13
C GLU D 18 7.35 45.64 8.11
N THR D 19 7.36 45.98 6.82
CA THR D 19 7.48 44.93 5.79
C THR D 19 8.83 44.21 5.90
N PHE D 20 9.91 44.96 6.09
CA PHE D 20 11.23 44.36 6.27
C PHE D 20 11.22 43.37 7.42
N GLN D 21 10.67 43.77 8.57
CA GLN D 21 10.61 42.85 9.70
C GLN D 21 9.71 41.65 9.38
N ASP D 22 8.64 41.86 8.61
CA ASP D 22 7.79 40.75 8.19
C ASP D 22 8.56 39.74 7.35
N ASP D 23 9.42 40.21 6.44
CA ASP D 23 10.07 39.31 5.49
C ASP D 23 11.11 38.43 6.17
N LYS D 24 11.86 39.00 7.12
CA LYS D 24 12.73 38.24 8.02
C LYS D 24 13.96 37.59 7.40
N PHE D 25 14.02 37.43 6.08
CA PHE D 25 15.03 36.57 5.48
C PHE D 25 15.43 37.11 4.11
N GLY D 26 16.71 37.47 3.98
CA GLY D 26 17.25 37.93 2.72
C GLY D 26 18.59 37.27 2.43
N ILE D 27 19.06 37.46 1.21
CA ILE D 27 20.32 36.87 0.75
C ILE D 27 21.33 37.97 0.47
N PHE D 28 22.52 37.84 1.08
CA PHE D 28 23.65 38.73 0.83
C PHE D 28 24.45 38.21 -0.36
N ILE D 29 24.93 39.13 -1.19
CA ILE D 29 25.77 38.78 -2.33
C ILE D 29 26.97 39.71 -2.37
N HIS D 30 28.16 39.14 -2.16
CA HIS D 30 29.44 39.84 -2.29
C HIS D 30 30.05 39.36 -3.60
N TRP D 31 30.02 40.21 -4.64
CA TRP D 31 30.55 39.83 -5.94
C TRP D 31 31.38 40.98 -6.51
N GLY D 32 32.54 40.63 -7.05
CA GLY D 32 33.41 41.61 -7.66
C GLY D 32 34.54 40.91 -8.39
N ILE D 33 35.50 41.72 -8.86
CA ILE D 33 36.63 41.12 -9.57
C ILE D 33 37.52 40.35 -8.62
N TYR D 34 37.45 40.61 -7.32
CA TYR D 34 38.19 39.79 -6.36
C TYR D 34 37.81 38.32 -6.49
N SER D 35 36.61 38.02 -7.00
N SER D 35 36.61 38.04 -7.00
CA SER D 35 36.20 36.63 -7.16
CA SER D 35 36.18 36.66 -7.19
C SER D 35 37.03 35.87 -8.17
C SER D 35 37.16 35.88 -8.06
N MET D 36 37.82 36.55 -9.01
CA MET D 36 38.79 35.84 -9.83
C MET D 36 39.93 35.28 -8.97
N LEU D 37 40.43 36.08 -8.01
CA LEU D 37 41.53 35.62 -7.17
C LEU D 37 41.06 34.57 -6.17
N ALA D 38 39.78 34.63 -5.78
CA ALA D 38 39.15 33.59 -4.96
C ALA D 38 39.87 33.39 -3.63
N ASP D 39 40.27 34.50 -3.01
CA ASP D 39 40.87 34.48 -1.68
C ASP D 39 40.18 35.48 -0.77
N GLY D 40 38.89 35.69 -0.98
CA GLY D 40 38.10 36.62 -0.19
C GLY D 40 38.11 38.03 -0.75
N GLU D 41 37.12 38.81 -0.30
CA GLU D 41 36.96 40.16 -0.80
C GLU D 41 37.98 41.14 -0.25
N TRP D 42 38.69 40.77 0.82
CA TRP D 42 39.67 41.65 1.44
C TRP D 42 41.07 41.47 0.86
N VAL D 43 41.20 40.70 -0.23
CA VAL D 43 42.51 40.27 -0.69
C VAL D 43 43.38 41.45 -1.10
N MET D 44 42.76 42.52 -1.61
CA MET D 44 43.55 43.67 -2.04
C MET D 44 44.38 44.23 -0.89
N HIS D 45 43.78 44.35 0.29
CA HIS D 45 44.51 44.85 1.45
C HIS D 45 45.31 43.75 2.13
N ASN D 46 44.73 42.55 2.25
CA ASN D 46 45.39 41.47 3.00
C ASN D 46 46.75 41.14 2.41
N LYS D 47 46.83 41.03 1.08
CA LYS D 47 48.09 40.72 0.41
C LYS D 47 48.78 41.97 -0.13
N ASN D 48 48.29 43.16 0.23
CA ASN D 48 48.92 44.44 -0.12
C ASN D 48 49.20 44.55 -1.61
N LEU D 49 48.17 44.36 -2.41
CA LEU D 49 48.30 44.39 -3.86
C LEU D 49 48.25 45.82 -4.39
N ASN D 50 49.15 46.13 -5.31
CA ASN D 50 49.19 47.44 -5.94
C ASN D 50 47.88 47.72 -6.68
N TRP D 51 47.38 48.95 -6.53
CA TRP D 51 46.08 49.30 -7.11
C TRP D 51 46.10 49.15 -8.63
N GLU D 52 47.22 49.49 -9.27
CA GLU D 52 47.29 49.39 -10.73
C GLU D 52 47.27 47.94 -11.18
N GLU D 53 48.07 47.09 -10.52
CA GLU D 53 48.16 45.68 -10.89
C GLU D 53 46.84 44.96 -10.61
N TYR D 54 46.23 45.22 -9.45
CA TYR D 54 44.92 44.67 -9.15
C TYR D 54 43.88 45.12 -10.17
N ALA D 55 43.92 46.40 -10.54
CA ALA D 55 42.98 46.91 -11.55
C ALA D 55 43.17 46.21 -12.89
N LYS D 56 44.39 45.75 -13.17
CA LYS D 56 44.60 45.05 -14.42
C LYS D 56 43.75 43.78 -14.55
N LEU D 57 43.19 43.27 -13.46
CA LEU D 57 42.36 42.07 -13.56
C LEU D 57 41.02 42.31 -14.26
N ALA D 58 40.53 43.56 -14.26
CA ALA D 58 39.20 43.81 -14.80
C ALA D 58 39.08 43.39 -16.26
N SER D 59 40.14 43.55 -17.04
CA SER D 59 40.10 43.23 -18.45
C SER D 59 40.11 41.73 -18.73
N GLY D 60 40.07 40.89 -17.70
CA GLY D 60 39.96 39.45 -17.90
C GLY D 60 38.75 38.86 -17.20
N PHE D 61 37.88 39.72 -16.70
CA PHE D 61 36.67 39.31 -16.00
C PHE D 61 35.57 39.07 -17.02
N TYR D 62 35.11 37.82 -17.11
CA TYR D 62 34.08 37.43 -18.09
C TYR D 62 33.25 36.33 -17.48
N PRO D 63 32.36 36.66 -16.53
CA PRO D 63 31.48 35.64 -15.94
C PRO D 63 30.42 35.19 -16.93
N ALA D 64 30.83 34.35 -17.89
CA ALA D 64 29.98 34.05 -19.03
C ALA D 64 28.72 33.28 -18.64
N LYS D 65 28.78 32.51 -17.55
CA LYS D 65 27.65 31.68 -17.14
C LYS D 65 26.67 32.44 -16.26
N PHE D 66 26.87 33.74 -16.08
CA PHE D 66 25.94 34.55 -15.32
C PHE D 66 24.56 34.56 -15.98
N ASN D 67 23.53 34.44 -15.14
CA ASN D 67 22.15 34.48 -15.62
C ASN D 67 21.32 35.07 -14.47
N ALA D 68 20.98 36.36 -14.58
CA ALA D 68 20.28 37.03 -13.50
C ALA D 68 18.98 36.30 -13.16
N ALA D 69 18.28 35.79 -14.17
CA ALA D 69 17.01 35.11 -13.93
C ALA D 69 17.22 33.87 -13.09
N GLU D 70 18.19 33.03 -13.46
CA GLU D 70 18.50 31.85 -12.67
C GLU D 70 18.87 32.22 -11.24
N TRP D 71 19.67 33.27 -11.07
CA TRP D 71 20.07 33.69 -9.73
C TRP D 71 18.84 34.01 -8.88
N VAL D 72 18.01 34.93 -9.36
CA VAL D 72 16.87 35.37 -8.58
C VAL D 72 15.92 34.22 -8.33
N ALA D 73 15.76 33.32 -9.30
CA ALA D 73 14.89 32.17 -9.12
C ALA D 73 15.41 31.27 -8.01
N ALA D 74 16.72 30.98 -8.02
CA ALA D 74 17.28 30.12 -6.98
C ALA D 74 17.14 30.77 -5.61
N ILE D 75 17.16 32.10 -5.54
CA ILE D 75 17.00 32.77 -4.25
C ILE D 75 15.55 32.75 -3.80
N LYS D 76 14.62 33.09 -4.70
CA LYS D 76 13.20 33.02 -4.39
C LYS D 76 12.80 31.64 -3.90
N ALA D 77 13.39 30.60 -4.49
CA ALA D 77 13.01 29.24 -4.12
C ALA D 77 13.28 28.94 -2.66
N SER D 78 14.08 29.76 -1.98
CA SER D 78 14.45 29.52 -0.58
C SER D 78 13.44 30.07 0.40
N GLY D 79 12.46 30.85 -0.05
CA GLY D 79 11.63 31.61 0.84
C GLY D 79 12.12 33.01 1.12
N ALA D 80 13.38 33.30 0.82
CA ALA D 80 13.89 34.65 1.00
C ALA D 80 13.09 35.63 0.17
N LYS D 81 12.91 36.83 0.72
CA LYS D 81 12.10 37.85 0.06
C LYS D 81 12.88 39.07 -0.41
N TYR D 82 14.17 39.18 -0.07
CA TYR D 82 14.95 40.31 -0.54
C TYR D 82 16.42 39.92 -0.70
N ILE D 83 17.11 40.72 -1.49
CA ILE D 83 18.51 40.49 -1.84
C ILE D 83 19.30 41.76 -1.58
N THR D 84 20.43 41.64 -0.89
CA THR D 84 21.36 42.75 -0.70
C THR D 84 22.64 42.45 -1.47
N ILE D 85 22.98 43.30 -2.45
CA ILE D 85 24.11 43.03 -3.33
C ILE D 85 25.13 44.15 -3.26
N THR D 86 26.42 43.78 -3.37
CA THR D 86 27.52 44.76 -3.33
C THR D 86 27.55 45.57 -4.63
N SER D 87 27.22 46.88 -4.55
CA SER D 87 27.39 47.73 -5.72
C SER D 87 28.83 48.21 -5.90
N ARG D 88 29.58 48.33 -4.80
CA ARG D 88 30.98 48.75 -4.83
C ARG D 88 31.58 48.43 -3.46
N HIS D 89 32.60 47.57 -3.43
CA HIS D 89 33.19 47.16 -2.16
C HIS D 89 34.47 47.97 -1.91
N HIS D 90 35.28 47.51 -0.95
CA HIS D 90 36.42 48.30 -0.51
C HIS D 90 37.42 48.56 -1.63
N ASP D 91 37.49 47.67 -2.63
CA ASP D 91 38.48 47.79 -3.69
C ASP D 91 38.12 48.85 -4.73
N GLY D 92 36.96 49.50 -4.59
CA GLY D 92 36.60 50.64 -5.43
C GLY D 92 36.00 50.30 -6.77
N PHE D 93 35.86 49.02 -7.11
CA PHE D 93 35.32 48.63 -8.40
C PHE D 93 33.80 48.67 -8.34
N SER D 94 33.19 49.41 -9.26
CA SER D 94 31.74 49.57 -9.28
C SER D 94 31.13 48.52 -10.19
N MET D 95 30.17 47.75 -9.65
CA MET D 95 29.54 46.67 -10.40
C MET D 95 28.29 47.12 -11.13
N TYR D 96 28.20 48.39 -11.49
CA TYR D 96 27.06 48.91 -12.24
C TYR D 96 27.57 49.93 -13.25
N ALA D 97 26.67 50.41 -14.11
CA ALA D 97 27.05 51.31 -15.19
C ALA D 97 27.14 52.74 -14.66
N THR D 98 28.21 52.99 -13.92
CA THR D 98 28.45 54.31 -13.35
C THR D 98 29.10 55.22 -14.38
N GLN D 99 28.86 56.52 -14.23
CA GLN D 99 29.50 57.55 -15.03
C GLN D 99 30.50 58.38 -14.23
N GLN D 100 30.68 58.07 -12.95
CA GLN D 100 31.61 58.80 -12.08
C GLN D 100 33.01 58.18 -12.03
N SER D 101 33.19 57.02 -12.65
CA SER D 101 34.49 56.37 -12.70
C SER D 101 34.43 55.30 -13.79
N ASP D 102 35.50 55.20 -14.58
CA ASP D 102 35.58 54.17 -15.61
C ASP D 102 35.97 52.80 -15.08
N TYR D 103 36.27 52.70 -13.78
CA TYR D 103 36.62 51.44 -13.13
C TYR D 103 35.30 50.76 -12.74
N ASN D 104 34.65 50.15 -13.74
CA ASN D 104 33.34 49.56 -13.54
C ASN D 104 33.13 48.42 -14.53
N ILE D 105 32.11 47.61 -14.24
CA ILE D 105 31.88 46.35 -14.95
C ILE D 105 31.63 46.58 -16.44
N VAL D 106 31.05 47.72 -16.81
CA VAL D 106 30.71 47.90 -18.21
C VAL D 106 31.91 48.39 -19.00
N ASP D 107 32.64 49.36 -18.47
CA ASP D 107 33.67 50.04 -19.23
C ASP D 107 35.04 49.37 -19.11
N ALA D 108 35.32 48.70 -18.00
CA ALA D 108 36.66 48.22 -17.72
C ALA D 108 36.83 46.72 -17.94
N THR D 109 35.78 46.01 -18.31
CA THR D 109 35.88 44.57 -18.51
C THR D 109 35.35 44.20 -19.89
N PRO D 110 35.77 43.05 -20.41
CA PRO D 110 35.13 42.54 -21.62
C PRO D 110 33.73 42.01 -21.36
N PHE D 111 33.31 41.89 -20.09
CA PHE D 111 31.96 41.38 -19.86
C PHE D 111 30.89 42.37 -20.33
N LYS D 112 31.26 43.65 -20.47
CA LYS D 112 30.48 44.62 -21.20
C LYS D 112 29.13 44.89 -20.56
N ARG D 113 28.68 44.23 -19.47
CA ARG D 113 27.24 44.26 -19.08
C ARG D 113 26.97 44.76 -17.66
N ASP D 114 25.84 45.45 -17.46
CA ASP D 114 25.46 45.95 -16.13
C ASP D 114 24.66 44.89 -15.38
N VAL D 115 25.35 44.14 -14.50
CA VAL D 115 24.71 43.02 -13.81
C VAL D 115 23.68 43.52 -12.80
N ILE D 116 23.89 44.72 -12.24
CA ILE D 116 22.92 45.26 -11.31
C ILE D 116 21.59 45.54 -12.02
N HIS D 117 21.64 46.07 -13.24
CA HIS D 117 20.42 46.33 -13.99
C HIS D 117 19.67 45.05 -14.29
N GLU D 118 20.39 44.02 -14.77
CA GLU D 118 19.75 42.74 -15.07
C GLU D 118 19.11 42.15 -13.81
N LEU D 119 19.80 42.26 -12.67
CA LEU D 119 19.26 41.70 -11.45
C LEU D 119 18.05 42.48 -10.95
N ALA D 120 18.09 43.81 -11.05
CA ALA D 120 16.92 44.59 -10.65
C ALA D 120 15.72 44.26 -11.51
N ASP D 121 15.93 44.11 -12.81
CA ASP D 121 14.84 43.72 -13.70
C ASP D 121 14.27 42.37 -13.31
N GLU D 122 15.14 41.38 -13.06
CA GLU D 122 14.62 40.06 -12.73
C GLU D 122 13.97 40.05 -11.36
N CYS D 123 14.44 40.88 -10.43
CA CYS D 123 13.76 41.02 -9.14
C CYS D 123 12.37 41.58 -9.38
N ARG D 124 12.27 42.62 -10.20
CA ARG D 124 10.99 43.07 -10.70
C ARG D 124 10.10 41.90 -11.08
N LYS D 125 10.56 41.16 -12.10
CA LYS D 125 9.75 40.10 -12.71
C LYS D 125 9.31 39.07 -11.67
N GLN D 126 10.17 38.78 -10.68
CA GLN D 126 9.91 37.70 -9.74
C GLN D 126 9.44 38.16 -8.36
N GLY D 127 9.31 39.46 -8.12
CA GLY D 127 8.77 39.93 -6.85
C GLY D 127 9.70 39.92 -5.66
N ILE D 128 10.98 40.18 -5.86
CA ILE D 128 11.97 40.18 -4.79
C ILE D 128 12.49 41.60 -4.64
N ARG D 129 12.64 42.06 -3.39
CA ARG D 129 13.08 43.43 -3.14
C ARG D 129 14.60 43.50 -3.14
N LEU D 130 15.12 44.67 -3.50
CA LEU D 130 16.54 44.85 -3.77
C LEU D 130 17.16 45.91 -2.87
N HIS D 131 18.21 45.53 -2.14
CA HIS D 131 19.01 46.40 -1.30
C HIS D 131 20.43 46.44 -1.86
N LEU D 132 21.09 47.59 -1.72
CA LEU D 132 22.41 47.81 -2.30
C LEU D 132 23.42 48.09 -1.18
N TYR D 133 24.48 47.29 -1.16
CA TYR D 133 25.62 47.49 -0.28
C TYR D 133 26.55 48.52 -0.89
N TYR D 134 27.02 49.46 -0.08
CA TYR D 134 27.90 50.54 -0.53
C TYR D 134 28.98 50.81 0.50
N SER D 135 30.21 50.89 0.02
CA SER D 135 31.39 51.00 0.88
C SER D 135 31.80 52.45 1.08
N HIS D 136 31.77 52.91 2.34
CA HIS D 136 32.44 54.15 2.70
C HIS D 136 33.96 54.05 2.49
N LEU D 137 34.52 52.86 2.70
CA LEU D 137 35.95 52.65 2.60
C LEU D 137 36.35 52.42 1.15
N ASP D 138 37.51 52.94 0.78
CA ASP D 138 38.04 52.79 -0.58
C ASP D 138 39.54 52.59 -0.51
N TRP D 139 40.01 51.49 -1.07
CA TRP D 139 41.43 51.15 -1.06
C TRP D 139 42.16 51.60 -2.32
N ARG D 140 41.44 52.09 -3.33
CA ARG D 140 42.02 52.47 -4.61
C ARG D 140 42.12 53.98 -4.81
N ARG D 141 41.09 54.73 -4.40
CA ARG D 141 41.02 56.15 -4.74
C ARG D 141 42.02 56.96 -3.93
N ASP D 142 42.66 57.92 -4.60
CA ASP D 142 43.67 58.76 -3.94
C ASP D 142 43.08 59.93 -3.18
N ASP D 143 41.78 60.21 -3.32
CA ASP D 143 41.13 61.24 -2.51
C ASP D 143 40.50 60.69 -1.23
N TYR D 144 40.69 59.39 -0.93
CA TYR D 144 40.41 58.83 0.39
C TYR D 144 41.62 59.13 1.28
N TYR D 145 41.71 60.38 1.73
CA TYR D 145 42.86 60.89 2.49
C TYR D 145 42.40 61.80 3.62
N PRO D 146 42.95 61.66 4.85
CA PRO D 146 43.91 60.64 5.34
C PRO D 146 43.28 59.24 5.47
N LEU D 147 44.08 58.16 5.51
CA LEU D 147 43.62 56.77 5.56
C LEU D 147 43.16 56.32 6.96
N GLY D 148 42.37 55.24 6.98
CA GLY D 148 41.94 54.53 8.19
C GLY D 148 43.00 53.49 8.45
N ARG D 149 42.71 52.23 8.78
CA ARG D 149 43.88 51.37 8.81
C ARG D 149 44.37 51.20 7.39
N THR D 150 43.45 50.87 6.50
CA THR D 150 43.75 49.96 5.43
C THR D 150 44.23 50.72 4.19
N GLY D 151 44.96 49.99 3.35
CA GLY D 151 45.39 50.51 2.07
C GLY D 151 46.70 51.22 2.16
N LYS D 152 47.24 51.31 3.36
CA LYS D 152 48.65 51.58 3.48
C LYS D 152 49.47 50.96 2.36
N GLY D 153 49.55 49.63 2.15
CA GLY D 153 50.45 49.09 1.12
C GLY D 153 49.85 48.67 -0.22
N THR D 154 48.76 49.31 -0.59
CA THR D 154 48.15 49.10 -1.90
C THR D 154 48.75 50.05 -2.95
N GLY D 155 49.86 50.71 -2.60
CA GLY D 155 50.70 51.37 -3.59
C GLY D 155 50.26 52.73 -4.07
N ARG D 156 49.35 53.41 -3.36
CA ARG D 156 48.97 54.78 -3.70
C ARG D 156 50.09 55.76 -3.37
N THR D 157 50.39 56.68 -4.29
CA THR D 157 51.46 57.66 -4.07
C THR D 157 51.05 59.07 -4.49
N THR D 158 49.75 59.39 -4.47
CA THR D 158 49.29 60.76 -4.71
C THR D 158 48.15 61.08 -3.75
N GLN D 159 47.90 62.38 -3.56
CA GLN D 159 46.95 62.85 -2.56
C GLN D 159 45.85 63.69 -3.20
N GLY D 160 44.60 63.39 -2.83
CA GLY D 160 43.45 64.21 -3.15
C GLY D 160 42.78 64.75 -1.89
N LYS D 161 41.72 65.54 -2.11
CA LYS D 161 40.94 66.09 -1.02
C LYS D 161 39.80 65.16 -0.67
N TRP D 162 39.58 65.03 0.64
CA TRP D 162 38.43 64.27 1.08
C TRP D 162 37.09 64.89 0.66
N GLU D 163 36.87 66.26 0.57
CA GLU D 163 35.45 66.44 0.18
C GLU D 163 35.19 65.96 -1.19
N ASP D 164 36.21 65.89 -2.04
CA ASP D 164 35.90 65.46 -3.38
C ASP D 164 35.43 64.03 -3.39
N TYR D 165 35.97 63.20 -2.50
CA TYR D 165 35.53 61.83 -2.36
C TYR D 165 34.10 61.78 -1.85
N CYS D 166 33.75 62.69 -0.95
CA CYS D 166 32.36 62.77 -0.50
C CYS D 166 31.43 63.12 -1.67
N ALA D 167 31.88 64.03 -2.54
CA ALA D 167 31.11 64.34 -3.74
C ALA D 167 30.97 63.09 -4.62
N PHE D 168 32.05 62.35 -4.80
CA PHE D 168 32.00 61.12 -5.60
C PHE D 168 30.95 60.15 -5.07
N MET D 169 30.99 59.89 -3.76
CA MET D 169 30.00 58.99 -3.17
C MET D 169 28.59 59.52 -3.36
N ASN D 170 28.38 60.82 -3.15
CA ASN D 170 27.04 61.39 -3.32
C ASN D 170 26.54 61.17 -4.75
N ASN D 171 27.41 61.38 -5.74
CA ASN D 171 26.96 61.22 -7.13
C ASN D 171 26.66 59.77 -7.44
N GLN D 172 27.45 58.84 -6.91
CA GLN D 172 27.17 57.43 -7.14
C GLN D 172 25.86 57.00 -6.49
N LEU D 173 25.61 57.50 -5.28
CA LEU D 173 24.34 57.23 -4.61
C LEU D 173 23.17 57.78 -5.42
N THR D 174 23.31 59.00 -5.94
CA THR D 174 22.28 59.55 -6.82
C THR D 174 22.01 58.60 -7.98
N GLU D 175 23.08 58.11 -8.61
CA GLU D 175 22.90 57.20 -9.73
C GLU D 175 22.13 55.94 -9.34
N LEU D 176 22.55 55.30 -8.24
CA LEU D 176 21.95 54.02 -7.89
C LEU D 176 20.48 54.15 -7.48
N LEU D 177 20.09 55.28 -6.92
CA LEU D 177 18.72 55.49 -6.47
C LEU D 177 17.84 56.11 -7.55
N THR D 178 18.34 56.22 -8.78
CA THR D 178 17.61 56.89 -9.85
C THR D 178 17.36 56.01 -11.07
N ASN D 179 18.27 55.10 -11.41
CA ASN D 179 18.22 54.39 -12.67
C ASN D 179 17.97 52.89 -12.48
N TYR D 180 17.56 52.46 -11.29
CA TYR D 180 17.49 51.04 -10.98
C TYR D 180 16.19 50.70 -10.27
N GLY D 181 15.13 51.45 -10.56
CA GLY D 181 13.86 51.14 -9.95
C GLY D 181 13.84 51.46 -8.46
N LEU D 182 12.88 50.84 -7.78
CA LEU D 182 12.73 51.08 -6.35
C LEU D 182 13.79 50.27 -5.62
N ILE D 183 14.34 50.87 -4.57
CA ILE D 183 15.44 50.26 -3.83
C ILE D 183 15.02 50.11 -2.38
N GLY D 184 15.04 48.87 -1.90
CA GLY D 184 14.56 48.60 -0.55
C GLY D 184 15.44 49.19 0.54
N ALA D 185 16.75 49.24 0.31
CA ALA D 185 17.65 49.68 1.36
C ALA D 185 19.04 49.97 0.81
N ILE D 186 19.75 50.85 1.51
CA ILE D 186 21.17 51.11 1.30
C ILE D 186 21.93 50.65 2.54
N TRP D 187 23.00 49.89 2.32
CA TRP D 187 23.74 49.15 3.33
C TRP D 187 25.17 49.70 3.32
N PHE D 188 25.42 50.73 4.13
CA PHE D 188 26.74 51.32 4.18
C PHE D 188 27.68 50.47 5.01
N ASP D 189 28.96 50.47 4.61
CA ASP D 189 29.95 49.71 5.34
C ASP D 189 31.32 50.36 5.17
N GLY D 190 32.11 50.33 6.25
CA GLY D 190 33.50 50.70 6.19
C GLY D 190 33.91 51.89 7.04
N MET D 191 32.98 52.61 7.67
CA MET D 191 33.37 53.79 8.43
C MET D 191 34.15 53.42 9.69
N TRP D 192 34.07 52.17 10.14
CA TRP D 192 34.93 51.70 11.23
C TRP D 192 36.41 51.81 10.88
N ASP D 193 36.75 52.11 9.62
CA ASP D 193 38.15 52.19 9.20
C ASP D 193 38.88 53.34 9.87
N LYS D 194 38.19 54.46 10.10
CA LYS D 194 38.80 55.64 10.67
C LYS D 194 38.61 55.73 12.18
N ASP D 195 38.28 54.62 12.84
CA ASP D 195 38.19 54.62 14.29
C ASP D 195 39.54 54.81 14.97
N ILE D 196 40.60 55.04 14.18
CA ILE D 196 41.89 55.39 14.78
C ILE D 196 42.01 56.89 15.08
N TYR D 197 41.32 57.78 14.32
CA TYR D 197 41.43 59.19 14.68
C TYR D 197 40.49 59.51 15.84
N PRO D 198 40.80 60.55 16.62
CA PRO D 198 39.91 60.91 17.73
C PRO D 198 38.49 61.21 17.28
N ASP D 199 38.34 61.94 16.17
CA ASP D 199 37.04 62.30 15.59
C ASP D 199 36.70 61.46 14.37
N GLY D 200 37.12 60.20 14.35
CA GLY D 200 37.08 59.41 13.12
C GLY D 200 35.77 58.71 12.83
N MET D 201 34.87 58.55 13.81
CA MET D 201 33.64 57.79 13.63
C MET D 201 32.37 58.64 13.79
N THR D 202 32.47 59.93 13.50
CA THR D 202 31.45 60.97 13.53
C THR D 202 30.88 61.23 12.12
N ALA D 203 29.63 61.73 12.09
CA ALA D 203 28.95 62.05 10.82
C ALA D 203 29.74 63.10 10.07
N LYS D 204 29.67 64.30 10.59
CA LYS D 204 30.80 65.03 11.09
C LYS D 204 32.01 64.70 10.17
N THR D 205 32.68 63.61 10.45
CA THR D 205 33.78 63.18 9.57
C THR D 205 33.28 62.48 8.33
N TRP D 206 32.24 61.63 8.44
CA TRP D 206 31.80 60.76 7.33
C TRP D 206 30.67 61.33 6.48
N ASN D 207 30.22 62.56 6.72
CA ASN D 207 29.25 63.19 5.82
C ASN D 207 27.95 62.36 5.80
N LEU D 208 27.64 61.72 6.92
CA LEU D 208 26.50 60.81 6.93
C LEU D 208 25.20 61.58 6.77
N ASN D 209 25.05 62.74 7.41
CA ASN D 209 23.77 63.43 7.38
C ASN D 209 23.36 63.82 5.96
N GLU D 210 24.29 64.40 5.20
CA GLU D 210 24.01 64.76 3.81
C GLU D 210 23.59 63.54 3.00
N GLN D 211 24.35 62.44 3.14
CA GLN D 211 24.09 61.24 2.35
C GLN D 211 22.72 60.67 2.70
N TYR D 212 22.44 60.49 3.99
CA TYR D 212 21.16 59.92 4.41
C TYR D 212 20.02 60.81 3.95
N THR D 213 20.20 62.12 4.09
CA THR D 213 19.14 63.02 3.67
C THR D 213 18.87 62.89 2.19
N LEU D 214 19.92 62.91 1.33
CA LEU D 214 19.62 62.96 -0.11
C LEU D 214 18.98 61.62 -0.50
N ILE D 215 19.46 60.51 0.11
CA ILE D 215 18.86 59.18 -0.12
C ILE D 215 17.35 59.19 0.15
N HIS D 216 16.97 59.67 1.34
CA HIS D 216 15.56 59.63 1.72
C HIS D 216 14.76 60.63 0.90
N ARG D 217 15.43 61.66 0.40
CA ARG D 217 14.77 62.61 -0.49
C ARG D 217 14.42 62.01 -1.83
N LEU D 218 15.32 61.19 -2.41
CA LEU D 218 14.99 60.58 -3.70
C LEU D 218 14.03 59.40 -3.54
N GLN D 219 14.21 58.60 -2.48
CA GLN D 219 13.37 57.44 -2.21
C GLN D 219 13.08 57.38 -0.72
N PRO D 220 11.98 58.00 -0.29
CA PRO D 220 11.74 58.09 1.17
C PRO D 220 11.54 56.75 1.85
N ALA D 221 11.02 55.75 1.14
CA ALA D 221 10.80 54.43 1.70
C ALA D 221 12.07 53.59 1.79
N CYS D 222 13.18 54.08 1.26
CA CYS D 222 14.43 53.34 1.35
C CYS D 222 14.95 53.30 2.78
N LEU D 223 15.22 52.11 3.27
CA LEU D 223 15.79 51.95 4.59
C LEU D 223 17.30 52.10 4.52
N ILE D 224 17.89 52.62 5.59
CA ILE D 224 19.33 52.85 5.66
C ILE D 224 19.89 52.02 6.79
N GLY D 225 20.96 51.28 6.50
CA GLY D 225 21.74 50.63 7.53
C GLY D 225 23.20 51.00 7.37
N ASN D 226 23.93 50.95 8.48
CA ASN D 226 25.35 51.26 8.49
C ASN D 226 26.03 50.30 9.44
N ASN D 227 26.92 49.46 8.90
CA ASN D 227 27.58 48.43 9.69
C ASN D 227 28.78 49.04 10.44
N HIS D 228 28.47 49.97 11.34
CA HIS D 228 29.50 50.60 12.14
C HIS D 228 29.73 49.91 13.48
N HIS D 229 28.92 48.90 13.80
CA HIS D 229 29.07 48.11 15.03
C HIS D 229 28.83 48.95 16.29
N ILE D 230 28.18 50.10 16.17
CA ILE D 230 27.93 50.96 17.31
C ILE D 230 26.45 51.35 17.35
N THR D 231 26.12 52.35 18.16
CA THR D 231 24.74 52.77 18.32
C THR D 231 24.27 53.47 17.06
N PRO D 232 23.09 53.14 16.52
CA PRO D 232 22.70 53.70 15.22
C PRO D 232 22.68 55.22 15.23
N PHE D 233 23.08 55.79 14.10
CA PHE D 233 23.07 57.24 13.93
C PHE D 233 21.69 57.72 13.53
N ALA D 234 21.40 58.99 13.85
CA ALA D 234 20.15 59.59 13.45
C ALA D 234 20.04 59.56 11.93
N GLY D 235 18.95 58.98 11.43
CA GLY D 235 18.74 58.80 10.00
C GLY D 235 18.74 57.36 9.56
N GLU D 236 19.41 56.47 10.29
CA GLU D 236 19.39 55.06 9.95
C GLU D 236 18.03 54.47 10.28
N ASP D 237 17.58 53.54 9.43
CA ASP D 237 16.28 52.90 9.60
C ASP D 237 16.36 51.44 10.04
N ILE D 238 17.55 50.83 10.01
CA ILE D 238 17.73 49.48 10.52
C ILE D 238 19.10 49.38 11.19
N GLN D 239 19.22 48.42 12.12
CA GLN D 239 20.45 48.18 12.84
C GLN D 239 21.03 46.81 12.47
N ILE D 240 22.35 46.79 12.25
CA ILE D 240 23.03 45.62 11.71
C ILE D 240 23.90 44.99 12.80
N PHE D 241 23.87 43.67 12.87
CA PHE D 241 24.78 42.89 13.71
C PHE D 241 25.56 41.96 12.80
N GLU D 242 26.88 42.08 12.83
CA GLU D 242 27.74 41.31 11.94
C GLU D 242 28.11 40.00 12.63
N ARG D 243 27.63 38.88 12.07
CA ARG D 243 28.02 37.53 12.47
C ARG D 243 27.61 37.20 13.90
N ASP D 244 26.52 37.80 14.39
CA ASP D 244 26.03 37.49 15.72
C ASP D 244 24.59 37.95 15.83
N LEU D 245 23.82 37.21 16.63
CA LEU D 245 22.46 37.61 16.93
C LEU D 245 22.47 38.81 17.86
N PRO D 246 21.46 39.69 17.75
CA PRO D 246 21.41 40.85 18.64
C PRO D 246 21.54 40.41 20.09
N GLY D 247 22.47 41.03 20.82
CA GLY D 247 22.71 40.70 22.20
C GLY D 247 23.75 39.61 22.43
N GLU D 248 24.25 38.98 21.38
CA GLU D 248 25.35 38.03 21.46
C GLU D 248 26.61 38.66 20.85
N ASN D 249 27.76 38.10 21.20
CA ASN D 249 29.02 38.63 20.69
C ASN D 249 30.06 37.53 20.60
N LYS D 250 29.63 36.33 20.20
CA LYS D 250 30.55 35.20 20.04
C LYS D 250 31.61 35.49 18.97
N ALA D 251 31.31 36.35 18.02
CA ALA D 251 32.25 36.65 16.94
C ALA D 251 33.12 37.87 17.20
N GLY D 252 32.83 38.63 18.25
CA GLY D 252 33.66 39.76 18.63
C GLY D 252 33.47 41.01 17.82
N LEU D 253 32.51 41.04 16.89
CA LEU D 253 32.26 42.21 16.06
C LEU D 253 31.02 42.98 16.49
N SER D 254 30.51 42.71 17.68
CA SER D 254 29.24 43.31 18.11
C SER D 254 29.42 43.93 19.49
N GLY D 255 28.51 43.64 20.42
CA GLY D 255 28.57 44.22 21.74
C GLY D 255 27.82 45.53 21.88
N GLN D 256 27.28 46.06 20.80
CA GLN D 256 26.56 47.33 20.85
C GLN D 256 25.16 47.14 21.44
N ASP D 257 24.68 48.17 22.12
CA ASP D 257 23.37 48.12 22.72
C ASP D 257 22.31 47.84 21.67
N ILE D 258 21.30 47.05 22.04
CA ILE D 258 20.20 46.76 21.12
C ILE D 258 19.33 48.00 20.99
N SER D 259 19.27 48.56 19.78
CA SER D 259 18.41 49.71 19.53
C SER D 259 16.96 49.26 19.35
N ARG D 260 16.07 50.24 19.14
CA ARG D 260 14.66 49.97 18.88
C ARG D 260 14.32 50.01 17.39
N LEU D 261 15.33 50.03 16.54
CA LEU D 261 15.12 49.94 15.10
C LEU D 261 14.93 48.48 14.70
N PRO D 262 14.45 48.21 13.49
CA PRO D 262 14.45 46.84 12.99
C PRO D 262 15.86 46.27 12.95
N LEU D 263 16.00 45.01 13.34
CA LEU D 263 17.30 44.37 13.51
C LEU D 263 17.58 43.37 12.39
N GLU D 264 18.84 43.30 11.98
CA GLU D 264 19.26 42.35 10.96
C GLU D 264 20.64 41.80 11.33
N THR D 265 20.74 40.47 11.45
CA THR D 265 22.00 39.79 11.62
C THR D 265 22.48 39.28 10.27
N CYS D 266 23.73 39.56 9.93
CA CYS D 266 24.31 39.05 8.70
C CYS D 266 25.33 37.95 8.99
N GLU D 267 25.37 36.93 8.12
CA GLU D 267 26.23 35.77 8.32
C GLU D 267 26.58 35.15 6.98
N THR D 268 27.65 34.37 6.98
CA THR D 268 28.13 33.68 5.78
C THR D 268 27.67 32.22 5.79
N MET D 269 27.40 31.69 4.58
CA MET D 269 26.97 30.31 4.44
C MET D 269 28.16 29.34 4.54
N ASN D 270 29.29 29.67 3.90
CA ASN D 270 30.57 29.10 4.27
C ASN D 270 31.18 30.05 5.30
N GLY D 271 32.49 30.31 5.23
CA GLY D 271 33.12 31.18 6.22
C GLY D 271 33.48 32.58 5.77
N MET D 272 33.31 32.89 4.49
CA MET D 272 33.79 34.13 3.91
C MET D 272 32.73 34.77 3.04
N TRP D 273 32.78 36.10 2.94
CA TRP D 273 31.79 36.85 2.17
C TRP D 273 32.00 36.66 0.67
N GLY D 274 33.18 37.04 0.18
CA GLY D 274 33.51 36.78 -1.21
C GLY D 274 33.86 35.33 -1.46
N TYR D 275 33.81 34.94 -2.73
CA TYR D 275 34.20 33.58 -3.11
C TYR D 275 35.61 33.28 -2.64
N LYS D 276 35.78 32.14 -1.97
CA LYS D 276 37.07 31.71 -1.47
C LYS D 276 37.23 30.26 -1.88
N ILE D 277 38.09 30.01 -2.87
CA ILE D 277 38.15 28.68 -3.45
C ILE D 277 38.60 27.65 -2.42
N THR D 278 39.34 28.08 -1.40
CA THR D 278 39.78 27.14 -0.38
C THR D 278 38.71 26.85 0.66
N ASP D 279 37.61 27.60 0.65
CA ASP D 279 36.56 27.48 1.66
C ASP D 279 35.30 26.90 1.03
N GLN D 280 35.13 25.58 1.16
CA GLN D 280 33.93 24.88 0.72
C GLN D 280 33.17 24.27 1.89
N ASP D 281 33.36 24.80 3.10
CA ASP D 281 32.72 24.25 4.29
C ASP D 281 31.41 24.99 4.50
N TYR D 282 30.39 24.55 3.76
CA TYR D 282 29.08 25.19 3.81
C TYR D 282 28.25 24.60 4.93
N LYS D 283 27.68 25.48 5.75
CA LYS D 283 26.84 25.03 6.85
C LYS D 283 25.74 24.12 6.34
N SER D 284 25.40 23.10 7.12
CA SER D 284 24.35 22.17 6.75
C SER D 284 23.01 22.90 6.69
N THR D 285 22.06 22.31 5.95
CA THR D 285 20.72 22.89 5.86
C THR D 285 20.09 23.03 7.25
N LYS D 286 20.30 22.06 8.12
CA LYS D 286 19.77 22.13 9.47
C LYS D 286 20.31 23.34 10.21
N ILE D 287 21.63 23.55 10.15
CA ILE D 287 22.23 24.70 10.82
C ILE D 287 21.63 26.00 10.29
N LEU D 288 21.42 26.08 8.97
CA LEU D 288 20.93 27.31 8.37
C LEU D 288 19.49 27.60 8.77
N ILE D 289 18.63 26.58 8.69
CA ILE D 289 17.25 26.73 9.16
C ILE D 289 17.24 27.18 10.62
N GLN D 290 18.06 26.53 11.46
CA GLN D 290 18.07 26.89 12.87
C GLN D 290 18.61 28.31 13.08
N TYR D 291 19.54 28.75 12.23
CA TYR D 291 20.05 30.11 12.35
C TYR D 291 18.96 31.13 12.05
N LEU D 292 18.20 30.90 10.98
CA LEU D 292 17.09 31.81 10.68
C LEU D 292 16.06 31.79 11.81
N VAL D 293 15.76 30.61 12.35
CA VAL D 293 14.76 30.53 13.40
C VAL D 293 15.24 31.26 14.66
N LYS D 294 16.51 31.08 15.02
CA LYS D 294 17.05 31.78 16.19
C LYS D 294 17.02 33.28 15.98
N ALA D 295 17.35 33.74 14.77
CA ALA D 295 17.29 35.16 14.48
C ALA D 295 15.88 35.69 14.68
N ALA D 296 14.89 34.99 14.11
CA ALA D 296 13.51 35.42 14.27
C ALA D 296 13.10 35.40 15.73
N GLY D 297 13.59 34.42 16.50
CA GLY D 297 13.28 34.34 17.92
C GLY D 297 13.89 35.45 18.74
N LYS D 298 14.97 36.06 18.26
CA LYS D 298 15.51 37.26 18.89
C LYS D 298 15.00 38.52 18.19
N ASN D 299 13.95 38.40 17.40
CA ASN D 299 13.29 39.53 16.74
C ASN D 299 14.19 40.20 15.70
N ALA D 300 14.92 39.40 14.92
CA ALA D 300 15.83 39.96 13.94
C ALA D 300 15.70 39.20 12.62
N ASN D 301 15.98 39.89 11.53
CA ASN D 301 16.12 39.27 10.22
C ASN D 301 17.46 38.56 10.11
N LEU D 302 17.54 37.63 9.16
CA LEU D 302 18.80 36.97 8.82
C LEU D 302 19.16 37.31 7.38
N LEU D 303 20.35 37.89 7.19
CA LEU D 303 20.92 38.18 5.89
C LEU D 303 22.04 37.15 5.69
N MET D 304 21.75 36.11 4.91
CA MET D 304 22.64 34.98 4.71
C MET D 304 23.36 35.17 3.39
N ASN D 305 24.66 34.94 3.38
CA ASN D 305 25.50 35.36 2.27
C ASN D 305 25.88 34.21 1.34
N VAL D 306 26.05 34.54 0.07
CA VAL D 306 26.74 33.68 -0.90
C VAL D 306 27.73 34.53 -1.70
N GLY D 307 28.88 33.94 -2.06
CA GLY D 307 29.85 34.59 -2.91
C GLY D 307 29.96 33.93 -4.27
N PRO D 308 29.47 34.60 -5.33
CA PRO D 308 29.47 33.96 -6.66
C PRO D 308 30.87 33.72 -7.20
N GLN D 309 30.98 32.67 -8.02
CA GLN D 309 32.24 32.31 -8.64
C GLN D 309 32.56 33.28 -9.78
N PRO D 310 33.82 33.32 -10.21
CA PRO D 310 34.20 34.25 -11.31
C PRO D 310 33.67 33.84 -12.68
N ASN D 311 33.09 32.65 -12.82
CA ASN D 311 32.40 32.28 -14.05
C ASN D 311 30.95 32.74 -14.08
N GLY D 312 30.47 33.33 -12.98
CA GLY D 312 29.14 33.90 -12.92
C GLY D 312 28.09 33.02 -12.27
N GLU D 313 28.40 31.76 -11.99
CA GLU D 313 27.45 30.88 -11.33
C GLU D 313 27.51 31.09 -9.82
N LEU D 314 26.36 30.95 -9.17
CA LEU D 314 26.36 30.81 -7.72
C LEU D 314 26.90 29.42 -7.36
N PRO D 315 27.62 29.29 -6.25
CA PRO D 315 28.12 27.97 -5.86
C PRO D 315 26.99 26.95 -5.84
N THR D 316 27.22 25.79 -6.48
CA THR D 316 26.16 24.80 -6.63
C THR D 316 25.68 24.31 -5.27
N VAL D 317 26.59 24.12 -4.33
CA VAL D 317 26.19 23.67 -2.99
C VAL D 317 25.34 24.73 -2.32
N ALA D 318 25.63 26.01 -2.54
CA ALA D 318 24.81 27.06 -1.94
C ALA D 318 23.40 27.03 -2.51
N VAL D 319 23.25 26.78 -3.81
CA VAL D 319 21.94 26.69 -4.42
C VAL D 319 21.18 25.49 -3.85
N GLN D 320 21.89 24.37 -3.66
CA GLN D 320 21.26 23.20 -3.06
C GLN D 320 20.74 23.52 -1.67
N ARG D 321 21.58 24.18 -0.86
CA ARG D 321 21.15 24.55 0.49
C ARG D 321 19.94 25.47 0.46
N LEU D 322 19.90 26.41 -0.49
CA LEU D 322 18.79 27.36 -0.54
C LEU D 322 17.50 26.66 -0.95
N ARG D 323 17.56 25.73 -1.91
CA ARG D 323 16.35 25.00 -2.29
C ARG D 323 15.89 24.05 -1.18
N GLU D 324 16.80 23.49 -0.38
CA GLU D 324 16.33 22.70 0.76
C GLU D 324 15.71 23.59 1.85
N MET D 325 16.32 24.76 2.09
CA MET D 325 15.68 25.74 2.98
C MET D 325 14.30 26.11 2.49
N GLY D 326 14.13 26.25 1.17
CA GLY D 326 12.82 26.58 0.64
C GLY D 326 11.83 25.45 0.81
N GLU D 327 12.30 24.22 0.67
CA GLU D 327 11.44 23.07 0.95
C GLU D 327 10.92 23.12 2.39
N TRP D 328 11.77 23.54 3.33
CA TRP D 328 11.30 23.70 4.72
C TRP D 328 10.36 24.89 4.86
N MET D 329 10.71 26.02 4.25
CA MET D 329 9.91 27.23 4.37
C MET D 329 8.49 27.02 3.85
N LYS D 330 8.33 26.26 2.78
CA LYS D 330 7.02 25.95 2.20
C LYS D 330 6.09 25.34 3.24
N ILE D 331 6.64 24.67 4.24
CA ILE D 331 5.79 24.18 5.32
C ILE D 331 5.69 25.19 6.46
N TYR D 332 6.81 25.82 6.85
CA TYR D 332 6.88 26.50 8.14
C TYR D 332 6.98 28.02 8.08
N ALA D 333 6.95 28.63 6.91
CA ALA D 333 7.19 30.07 6.83
C ALA D 333 6.24 30.88 7.68
N PRO D 334 4.96 30.53 7.79
CA PRO D 334 4.05 31.35 8.63
C PRO D 334 4.48 31.41 10.08
N THR D 335 5.32 30.49 10.54
CA THR D 335 5.78 30.52 11.93
C THR D 335 7.01 31.40 12.12
N ILE D 336 7.55 31.99 11.05
N ILE D 336 7.56 31.95 11.03
CA ILE D 336 8.68 32.90 11.19
CA ILE D 336 8.74 32.79 11.06
C ILE D 336 8.40 34.21 10.46
C ILE D 336 8.39 34.14 10.45
N GLN D 337 7.92 34.13 9.21
CA GLN D 337 7.62 35.35 8.48
C GLN D 337 6.33 35.96 9.01
N GLY D 338 6.32 37.29 9.10
CA GLY D 338 5.19 37.98 9.66
C GLY D 338 5.11 37.94 11.17
N THR D 339 6.13 37.43 11.84
CA THR D 339 6.13 37.33 13.29
C THR D 339 7.12 38.33 13.87
N ARG D 340 7.16 38.41 15.19
CA ARG D 340 8.15 39.19 15.92
C ARG D 340 8.71 38.31 17.02
N GLY D 341 9.79 38.77 17.65
CA GLY D 341 10.40 38.05 18.74
C GLY D 341 9.39 37.62 19.78
N GLY D 342 9.52 36.39 20.28
CA GLY D 342 8.53 35.87 21.18
C GLY D 342 8.69 36.35 22.61
N VAL D 343 7.58 36.29 23.34
CA VAL D 343 7.54 36.76 24.72
C VAL D 343 8.48 35.93 25.59
N VAL D 344 8.65 34.66 25.26
CA VAL D 344 9.67 33.83 25.88
C VAL D 344 10.95 34.00 25.06
N THR D 345 11.97 34.59 25.68
CA THR D 345 13.21 34.88 24.98
C THR D 345 14.02 33.60 24.79
N PRO D 346 15.04 33.64 23.93
CA PRO D 346 15.70 32.39 23.54
C PRO D 346 16.25 31.63 24.73
N ARG D 347 16.12 30.31 24.65
CA ARG D 347 16.55 29.35 25.66
C ARG D 347 17.42 28.29 24.99
N ASP D 348 18.00 27.41 25.79
CA ASP D 348 18.85 26.37 25.23
C ASP D 348 18.07 25.42 24.34
N TRP D 349 16.78 25.22 24.60
CA TRP D 349 15.98 24.28 23.82
C TRP D 349 15.47 24.85 22.52
N GLY D 350 15.41 26.16 22.39
CA GLY D 350 14.83 26.78 21.21
C GLY D 350 14.38 28.20 21.49
N VAL D 351 13.42 28.66 20.71
CA VAL D 351 12.96 30.05 20.76
C VAL D 351 11.46 30.10 20.55
N THR D 352 10.90 31.31 20.61
CA THR D 352 9.50 31.54 20.28
C THR D 352 9.37 32.78 19.41
N THR D 353 8.41 32.74 18.50
CA THR D 353 7.98 33.89 17.72
C THR D 353 6.50 34.08 18.01
N GLN D 354 5.95 35.24 17.63
CA GLN D 354 4.57 35.52 17.99
C GLN D 354 3.93 36.45 16.98
N LYS D 355 2.60 36.37 16.91
CA LYS D 355 1.80 37.19 16.00
C LYS D 355 0.39 37.23 16.58
N GLY D 356 -0.03 38.43 16.98
CA GLY D 356 -1.34 38.59 17.59
C GLY D 356 -1.45 37.82 18.90
N LYS D 357 -2.41 36.92 18.97
CA LYS D 357 -2.62 36.08 20.14
C LYS D 357 -1.93 34.73 20.02
N THR D 358 -1.06 34.56 19.02
CA THR D 358 -0.46 33.28 18.69
C THR D 358 1.03 33.27 19.05
N LEU D 359 1.45 32.21 19.73
CA LEU D 359 2.86 31.98 20.06
C LEU D 359 3.32 30.70 19.37
N TYR D 360 4.31 30.83 18.48
CA TYR D 360 4.96 29.68 17.87
C TYR D 360 6.16 29.33 18.73
N VAL D 361 6.20 28.09 19.23
CA VAL D 361 7.28 27.58 20.05
C VAL D 361 8.14 26.70 19.15
N HIS D 362 9.36 27.14 18.87
CA HIS D 362 10.30 26.44 18.00
C HIS D 362 11.27 25.66 18.87
N VAL D 363 11.09 24.35 18.94
CA VAL D 363 11.94 23.45 19.71
C VAL D 363 13.07 22.97 18.80
N LEU D 364 14.28 23.44 19.08
CA LEU D 364 15.43 23.16 18.21
C LEU D 364 16.37 22.11 18.76
N ASN D 365 16.33 21.84 20.07
CA ASN D 365 17.36 21.03 20.72
C ASN D 365 16.83 20.53 22.06
N LEU D 366 16.02 19.46 22.03
CA LEU D 366 15.39 18.95 23.23
C LEU D 366 15.14 17.46 23.06
N ASP D 367 15.54 16.67 24.06
CA ASP D 367 15.29 15.24 24.06
C ASP D 367 14.15 14.83 24.98
N ASP D 368 13.65 15.73 25.81
CA ASP D 368 12.55 15.38 26.69
C ASP D 368 11.22 15.40 25.94
N LYS D 369 10.22 14.73 26.53
CA LYS D 369 8.87 14.71 25.99
C LYS D 369 7.97 15.73 26.70
N ALA D 370 8.57 16.69 27.38
CA ALA D 370 7.84 17.76 28.05
C ALA D 370 8.69 19.03 27.94
N LEU D 371 8.04 20.17 28.12
CA LEU D 371 8.73 21.46 27.98
C LEU D 371 8.06 22.47 28.89
N PHE D 372 8.86 23.10 29.74
CA PHE D 372 8.39 24.15 30.63
C PHE D 372 8.61 25.50 29.95
N LEU D 373 7.57 26.34 29.96
CA LEU D 373 7.60 27.67 29.40
C LEU D 373 7.37 28.67 30.54
N PRO D 374 8.33 29.56 30.83
CA PRO D 374 8.13 30.59 31.88
C PRO D 374 7.33 31.77 31.33
N TYR D 375 6.01 31.61 31.32
CA TYR D 375 5.09 32.66 30.88
C TYR D 375 3.82 32.53 31.71
N ALA D 376 3.35 33.65 32.26
CA ALA D 376 2.15 33.64 33.07
C ALA D 376 1.39 34.93 32.87
N GLY D 377 0.12 34.91 33.23
CA GLY D 377 -0.74 36.07 33.11
C GLY D 377 -1.58 36.11 31.87
N ASN D 378 -1.54 35.06 31.05
CA ASN D 378 -2.35 35.00 29.84
C ASN D 378 -2.91 33.60 29.66
N LYS D 379 -4.24 33.48 29.66
CA LYS D 379 -4.93 32.21 29.43
C LYS D 379 -4.39 31.47 28.21
N LEU D 380 -3.80 30.30 28.42
CA LEU D 380 -3.48 29.43 27.29
C LEU D 380 -4.77 28.71 26.94
N LYS D 381 -5.27 28.91 25.72
CA LYS D 381 -6.54 28.32 25.37
C LYS D 381 -6.40 27.16 24.41
N SER D 382 -5.25 27.00 23.75
CA SER D 382 -5.05 25.78 22.98
C SER D 382 -3.59 25.64 22.59
N ALA D 383 -3.18 24.41 22.32
CA ALA D 383 -1.83 24.10 21.86
C ALA D 383 -1.92 22.93 20.89
N VAL D 384 -1.30 23.08 19.72
CA VAL D 384 -1.29 22.01 18.73
C VAL D 384 0.09 21.94 18.08
N GLU D 385 0.34 20.82 17.41
CA GLU D 385 1.53 20.71 16.56
C GLU D 385 1.27 21.49 15.29
N TYR D 386 2.20 22.39 14.93
CA TYR D 386 1.93 23.26 13.80
C TYR D 386 1.75 22.47 12.52
N GLN D 387 2.58 21.45 12.31
CA GLN D 387 2.56 20.71 11.06
C GLN D 387 1.39 19.74 11.01
N SER D 388 1.34 18.81 11.98
CA SER D 388 0.30 17.79 11.95
C SER D 388 -1.07 18.33 12.37
N ARG D 389 -1.09 19.38 13.18
CA ARG D 389 -2.30 19.96 13.77
C ARG D 389 -2.87 19.11 14.90
N LYS D 390 -2.19 18.04 15.30
CA LYS D 390 -2.59 17.28 16.48
C LYS D 390 -2.53 18.16 17.72
N SER D 391 -3.40 17.86 18.68
CA SER D 391 -3.44 18.66 19.90
C SER D 391 -2.31 18.28 20.84
N VAL D 392 -1.83 19.26 21.59
CA VAL D 392 -0.75 19.07 22.55
C VAL D 392 -1.31 19.25 23.96
N ARG D 393 -1.10 18.25 24.80
CA ARG D 393 -1.51 18.31 26.20
C ARG D 393 -0.77 19.45 26.90
N PHE D 394 -1.45 20.19 27.77
CA PHE D 394 -0.75 21.24 28.50
C PHE D 394 -1.35 21.45 29.89
N ILE D 395 -0.52 21.98 30.80
CA ILE D 395 -0.91 22.36 32.15
C ILE D 395 -0.44 23.79 32.38
N GLN D 396 -1.33 24.66 32.84
CA GLN D 396 -0.99 26.06 33.05
C GLN D 396 -1.24 26.49 34.49
N ASP D 397 -0.27 27.16 35.10
CA ASP D 397 -0.47 27.72 36.43
C ASP D 397 0.32 29.02 36.54
N ARG D 398 0.23 29.64 37.73
CA ARG D 398 0.88 30.93 37.92
C ARG D 398 2.38 30.87 37.71
N ASP D 399 2.98 29.68 37.73
CA ASP D 399 4.42 29.54 37.54
C ASP D 399 4.82 29.36 36.08
N GLY D 400 3.88 29.05 35.21
CA GLY D 400 4.18 28.90 33.81
C GLY D 400 3.34 27.79 33.20
N ILE D 401 3.79 27.32 32.04
CA ILE D 401 3.08 26.33 31.25
C ILE D 401 3.98 25.11 31.09
N LEU D 402 3.38 23.93 31.13
CA LEU D 402 4.09 22.68 30.87
C LEU D 402 3.39 21.99 29.70
N LEU D 403 4.09 21.90 28.58
CA LEU D 403 3.62 21.18 27.42
C LEU D 403 4.12 19.74 27.48
N LYS D 404 3.28 18.80 27.05
CA LYS D 404 3.64 17.39 27.03
C LYS D 404 3.47 16.85 25.62
N PHE D 405 4.51 16.17 25.13
CA PHE D 405 4.58 15.70 23.76
C PHE D 405 4.47 14.18 23.72
N THR D 406 3.85 13.68 22.66
CA THR D 406 3.74 12.22 22.48
C THR D 406 5.08 11.64 22.13
N ASP D 407 5.82 12.36 21.33
CA ASP D 407 7.13 11.94 20.92
C ASP D 407 8.10 13.07 21.23
N LYS D 408 9.22 12.88 20.83
CA LYS D 408 10.55 13.12 21.31
C LYS D 408 11.23 13.85 20.22
N PRO D 409 11.32 15.16 20.46
CA PRO D 409 11.19 16.15 19.37
C PRO D 409 12.13 15.92 18.19
N HIS D 410 11.55 16.12 17.02
CA HIS D 410 12.23 15.85 15.78
C HIS D 410 12.98 17.09 15.32
N SER D 411 13.88 16.86 14.38
CA SER D 411 14.69 17.89 13.75
C SER D 411 14.10 18.30 12.41
N PRO D 412 14.49 19.48 11.88
CA PRO D 412 15.35 20.49 12.53
C PRO D 412 14.60 21.45 13.44
N ASP D 413 13.27 21.41 13.46
CA ASP D 413 12.50 22.35 14.27
C ASP D 413 11.14 21.72 14.56
N TYR D 414 10.89 21.41 15.84
CA TYR D 414 9.59 20.90 16.28
C TYR D 414 8.76 22.10 16.73
N VAL D 415 7.77 22.48 15.94
CA VAL D 415 7.06 23.74 16.13
C VAL D 415 5.69 23.44 16.71
N LEU D 416 5.37 24.10 17.83
CA LEU D 416 4.04 24.05 18.43
C LEU D 416 3.38 25.41 18.25
N GLU D 417 2.09 25.40 17.93
CA GLU D 417 1.27 26.62 17.84
C GLU D 417 0.38 26.71 19.07
N LEU D 418 0.62 27.72 19.89
CA LEU D 418 -0.15 27.98 21.11
C LEU D 418 -1.02 29.21 20.86
N THR D 419 -2.30 29.11 21.18
CA THR D 419 -3.23 30.22 21.04
C THR D 419 -3.69 30.68 22.42
N PHE D 420 -3.53 31.97 22.68
CA PHE D 420 -3.76 32.61 23.98
C PHE D 420 -5.00 33.47 23.93
N ALA D 421 -5.48 33.85 25.12
CA ALA D 421 -6.71 34.62 25.22
C ALA D 421 -6.50 36.09 24.86
N ASN D 422 -5.36 36.65 25.26
CA ASN D 422 -5.05 38.05 24.99
C ASN D 422 -3.89 38.16 24.01
N GLU D 423 -3.70 39.37 23.47
CA GLU D 423 -2.65 39.55 22.49
C GLU D 423 -1.31 39.55 23.20
N LEU D 424 -0.27 39.15 22.49
CA LEU D 424 0.96 38.96 23.25
C LEU D 424 1.79 40.23 23.17
N PRO D 425 2.49 40.58 24.25
CA PRO D 425 3.12 41.89 24.34
C PRO D 425 4.48 41.95 23.64
N LEU D 426 4.95 43.18 23.47
CA LEU D 426 6.27 43.48 22.93
C LEU D 426 6.94 44.48 23.86
N ASN D 427 8.19 44.22 24.20
CA ASN D 427 8.85 44.96 25.27
C ASN D 427 9.83 46.01 24.74
C1 FUL E . -31.71 14.62 16.60
C2 FUL E . -31.20 15.09 17.96
O2 FUL E . -31.92 16.24 18.43
C3 FUL E . -31.36 13.99 18.95
O3 FUL E . -31.00 14.46 20.28
C4 FUL E . -30.54 12.79 18.65
O4 FUL E . -29.17 13.05 18.95
C5 FUL E . -30.64 12.40 17.17
C6 FUL E . -29.35 12.72 16.47
O5 FUL E . -31.71 13.12 16.45
O1 FUL E . -30.91 15.18 15.64
H1 FUL E . -32.62 14.92 16.48
H2 FUL E . -30.27 15.35 17.87
HO2 FUL E . -31.40 16.91 18.44
H3 FUL E . -32.30 13.75 18.95
HO3 FUL E . -30.99 13.80 20.82
H4 FUL E . -30.85 12.05 19.19
HO4 FUL E . -29.04 13.89 19.02
H5 FUL E . -30.80 11.44 17.14
H61 FUL E . -29.48 12.67 15.52
H62 FUL E . -28.66 12.09 16.75
H63 FUL E . -29.08 13.62 16.71
ZN ZN F . -5.56 3.65 25.37
CL CL G . -27.46 -3.71 0.75
C1 FUL H . 6.51 -25.65 11.76
C2 FUL H . 7.24 -26.76 12.51
O2 FUL H . 6.47 -27.98 12.46
C3 FUL H . 8.56 -27.00 11.87
O3 FUL H . 9.27 -28.09 12.51
C4 FUL H . 9.41 -25.76 11.92
O4 FUL H . 9.66 -25.39 13.28
C5 FUL H . 8.72 -24.59 11.20
C6 FUL H . 9.49 -23.32 11.40
O5 FUL H . 7.35 -24.40 11.69
O1 FUL H . 5.35 -25.36 12.39
H1 FUL H . 6.33 -25.95 10.86
H2 FUL H . 7.33 -26.52 13.44
HO2 FUL H . 6.55 -28.39 13.21
H3 FUL H . 8.40 -27.27 10.95
HO3 FUL H . 9.61 -28.59 11.92
H4 FUL H . 10.27 -25.94 11.50
HO4 FUL H . 10.46 -25.59 13.48
H5 FUL H . 8.71 -24.80 10.26
H61 FUL H . 9.13 -22.64 10.80
H62 FUL H . 10.42 -23.48 11.20
H63 FUL H . 9.40 -23.04 12.31
C1 FUL I . -1.67 -38.86 -24.95
C2 FUL I . -2.49 -40.06 -24.48
O2 FUL I . -1.62 -40.97 -23.78
C3 FUL I . -3.62 -39.62 -23.61
O3 FUL I . -4.41 -40.79 -23.26
C4 FUL I . -4.49 -38.61 -24.28
O4 FUL I . -5.14 -39.23 -25.40
C5 FUL I . -3.66 -37.40 -24.75
C6 FUL I . -4.53 -36.44 -25.52
O5 FUL I . -2.52 -37.81 -25.60
O1 FUL I . -0.73 -39.28 -25.84
H1 FUL I . -1.21 -38.47 -24.19
H2 FUL I . -2.86 -40.52 -25.24
HO2 FUL I . -1.65 -41.73 -24.15
H3 FUL I . -3.26 -39.23 -22.79
HO3 FUL I . -4.22 -41.05 -22.47
H4 FUL I . -5.18 -38.29 -23.68
HO4 FUL I . -4.64 -39.16 -26.09
H5 FUL I . -3.32 -36.94 -23.97
H61 FUL I . -4.11 -35.58 -25.54
H62 FUL I . -5.39 -36.38 -25.09
H63 FUL I . -4.64 -36.78 -26.42
ZN ZN J . -27.78 -41.68 -39.29
C1 FUL K . 32.70 43.99 6.87
C2 FUL K . 33.43 44.03 5.54
O2 FUL K . 34.83 44.30 5.79
C3 FUL K . 33.29 42.72 4.85
O3 FUL K . 34.01 42.70 3.58
C4 FUL K . 31.84 42.41 4.57
O4 FUL K . 31.27 43.41 3.72
C5 FUL K . 31.06 42.36 5.89
C6 FUL K . 29.60 42.22 5.61
O5 FUL K . 31.26 43.57 6.72
O1 FUL K . 32.73 45.21 7.46
H1 FUL K . 33.16 43.35 7.45
H2 FUL K . 33.09 44.73 4.97
HO2 FUL K . 34.95 45.14 5.78
H3 FUL K . 33.70 42.04 5.41
HO3 FUL K . 34.37 41.94 3.48
H4 FUL K . 31.78 41.57 4.11
HO4 FUL K . 30.94 44.04 4.18
H5 FUL K . 31.36 41.58 6.38
H61 FUL K . 29.14 41.92 6.41
H62 FUL K . 29.47 41.56 4.90
H63 FUL K . 29.23 43.07 5.33
#